data_6SMT
#
_entry.id   6SMT
#
_cell.length_a   117.007
_cell.length_b   77.023
_cell.length_c   194.485
_cell.angle_alpha   90.000
_cell.angle_beta   90.200
_cell.angle_gamma   90.000
#
_symmetry.space_group_name_H-M   'I 1 2 1'
#
loop_
_entity.id
_entity.type
_entity.pdbx_description
1 polymer '6-phosphogluconate dehydrogenase, NAD-binding'
2 non-polymer 'NADPH DIHYDRO-NICOTINAMIDE-ADENINE-DINUCLEOTIDE PHOSPHATE'
3 non-polymer 'FORMIC ACID'
4 non-polymer 1,2-ETHANEDIOL
5 non-polymer (2S)-2-ethylhexan-1-ol
6 non-polymer GLYCEROL
7 non-polymer DI(HYDROXYETHYL)ETHER
8 water water
#
_entity_poly.entity_id   1
_entity_poly.type   'polypeptide(L)'
_entity_poly.pdbx_seq_one_letter_code
;MHHHHHHTTTPTVTVLGLGPMGQALSRALLDAGHTVTVWNRTESKAQALRDRGALSAPTPAAAIAASDLALVNVVDHDAV
DAILTAAGDAPAGRTVIGLSSDTPDRARRTAKLVGNVGGRYLDGAIMTPIDTIGTRGASILFAGPQALFDEHRGVLDTLG
QLTWVGEDHGRAAAFDMALLDLFWTSVGGFGHALMVARANGIEPSELMPHAHGIVGILSPIFTEVAQRVEDDRHSDASAS
VSSVASSVRHLIAASREAGVDAGLLEAFRGYVDATVAAGHGDDEISRIASEMTTLTRG
;
_entity_poly.pdbx_strand_id   A,B,C,D,E
#
# COMPACT_ATOMS: atom_id res chain seq x y z
N THR A 9 -34.17 38.96 33.75
CA THR A 9 -35.41 38.16 33.67
C THR A 9 -35.48 37.58 32.23
N THR A 10 -35.05 38.35 31.23
CA THR A 10 -35.19 37.94 29.81
C THR A 10 -33.79 37.63 29.29
N PRO A 11 -33.53 36.44 28.74
CA PRO A 11 -32.17 36.13 28.25
C PRO A 11 -31.75 37.04 27.10
N THR A 12 -30.45 37.29 26.99
CA THR A 12 -29.86 38.09 25.91
C THR A 12 -29.08 37.18 25.00
N VAL A 13 -29.26 37.40 23.71
N VAL A 13 -29.29 37.35 23.70
CA VAL A 13 -28.52 36.58 22.72
CA VAL A 13 -28.57 36.58 22.67
C VAL A 13 -28.17 37.50 21.53
C VAL A 13 -28.16 37.54 21.56
N THR A 14 -26.96 37.34 21.02
CA THR A 14 -26.49 38.04 19.83
C THR A 14 -26.34 37.02 18.71
N VAL A 15 -26.70 37.37 17.48
CA VAL A 15 -26.40 36.59 16.31
C VAL A 15 -25.54 37.44 15.41
N LEU A 16 -24.36 36.94 15.06
CA LEU A 16 -23.40 37.57 14.15
C LEU A 16 -23.40 36.72 12.89
N GLY A 17 -23.78 37.31 11.78
CA GLY A 17 -23.93 36.59 10.53
C GLY A 17 -25.37 36.47 10.15
N LEU A 18 -25.81 37.24 9.14
CA LEU A 18 -27.25 37.36 8.76
C LEU A 18 -27.47 36.98 7.31
N GLY A 19 -26.81 35.94 6.87
CA GLY A 19 -27.19 35.20 5.71
C GLY A 19 -28.48 34.46 5.96
N PRO A 20 -28.90 33.58 5.05
CA PRO A 20 -30.17 32.89 5.21
C PRO A 20 -30.33 32.16 6.55
N MET A 21 -29.29 31.44 6.98
CA MET A 21 -29.37 30.70 8.21
C MET A 21 -29.35 31.67 9.40
N GLY A 22 -28.54 32.71 9.42
CA GLY A 22 -28.54 33.64 10.55
C GLY A 22 -29.85 34.38 10.66
N GLN A 23 -30.51 34.70 9.54
CA GLN A 23 -31.88 35.29 9.62
C GLN A 23 -32.80 34.23 10.30
N ALA A 24 -32.75 32.99 9.90
CA ALA A 24 -33.64 31.94 10.44
C ALA A 24 -33.40 31.82 11.95
N LEU A 25 -32.14 31.76 12.39
CA LEU A 25 -31.83 31.66 13.84
C LEU A 25 -32.41 32.87 14.52
N SER A 26 -32.17 34.07 14.02
CA SER A 26 -32.69 35.32 14.63
C SER A 26 -34.22 35.33 14.75
N ARG A 27 -34.88 34.89 13.70
CA ARG A 27 -36.37 34.93 13.79
C ARG A 27 -36.79 33.96 14.87
N ALA A 28 -36.22 32.79 14.99
CA ALA A 28 -36.61 31.82 16.01
C ALA A 28 -36.41 32.38 17.40
N LEU A 29 -35.24 33.05 17.63
CA LEU A 29 -34.94 33.57 18.97
C LEU A 29 -35.90 34.71 19.26
N LEU A 30 -36.21 35.59 18.31
CA LEU A 30 -37.17 36.67 18.50
C LEU A 30 -38.54 36.09 18.81
N ASP A 31 -38.98 35.05 18.13
CA ASP A 31 -40.33 34.50 18.40
C ASP A 31 -40.35 33.92 19.81
N ALA A 32 -39.25 33.40 20.35
CA ALA A 32 -39.16 32.79 21.71
C ALA A 32 -39.17 33.92 22.77
N GLY A 33 -39.04 35.19 22.39
CA GLY A 33 -39.06 36.33 23.30
C GLY A 33 -37.73 36.73 23.90
N HIS A 34 -36.63 36.17 23.36
CA HIS A 34 -35.35 36.66 23.88
C HIS A 34 -35.06 38.06 23.38
N THR A 35 -34.17 38.76 24.05
CA THR A 35 -33.63 40.05 23.63
C THR A 35 -32.51 39.76 22.62
N VAL A 36 -32.76 40.02 21.36
CA VAL A 36 -31.86 39.60 20.27
C VAL A 36 -31.18 40.81 19.69
N THR A 37 -29.86 40.79 19.68
CA THR A 37 -29.01 41.76 19.06
C THR A 37 -28.35 41.12 17.81
N VAL A 38 -28.34 41.84 16.71
CA VAL A 38 -27.82 41.27 15.43
C VAL A 38 -26.72 42.15 14.91
N TRP A 39 -25.81 41.51 14.14
CA TRP A 39 -24.73 42.20 13.42
C TRP A 39 -24.43 41.38 12.17
N ASN A 40 -24.16 42.07 11.09
CA ASN A 40 -23.62 41.50 9.86
C ASN A 40 -22.58 42.41 9.27
N ARG A 41 -21.62 41.83 8.55
CA ARG A 41 -20.59 42.62 7.85
C ARG A 41 -21.25 43.60 6.84
N THR A 42 -22.18 43.11 6.06
CA THR A 42 -23.04 43.95 5.22
C THR A 42 -24.20 44.41 6.08
N GLU A 43 -24.12 45.62 6.58
CA GLU A 43 -24.93 46.07 7.69
C GLU A 43 -26.42 45.99 7.41
N SER A 44 -26.82 46.31 6.18
CA SER A 44 -28.27 46.46 5.92
C SER A 44 -29.02 45.16 5.90
N LYS A 45 -28.34 44.01 5.91
CA LYS A 45 -29.05 42.74 6.11
C LYS A 45 -29.72 42.67 7.46
N ALA A 46 -29.43 43.52 8.40
CA ALA A 46 -30.14 43.53 9.68
C ALA A 46 -31.52 44.20 9.55
N GLN A 47 -31.77 44.93 8.50
CA GLN A 47 -32.99 45.80 8.53
C GLN A 47 -34.24 44.94 8.65
N ALA A 48 -34.36 43.84 7.94
CA ALA A 48 -35.58 43.01 8.04
C ALA A 48 -35.80 42.52 9.51
N LEU A 49 -34.71 42.23 10.20
CA LEU A 49 -34.82 41.75 11.58
C LEU A 49 -35.13 42.90 12.52
N ARG A 50 -34.57 44.08 12.30
CA ARG A 50 -34.92 45.25 13.16
C ARG A 50 -36.41 45.52 13.02
N ASP A 51 -36.95 45.34 11.84
CA ASP A 51 -38.43 45.48 11.70
C ASP A 51 -39.18 44.45 12.57
N ARG A 52 -38.60 43.31 12.88
CA ARG A 52 -39.19 42.18 13.64
C ARG A 52 -38.84 42.36 15.12
N GLY A 53 -38.17 43.40 15.60
CA GLY A 53 -37.83 43.59 17.01
C GLY A 53 -36.40 43.37 17.38
N ALA A 54 -35.55 42.98 16.43
CA ALA A 54 -34.12 42.83 16.83
C ALA A 54 -33.48 44.19 17.07
N LEU A 55 -32.48 44.20 17.93
CA LEU A 55 -31.59 45.37 18.09
C LEU A 55 -30.32 45.18 17.24
N SER A 56 -29.87 46.17 16.52
N SER A 56 -29.84 46.13 16.44
CA SER A 56 -28.57 46.00 15.82
CA SER A 56 -28.56 45.90 15.72
C SER A 56 -27.49 46.64 16.68
C SER A 56 -27.46 46.76 16.35
N ALA A 57 -26.27 46.18 16.44
CA ALA A 57 -25.06 46.78 17.01
C ALA A 57 -24.14 47.05 15.86
N PRO A 58 -23.32 48.08 15.98
CA PRO A 58 -22.57 48.54 14.81
C PRO A 58 -21.29 47.76 14.50
N THR A 59 -20.77 47.06 15.50
CA THR A 59 -19.49 46.35 15.37
C THR A 59 -19.61 45.01 16.08
N PRO A 60 -18.72 44.07 15.74
CA PRO A 60 -18.69 42.82 16.48
C PRO A 60 -18.48 43.01 17.98
N ALA A 61 -17.57 43.91 18.40
CA ALA A 61 -17.36 44.08 19.84
C ALA A 61 -18.67 44.52 20.51
N ALA A 62 -19.34 45.54 19.95
CA ALA A 62 -20.60 46.02 20.53
C ALA A 62 -21.68 44.95 20.54
N ALA A 63 -21.70 44.14 19.48
CA ALA A 63 -22.70 43.09 19.36
C ALA A 63 -22.51 42.03 20.44
N ILE A 64 -21.30 41.55 20.61
CA ILE A 64 -20.99 40.51 21.60
C ILE A 64 -21.16 41.11 22.99
N ALA A 65 -20.73 42.35 23.21
CA ALA A 65 -20.85 42.89 24.58
C ALA A 65 -22.32 43.09 24.99
N ALA A 66 -23.29 43.06 24.06
CA ALA A 66 -24.69 43.28 24.38
C ALA A 66 -25.32 42.07 25.07
N SER A 67 -24.73 40.90 25.01
CA SER A 67 -25.42 39.67 25.42
C SER A 67 -24.58 38.73 26.24
N ASP A 68 -25.24 37.80 26.89
CA ASP A 68 -24.50 36.69 27.60
C ASP A 68 -23.99 35.67 26.61
N LEU A 69 -24.65 35.51 25.47
CA LEU A 69 -24.47 34.42 24.52
C LEU A 69 -24.43 34.99 23.13
N ALA A 70 -23.39 34.65 22.35
CA ALA A 70 -23.24 35.11 20.98
C ALA A 70 -23.13 33.91 20.05
N LEU A 71 -23.98 33.84 19.05
CA LEU A 71 -23.96 32.78 18.05
C LEU A 71 -23.32 33.35 16.79
N VAL A 72 -22.33 32.67 16.23
CA VAL A 72 -21.62 33.15 15.04
C VAL A 72 -21.92 32.19 13.89
N ASN A 73 -22.67 32.70 12.90
CA ASN A 73 -23.23 31.85 11.83
C ASN A 73 -22.83 32.47 10.52
N VAL A 74 -21.65 32.14 10.07
CA VAL A 74 -21.04 32.69 8.85
C VAL A 74 -20.43 31.56 8.03
N VAL A 75 -19.85 31.90 6.89
CA VAL A 75 -19.49 30.84 5.89
C VAL A 75 -18.47 29.88 6.50
N ASP A 76 -17.49 30.32 7.27
CA ASP A 76 -16.44 29.39 7.71
C ASP A 76 -15.70 30.02 8.86
N HIS A 77 -14.73 29.30 9.45
CA HIS A 77 -13.97 29.82 10.62
C HIS A 77 -12.94 30.86 10.26
N ASP A 78 -12.55 31.04 9.00
CA ASP A 78 -11.82 32.29 8.69
C ASP A 78 -12.69 33.54 8.98
N ALA A 79 -13.98 33.43 8.67
CA ALA A 79 -14.92 34.51 8.95
C ALA A 79 -15.17 34.62 10.44
N VAL A 80 -15.40 33.50 11.13
CA VAL A 80 -15.59 33.51 12.59
C VAL A 80 -14.40 34.20 13.24
N ASP A 81 -13.22 33.75 12.88
CA ASP A 81 -12.03 34.24 13.62
C ASP A 81 -11.76 35.74 13.28
N ALA A 82 -12.08 36.14 12.08
CA ALA A 82 -11.98 37.58 11.74
C ALA A 82 -12.94 38.40 12.57
N ILE A 83 -14.15 37.90 12.78
CA ILE A 83 -15.16 38.58 13.62
C ILE A 83 -14.64 38.62 15.05
N LEU A 84 -14.11 37.51 15.56
CA LEU A 84 -13.53 37.50 16.92
C LEU A 84 -12.33 38.45 17.02
N THR A 85 -11.50 38.52 16.04
CA THR A 85 -10.38 39.49 16.07
C THR A 85 -10.95 40.88 16.23
N ALA A 86 -11.94 41.24 15.48
CA ALA A 86 -12.53 42.59 15.55
C ALA A 86 -13.16 42.79 16.92
N ALA A 87 -13.73 41.75 17.56
CA ALA A 87 -14.43 41.87 18.82
C ALA A 87 -13.45 42.10 20.00
N GLY A 88 -12.19 41.79 19.85
CA GLY A 88 -11.23 42.05 20.93
C GLY A 88 -11.60 41.38 22.23
N ASP A 89 -11.66 42.16 23.28
N ASP A 89 -11.66 42.11 23.35
CA ASP A 89 -11.89 41.55 24.59
CA ASP A 89 -11.99 41.55 24.68
C ASP A 89 -13.39 41.42 24.87
C ASP A 89 -13.50 41.55 24.97
N ALA A 90 -14.33 41.77 23.94
CA ALA A 90 -15.75 41.68 24.19
C ALA A 90 -16.23 40.30 24.64
N PRO A 91 -15.66 39.18 24.20
CA PRO A 91 -16.10 37.89 24.69
C PRO A 91 -15.84 37.61 26.18
N ALA A 92 -14.97 38.40 26.82
CA ALA A 92 -14.64 38.08 28.24
C ALA A 92 -15.90 38.03 29.06
N GLY A 93 -16.07 36.98 29.83
CA GLY A 93 -17.24 36.78 30.67
C GLY A 93 -18.52 36.45 29.98
N ARG A 94 -18.42 36.06 28.72
CA ARG A 94 -19.58 35.72 27.85
C ARG A 94 -19.28 34.38 27.20
N THR A 95 -20.30 33.82 26.55
CA THR A 95 -20.21 32.53 25.87
C THR A 95 -20.35 32.77 24.36
N VAL A 96 -19.47 32.25 23.57
CA VAL A 96 -19.54 32.26 22.10
C VAL A 96 -19.90 30.85 21.65
N ILE A 97 -20.84 30.73 20.72
CA ILE A 97 -21.15 29.45 20.09
C ILE A 97 -20.86 29.59 18.63
N GLY A 98 -19.92 28.85 18.11
CA GLY A 98 -19.64 28.77 16.68
C GLY A 98 -20.67 27.92 16.00
N LEU A 99 -21.38 28.43 15.01
CA LEU A 99 -22.33 27.66 14.20
C LEU A 99 -21.94 27.87 12.75
N SER A 100 -20.70 27.77 12.43
CA SER A 100 -20.15 28.03 11.08
C SER A 100 -19.41 26.79 10.65
N SER A 101 -19.84 26.11 9.61
CA SER A 101 -19.31 24.80 9.21
C SER A 101 -17.85 24.84 8.84
N ASP A 102 -17.01 24.10 9.52
CA ASP A 102 -15.59 24.00 9.23
C ASP A 102 -15.02 22.75 9.91
N THR A 103 -13.72 22.57 9.86
CA THR A 103 -13.10 21.30 10.26
C THR A 103 -12.98 21.27 11.78
N PRO A 104 -12.76 20.05 12.35
CA PRO A 104 -12.55 19.90 13.77
C PRO A 104 -11.39 20.74 14.31
N ASP A 105 -10.28 20.85 13.55
CA ASP A 105 -9.12 21.62 14.07
C ASP A 105 -9.49 23.09 14.09
N ARG A 106 -10.37 23.56 13.19
CA ARG A 106 -10.73 24.97 13.31
C ARG A 106 -11.64 25.22 14.50
N ALA A 107 -12.53 24.28 14.82
CA ALA A 107 -13.37 24.44 15.99
C ALA A 107 -12.50 24.50 17.27
N ARG A 108 -11.51 23.63 17.36
CA ARG A 108 -10.61 23.65 18.52
C ARG A 108 -9.81 24.93 18.59
N ARG A 109 -9.30 25.40 17.48
CA ARG A 109 -8.54 26.65 17.51
C ARG A 109 -9.42 27.83 17.91
N THR A 110 -10.65 27.89 17.37
CA THR A 110 -11.57 28.98 17.71
C THR A 110 -11.89 28.89 19.22
N ALA A 111 -12.05 27.72 19.77
CA ALA A 111 -12.25 27.58 21.21
C ALA A 111 -11.13 28.22 21.98
N LYS A 112 -9.91 27.99 21.51
N LYS A 112 -9.85 28.05 21.56
CA LYS A 112 -8.73 28.57 22.13
CA LYS A 112 -8.71 28.71 22.25
C LYS A 112 -8.75 30.08 21.99
C LYS A 112 -8.72 30.22 22.01
N LEU A 113 -9.07 30.65 20.82
CA LEU A 113 -9.13 32.09 20.63
C LEU A 113 -10.10 32.74 21.62
N VAL A 114 -11.25 32.10 21.81
CA VAL A 114 -12.24 32.65 22.74
C VAL A 114 -11.75 32.50 24.18
N GLY A 115 -11.24 31.36 24.55
CA GLY A 115 -10.77 31.16 25.93
C GLY A 115 -9.63 32.08 26.26
N ASN A 116 -8.77 32.41 25.29
CA ASN A 116 -7.59 33.24 25.56
C ASN A 116 -7.97 34.69 25.77
N VAL A 117 -9.22 35.14 25.47
CA VAL A 117 -9.75 36.45 25.81
C VAL A 117 -10.72 36.40 26.98
N GLY A 118 -10.85 35.30 27.63
CA GLY A 118 -11.67 35.13 28.86
C GLY A 118 -13.12 34.74 28.61
N GLY A 119 -13.43 34.28 27.41
CA GLY A 119 -14.75 33.75 27.12
C GLY A 119 -14.79 32.25 27.26
N ARG A 120 -15.98 31.72 27.08
CA ARG A 120 -16.21 30.29 27.01
C ARG A 120 -16.83 29.96 25.65
N TYR A 121 -16.59 28.75 25.19
CA TYR A 121 -16.96 28.39 23.79
C TYR A 121 -17.68 27.06 23.73
N LEU A 122 -18.72 27.02 22.92
CA LEU A 122 -19.25 25.73 22.45
C LEU A 122 -19.18 25.76 20.96
N ASP A 123 -18.98 24.61 20.34
CA ASP A 123 -19.07 24.52 18.87
C ASP A 123 -20.33 23.79 18.48
N GLY A 124 -21.00 24.21 17.45
CA GLY A 124 -22.22 23.55 17.01
C GLY A 124 -22.25 23.36 15.53
N ALA A 125 -23.06 22.44 15.10
CA ALA A 125 -23.23 22.16 13.66
C ALA A 125 -24.72 21.97 13.44
N ILE A 126 -25.26 22.80 12.55
CA ILE A 126 -26.68 22.79 12.19
C ILE A 126 -26.82 21.78 11.04
N MET A 127 -27.68 20.76 11.22
CA MET A 127 -27.69 19.64 10.23
C MET A 127 -28.98 19.64 9.41
N THR A 128 -29.74 20.68 9.45
CA THR A 128 -31.07 20.77 8.78
C THR A 128 -31.20 22.10 8.11
N PRO A 129 -32.05 22.23 7.10
CA PRO A 129 -32.17 23.45 6.34
C PRO A 129 -32.94 24.57 7.05
N ILE A 130 -32.95 25.76 6.44
CA ILE A 130 -33.48 26.95 7.17
C ILE A 130 -34.96 26.80 7.55
N ASP A 131 -35.74 26.11 6.73
N ASP A 131 -35.79 26.15 6.75
CA ASP A 131 -37.22 26.02 6.91
CA ASP A 131 -37.25 26.13 7.02
C ASP A 131 -37.51 25.35 8.26
C ASP A 131 -37.58 25.22 8.22
N THR A 132 -36.59 24.51 8.78
CA THR A 132 -36.77 23.65 9.97
C THR A 132 -36.49 24.42 11.25
N ILE A 133 -35.72 25.53 11.20
CA ILE A 133 -35.21 26.21 12.40
C ILE A 133 -36.40 26.73 13.22
N GLY A 134 -36.32 26.52 14.52
CA GLY A 134 -37.42 26.93 15.42
C GLY A 134 -38.46 25.84 15.47
N THR A 135 -38.19 24.66 15.05
CA THR A 135 -39.18 23.52 15.10
C THR A 135 -38.49 22.27 15.60
N ARG A 136 -39.27 21.28 16.05
N ARG A 136 -39.26 21.23 15.88
CA ARG A 136 -38.77 19.94 16.39
CA ARG A 136 -38.74 19.91 16.32
C ARG A 136 -38.09 19.23 15.19
C ARG A 136 -38.06 19.18 15.16
N GLY A 137 -38.20 19.69 13.95
CA GLY A 137 -37.56 19.11 12.78
C GLY A 137 -36.11 19.51 12.61
N ALA A 138 -35.73 20.53 13.33
CA ALA A 138 -34.29 20.95 13.23
C ALA A 138 -33.38 20.10 14.13
N SER A 139 -32.13 19.91 13.72
CA SER A 139 -31.15 19.13 14.46
C SER A 139 -29.87 19.94 14.54
N ILE A 140 -29.40 20.24 15.74
CA ILE A 140 -28.13 20.99 15.98
C ILE A 140 -27.25 20.17 16.92
N LEU A 141 -26.04 19.90 16.56
CA LEU A 141 -25.09 19.11 17.36
C LEU A 141 -24.13 20.07 18.05
N PHE A 142 -23.77 19.77 19.29
CA PHE A 142 -22.89 20.65 20.08
C PHE A 142 -21.76 19.85 20.68
N ALA A 143 -20.65 20.53 20.88
CA ALA A 143 -19.46 19.95 21.53
C ALA A 143 -18.81 21.00 22.42
N GLY A 144 -18.17 20.50 23.46
CA GLY A 144 -17.50 21.34 24.47
C GLY A 144 -17.97 20.91 25.85
N PRO A 145 -17.74 21.73 26.88
CA PRO A 145 -18.02 21.29 28.25
C PRO A 145 -19.52 21.05 28.45
N GLN A 146 -19.82 19.88 29.04
CA GLN A 146 -21.18 19.50 29.33
C GLN A 146 -21.94 20.58 30.13
N ALA A 147 -21.29 21.07 31.14
CA ALA A 147 -21.93 22.05 32.05
C ALA A 147 -22.26 23.33 31.25
N LEU A 148 -21.38 23.71 30.29
CA LEU A 148 -21.68 24.93 29.51
C LEU A 148 -22.86 24.72 28.56
N PHE A 149 -22.92 23.55 27.91
CA PHE A 149 -24.11 23.21 27.15
C PHE A 149 -25.35 23.27 28.08
N ASP A 150 -25.25 22.68 29.27
CA ASP A 150 -26.45 22.69 30.13
C ASP A 150 -26.85 24.11 30.51
N GLU A 151 -25.88 24.97 30.74
CA GLU A 151 -26.12 26.35 31.11
C GLU A 151 -26.89 27.13 30.05
N HIS A 152 -26.68 26.84 28.76
CA HIS A 152 -27.30 27.64 27.70
C HIS A 152 -28.45 26.90 26.97
N ARG A 153 -28.70 25.67 27.35
CA ARG A 153 -29.75 24.81 26.69
C ARG A 153 -31.08 25.54 26.68
N GLY A 154 -31.44 26.26 27.72
CA GLY A 154 -32.72 26.98 27.79
C GLY A 154 -32.92 27.95 26.66
N VAL A 155 -31.93 28.71 26.24
CA VAL A 155 -32.03 29.63 25.10
C VAL A 155 -31.97 28.84 23.81
N LEU A 156 -31.06 27.90 23.72
CA LEU A 156 -30.77 27.19 22.44
C LEU A 156 -31.95 26.26 22.10
N ASP A 157 -32.68 25.79 23.09
CA ASP A 157 -33.76 24.79 22.82
C ASP A 157 -34.79 25.34 21.87
N THR A 158 -34.93 26.68 21.75
N THR A 158 -35.03 26.63 21.75
CA THR A 158 -35.92 27.36 20.86
CA THR A 158 -36.11 27.05 20.82
C THR A 158 -35.49 27.24 19.38
C THR A 158 -35.66 26.78 19.36
N LEU A 159 -34.33 26.66 19.14
CA LEU A 159 -33.82 26.55 17.75
C LEU A 159 -34.18 25.20 17.15
N GLY A 160 -34.30 24.15 17.92
CA GLY A 160 -34.49 22.81 17.41
C GLY A 160 -34.11 21.73 18.42
N GLN A 161 -34.03 20.49 18.00
CA GLN A 161 -33.57 19.37 18.80
C GLN A 161 -32.08 19.46 18.91
N LEU A 162 -31.56 19.52 20.11
CA LEU A 162 -30.12 19.65 20.35
C LEU A 162 -29.55 18.31 20.76
N THR A 163 -28.39 17.98 20.30
CA THR A 163 -27.64 16.80 20.69
C THR A 163 -26.24 17.24 21.09
N TRP A 164 -25.83 17.06 22.33
CA TRP A 164 -24.45 17.18 22.78
C TRP A 164 -23.71 15.92 22.42
N VAL A 165 -22.58 16.02 21.73
CA VAL A 165 -21.80 14.89 21.24
C VAL A 165 -20.47 14.65 21.88
N GLY A 166 -20.00 15.49 22.80
CA GLY A 166 -18.75 15.21 23.49
C GLY A 166 -18.05 16.46 23.99
N GLU A 167 -17.04 16.21 24.83
CA GLU A 167 -16.25 17.27 25.43
C GLU A 167 -15.30 17.89 24.42
N ASP A 168 -14.77 17.13 23.50
CA ASP A 168 -13.76 17.62 22.54
C ASP A 168 -14.47 18.71 21.73
N HIS A 169 -13.94 19.93 21.74
CA HIS A 169 -14.52 21.05 21.00
C HIS A 169 -14.62 20.74 19.53
N GLY A 170 -13.86 19.83 18.99
CA GLY A 170 -13.95 19.52 17.54
C GLY A 170 -14.96 18.46 17.18
N ARG A 171 -15.64 17.83 18.17
CA ARG A 171 -16.38 16.63 17.88
C ARG A 171 -17.63 16.92 17.09
N ALA A 172 -18.36 18.00 17.32
CA ALA A 172 -19.53 18.33 16.47
C ALA A 172 -19.11 18.50 15.01
N ALA A 173 -17.96 19.16 14.84
CA ALA A 173 -17.43 19.36 13.49
C ALA A 173 -17.08 18.04 12.86
N ALA A 174 -16.60 17.06 13.63
CA ALA A 174 -16.26 15.71 13.08
C ALA A 174 -17.54 15.05 12.59
N PHE A 175 -18.61 15.11 13.37
CA PHE A 175 -19.93 14.62 12.86
C PHE A 175 -20.31 15.38 11.59
N ASP A 176 -20.15 16.70 11.59
CA ASP A 176 -20.55 17.54 10.46
C ASP A 176 -19.77 17.09 9.27
N MET A 177 -18.47 16.83 9.36
CA MET A 177 -17.65 16.41 8.17
C MET A 177 -18.24 15.12 7.58
N ALA A 178 -18.62 14.18 8.42
CA ALA A 178 -19.13 12.89 7.92
C ALA A 178 -20.49 13.09 7.31
N LEU A 179 -21.40 13.79 7.96
CA LEU A 179 -22.78 13.95 7.57
C LEU A 179 -22.90 14.80 6.31
N LEU A 180 -22.09 15.87 6.20
CA LEU A 180 -22.13 16.74 4.99
C LEU A 180 -21.48 15.99 3.83
N ASP A 181 -20.52 15.12 4.05
CA ASP A 181 -19.95 14.27 3.01
C ASP A 181 -21.07 13.44 2.42
N LEU A 182 -21.84 12.77 3.25
CA LEU A 182 -23.00 11.99 2.74
C LEU A 182 -23.94 12.89 2.01
N PHE A 183 -24.32 14.03 2.57
CA PHE A 183 -25.30 14.92 1.99
C PHE A 183 -24.83 15.44 0.62
N TRP A 184 -23.70 16.06 0.53
CA TRP A 184 -23.28 16.74 -0.71
C TRP A 184 -22.97 15.67 -1.76
N THR A 185 -22.43 14.55 -1.42
CA THR A 185 -22.16 13.50 -2.43
C THR A 185 -23.50 13.05 -3.04
N SER A 186 -24.54 12.94 -2.21
N SER A 186 -24.50 12.90 -2.17
CA SER A 186 -25.89 12.56 -2.68
CA SER A 186 -25.86 12.51 -2.61
C SER A 186 -26.47 13.65 -3.60
C SER A 186 -26.43 13.59 -3.54
N VAL A 187 -26.30 14.90 -3.18
CA VAL A 187 -26.72 16.05 -3.99
C VAL A 187 -25.99 16.01 -5.37
N GLY A 188 -24.69 15.75 -5.40
CA GLY A 188 -23.95 15.62 -6.66
C GLY A 188 -24.54 14.48 -7.49
N GLY A 189 -24.87 13.38 -6.88
CA GLY A 189 -25.46 12.30 -7.67
C GLY A 189 -26.82 12.67 -8.20
N PHE A 190 -27.63 13.36 -7.41
CA PHE A 190 -28.95 13.78 -7.87
C PHE A 190 -28.89 14.75 -9.03
N GLY A 191 -28.04 15.78 -8.97
CA GLY A 191 -27.97 16.74 -10.05
C GLY A 191 -27.46 16.06 -11.33
N HIS A 192 -26.50 15.16 -11.19
CA HIS A 192 -26.01 14.38 -12.34
C HIS A 192 -27.15 13.55 -12.93
N ALA A 193 -27.90 12.90 -12.08
CA ALA A 193 -28.98 12.01 -12.54
C ALA A 193 -29.99 12.84 -13.33
N LEU A 194 -30.32 14.03 -12.86
CA LEU A 194 -31.30 14.87 -13.57
C LEU A 194 -30.75 15.24 -14.91
N MET A 195 -29.45 15.48 -15.05
N MET A 195 -29.45 15.58 -14.95
CA MET A 195 -28.87 15.91 -16.36
CA MET A 195 -28.69 15.96 -16.18
C MET A 195 -28.95 14.76 -17.34
C MET A 195 -28.91 14.86 -17.23
N VAL A 196 -28.55 13.60 -16.90
CA VAL A 196 -28.52 12.45 -17.81
C VAL A 196 -29.97 12.09 -18.13
N ALA A 197 -30.89 12.14 -17.20
CA ALA A 197 -32.29 11.80 -17.45
C ALA A 197 -32.84 12.75 -18.50
N ARG A 198 -32.62 14.03 -18.35
CA ARG A 198 -33.16 15.04 -19.29
C ARG A 198 -32.64 14.79 -20.68
N ALA A 199 -31.41 14.35 -20.84
CA ALA A 199 -30.82 14.02 -22.15
C ALA A 199 -31.43 12.76 -22.75
N ASN A 200 -32.09 11.96 -21.94
CA ASN A 200 -32.78 10.73 -22.34
C ASN A 200 -34.32 10.98 -22.36
N GLY A 201 -34.76 12.19 -22.36
CA GLY A 201 -36.20 12.49 -22.54
C GLY A 201 -37.02 12.21 -21.30
N ILE A 202 -36.41 12.34 -20.15
CA ILE A 202 -37.12 12.22 -18.86
C ILE A 202 -36.91 13.54 -18.07
N GLU A 203 -37.95 14.33 -17.98
CA GLU A 203 -37.86 15.64 -17.32
C GLU A 203 -37.88 15.42 -15.81
N PRO A 204 -37.35 16.35 -15.03
CA PRO A 204 -37.25 16.13 -13.58
C PRO A 204 -38.56 15.80 -12.93
N SER A 205 -39.67 16.42 -13.33
CA SER A 205 -40.99 16.09 -12.73
C SER A 205 -41.37 14.62 -12.97
N GLU A 206 -40.97 14.05 -14.07
CA GLU A 206 -41.32 12.65 -14.32
C GLU A 206 -40.38 11.75 -13.50
N LEU A 207 -39.14 12.13 -13.34
CA LEU A 207 -38.24 11.27 -12.54
C LEU A 207 -38.60 11.30 -11.06
N MET A 208 -39.09 12.43 -10.52
CA MET A 208 -39.06 12.67 -9.08
C MET A 208 -39.79 11.62 -8.27
N PRO A 209 -41.00 11.07 -8.63
CA PRO A 209 -41.61 10.04 -7.83
C PRO A 209 -40.69 8.84 -7.63
N HIS A 210 -39.93 8.55 -8.67
CA HIS A 210 -39.02 7.39 -8.58
C HIS A 210 -37.77 7.73 -7.79
N ALA A 211 -37.27 8.99 -7.94
CA ALA A 211 -36.14 9.43 -7.12
C ALA A 211 -36.49 9.44 -5.65
N HIS A 212 -37.73 9.79 -5.28
CA HIS A 212 -38.17 9.65 -3.89
C HIS A 212 -38.16 8.19 -3.43
N GLY A 213 -38.48 7.27 -4.38
CA GLY A 213 -38.38 5.86 -4.05
C GLY A 213 -36.96 5.47 -3.69
N ILE A 214 -35.98 5.97 -4.45
CA ILE A 214 -34.57 5.66 -4.13
C ILE A 214 -34.23 6.22 -2.73
N VAL A 215 -34.62 7.47 -2.46
CA VAL A 215 -34.35 8.00 -1.11
C VAL A 215 -34.94 7.10 -0.05
N GLY A 216 -36.16 6.56 -0.34
CA GLY A 216 -36.83 5.63 0.56
C GLY A 216 -36.13 4.33 0.80
N ILE A 217 -35.25 3.84 -0.05
CA ILE A 217 -34.48 2.60 0.22
C ILE A 217 -33.18 2.88 0.95
N LEU A 218 -32.74 4.12 1.00
CA LEU A 218 -31.38 4.34 1.54
C LEU A 218 -31.28 4.01 3.01
N SER A 219 -32.23 4.38 3.83
CA SER A 219 -32.04 4.17 5.30
C SER A 219 -31.84 2.70 5.62
N PRO A 220 -32.64 1.76 5.10
CA PRO A 220 -32.41 0.37 5.51
C PRO A 220 -31.12 -0.24 4.94
N ILE A 221 -30.72 0.25 3.75
CA ILE A 221 -29.45 -0.19 3.15
C ILE A 221 -28.29 0.33 3.96
N PHE A 222 -28.33 1.62 4.31
CA PHE A 222 -27.26 2.20 5.12
C PHE A 222 -27.16 1.48 6.49
N THR A 223 -28.30 1.18 7.12
CA THR A 223 -28.28 0.48 8.42
C THR A 223 -27.49 -0.81 8.27
N GLU A 224 -27.80 -1.56 7.21
CA GLU A 224 -27.13 -2.87 6.99
C GLU A 224 -25.68 -2.67 6.67
N VAL A 225 -25.32 -1.70 5.83
CA VAL A 225 -23.91 -1.50 5.52
C VAL A 225 -23.14 -1.15 6.79
N ALA A 226 -23.67 -0.25 7.58
CA ALA A 226 -22.97 0.18 8.81
C ALA A 226 -22.75 -1.04 9.72
N GLN A 227 -23.75 -1.89 9.84
CA GLN A 227 -23.62 -3.07 10.75
C GLN A 227 -22.55 -4.00 10.19
N ARG A 228 -22.53 -4.21 8.87
CA ARG A 228 -21.52 -5.07 8.23
C ARG A 228 -20.12 -4.51 8.41
N VAL A 229 -19.95 -3.21 8.28
CA VAL A 229 -18.63 -2.55 8.46
C VAL A 229 -18.22 -2.75 9.94
N GLU A 230 -19.12 -2.56 10.88
CA GLU A 230 -18.74 -2.78 12.31
C GLU A 230 -18.39 -4.23 12.62
N ASP A 231 -19.18 -5.16 12.15
CA ASP A 231 -19.01 -6.63 12.30
C ASP A 231 -17.79 -7.09 11.51
N ASP A 232 -17.28 -6.30 10.56
CA ASP A 232 -16.36 -6.80 9.51
C ASP A 232 -16.92 -8.04 8.82
N ARG A 233 -18.21 -8.01 8.40
CA ARG A 233 -18.92 -9.13 7.85
C ARG A 233 -19.40 -8.74 6.45
N HIS A 234 -18.72 -9.18 5.42
CA HIS A 234 -18.99 -8.78 4.02
C HIS A 234 -19.42 -9.99 3.21
N SER A 235 -19.70 -11.16 3.83
CA SER A 235 -20.08 -12.38 3.14
C SER A 235 -21.60 -12.50 3.01
N ASP A 236 -22.10 -13.57 2.40
CA ASP A 236 -23.54 -13.81 2.25
C ASP A 236 -24.21 -12.58 1.58
N ALA A 237 -23.62 -12.14 0.49
CA ALA A 237 -24.09 -10.91 -0.20
C ALA A 237 -25.52 -11.05 -0.72
N SER A 238 -26.27 -9.96 -0.61
CA SER A 238 -27.56 -9.81 -1.34
CA SER A 238 -27.57 -9.77 -1.31
C SER A 238 -27.31 -9.00 -2.61
N ALA A 239 -26.22 -8.28 -2.69
CA ALA A 239 -25.87 -7.45 -3.88
C ALA A 239 -24.34 -7.35 -3.86
N SER A 240 -23.74 -8.02 -4.85
CA SER A 240 -22.27 -8.24 -4.85
C SER A 240 -21.53 -7.09 -5.48
N VAL A 241 -20.25 -6.98 -5.12
CA VAL A 241 -19.30 -6.03 -5.71
C VAL A 241 -19.15 -6.30 -7.17
N SER A 242 -19.07 -7.57 -7.57
N SER A 242 -19.06 -7.57 -7.64
CA SER A 242 -18.93 -7.91 -9.01
CA SER A 242 -18.94 -7.83 -9.11
C SER A 242 -20.12 -7.35 -9.79
C SER A 242 -20.18 -7.35 -9.86
N SER A 243 -21.34 -7.44 -9.26
CA SER A 243 -22.56 -6.98 -9.94
C SER A 243 -22.44 -5.47 -10.15
N VAL A 244 -22.06 -4.71 -9.12
N VAL A 244 -22.06 -4.75 -9.09
CA VAL A 244 -22.04 -3.25 -9.32
CA VAL A 244 -21.90 -3.30 -9.15
C VAL A 244 -20.83 -2.88 -10.19
C VAL A 244 -20.83 -2.92 -10.17
N ALA A 245 -19.75 -3.70 -10.23
CA ALA A 245 -18.67 -3.40 -11.20
C ALA A 245 -19.22 -3.45 -12.64
N SER A 246 -20.19 -4.30 -12.96
CA SER A 246 -20.83 -4.30 -14.28
C SER A 246 -21.73 -3.05 -14.43
N SER A 247 -22.54 -2.79 -13.41
CA SER A 247 -23.55 -1.74 -13.50
C SER A 247 -22.94 -0.36 -13.63
N VAL A 248 -21.90 -0.09 -12.87
CA VAL A 248 -21.34 1.27 -12.84
C VAL A 248 -20.76 1.58 -14.23
N ARG A 249 -20.29 0.57 -14.96
CA ARG A 249 -19.83 0.84 -16.32
C ARG A 249 -20.95 1.29 -17.22
N HIS A 250 -22.16 0.71 -17.09
CA HIS A 250 -23.27 1.18 -17.83
C HIS A 250 -23.63 2.62 -17.59
N LEU A 251 -23.59 2.99 -16.28
CA LEU A 251 -23.94 4.33 -15.85
C LEU A 251 -22.95 5.35 -16.44
N ILE A 252 -21.69 4.99 -16.42
CA ILE A 252 -20.66 5.87 -17.02
C ILE A 252 -20.83 5.96 -18.52
N ALA A 253 -21.13 4.85 -19.18
CA ALA A 253 -21.39 4.95 -20.63
C ALA A 253 -22.56 5.83 -20.94
N ALA A 254 -23.65 5.76 -20.16
CA ALA A 254 -24.83 6.59 -20.36
C ALA A 254 -24.47 8.08 -20.19
N SER A 255 -23.66 8.38 -19.15
CA SER A 255 -23.18 9.76 -18.92
C SER A 255 -22.40 10.29 -20.12
N ARG A 256 -21.48 9.48 -20.54
CA ARG A 256 -20.63 9.80 -21.72
C ARG A 256 -21.48 10.09 -22.94
N GLU A 257 -22.44 9.22 -23.24
N GLU A 257 -22.42 9.20 -23.24
CA GLU A 257 -23.30 9.42 -24.42
CA GLU A 257 -23.31 9.34 -24.41
C GLU A 257 -24.02 10.77 -24.37
C GLU A 257 -24.06 10.68 -24.37
N ALA A 258 -24.50 11.13 -23.17
CA ALA A 258 -25.27 12.37 -22.97
C ALA A 258 -24.43 13.63 -22.94
N GLY A 259 -23.12 13.47 -22.97
CA GLY A 259 -22.24 14.65 -22.86
C GLY A 259 -22.20 15.23 -21.45
N VAL A 260 -22.23 14.34 -20.49
CA VAL A 260 -22.22 14.75 -19.07
C VAL A 260 -21.00 14.09 -18.42
N ASP A 261 -20.22 14.91 -17.70
CA ASP A 261 -19.02 14.39 -17.02
C ASP A 261 -19.44 13.35 -15.98
N ALA A 262 -18.64 12.30 -15.83
CA ALA A 262 -18.98 11.21 -14.90
C ALA A 262 -17.98 11.11 -13.77
N GLY A 263 -17.41 12.22 -13.29
CA GLY A 263 -16.33 12.06 -12.30
C GLY A 263 -16.72 11.41 -11.01
N LEU A 264 -17.96 11.60 -10.50
CA LEU A 264 -18.29 10.90 -9.26
C LEU A 264 -18.38 9.40 -9.50
N LEU A 265 -19.10 8.98 -10.56
CA LEU A 265 -19.17 7.54 -10.82
C LEU A 265 -17.80 6.94 -11.17
N GLU A 266 -16.94 7.67 -11.86
N GLU A 266 -16.96 7.69 -11.87
CA GLU A 266 -15.58 7.16 -12.17
CA GLU A 266 -15.59 7.22 -12.19
C GLU A 266 -14.77 6.92 -10.89
C GLU A 266 -14.78 6.95 -10.91
N ALA A 267 -14.86 7.85 -9.94
CA ALA A 267 -14.19 7.63 -8.66
C ALA A 267 -14.73 6.41 -7.99
N PHE A 268 -16.07 6.27 -8.02
CA PHE A 268 -16.70 5.08 -7.41
C PHE A 268 -16.22 3.79 -8.07
N ARG A 269 -16.20 3.79 -9.39
N ARG A 269 -16.22 3.80 -9.39
CA ARG A 269 -15.71 2.63 -10.17
CA ARG A 269 -15.73 2.68 -10.22
C ARG A 269 -14.30 2.25 -9.74
C ARG A 269 -14.32 2.27 -9.80
N GLY A 270 -13.47 3.23 -9.53
CA GLY A 270 -12.11 2.90 -9.10
C GLY A 270 -12.10 2.09 -7.83
N TYR A 271 -12.94 2.47 -6.86
CA TYR A 271 -13.00 1.67 -5.60
C TYR A 271 -13.57 0.30 -5.85
N VAL A 272 -14.63 0.19 -6.63
CA VAL A 272 -15.26 -1.09 -6.95
C VAL A 272 -14.24 -2.02 -7.64
N ASP A 273 -13.55 -1.49 -8.63
CA ASP A 273 -12.58 -2.34 -9.39
C ASP A 273 -11.45 -2.77 -8.44
N ALA A 274 -11.02 -1.92 -7.54
CA ALA A 274 -9.92 -2.29 -6.63
C ALA A 274 -10.42 -3.38 -5.71
N THR A 275 -11.71 -3.37 -5.32
CA THR A 275 -12.28 -4.43 -4.47
C THR A 275 -12.33 -5.77 -5.22
N VAL A 276 -12.68 -5.75 -6.49
CA VAL A 276 -12.69 -6.97 -7.32
C VAL A 276 -11.24 -7.47 -7.42
N ALA A 277 -10.32 -6.58 -7.67
CA ALA A 277 -8.87 -7.00 -7.87
C ALA A 277 -8.32 -7.57 -6.58
N ALA A 278 -8.82 -7.16 -5.44
CA ALA A 278 -8.34 -7.62 -4.13
C ALA A 278 -8.94 -9.01 -3.84
N GLY A 279 -9.77 -9.56 -4.71
CA GLY A 279 -10.43 -10.85 -4.51
C GLY A 279 -11.75 -10.84 -3.78
N HIS A 280 -12.43 -9.70 -3.67
CA HIS A 280 -13.71 -9.60 -2.95
C HIS A 280 -14.90 -9.31 -3.87
N GLY A 281 -14.86 -9.71 -5.14
CA GLY A 281 -15.99 -9.55 -6.07
C GLY A 281 -17.24 -10.21 -5.55
N ASP A 282 -17.13 -11.30 -4.81
CA ASP A 282 -18.36 -11.98 -4.34
C ASP A 282 -18.95 -11.31 -3.10
N ASP A 283 -18.27 -10.38 -2.45
CA ASP A 283 -18.70 -9.80 -1.15
C ASP A 283 -19.84 -8.76 -1.40
N GLU A 284 -20.56 -8.50 -0.33
CA GLU A 284 -21.51 -7.38 -0.28
C GLU A 284 -20.77 -6.09 -0.58
N ILE A 285 -21.59 -5.17 -1.10
CA ILE A 285 -21.06 -3.80 -1.43
C ILE A 285 -20.59 -3.02 -0.21
N SER A 286 -20.82 -3.49 1.03
CA SER A 286 -20.23 -2.94 2.25
C SER A 286 -18.68 -2.99 2.28
N ARG A 287 -18.09 -3.87 1.48
CA ARG A 287 -16.62 -4.03 1.35
C ARG A 287 -15.95 -2.89 0.58
N ILE A 288 -16.69 -2.21 -0.32
CA ILE A 288 -16.07 -1.30 -1.33
C ILE A 288 -15.33 -0.20 -0.59
N ALA A 289 -15.92 0.39 0.44
CA ALA A 289 -15.28 1.54 1.09
C ALA A 289 -13.92 1.20 1.69
N SER A 290 -13.61 -0.06 1.97
N SER A 290 -13.60 -0.07 1.93
CA SER A 290 -12.24 -0.40 2.42
CA SER A 290 -12.23 -0.45 2.41
C SER A 290 -11.22 0.17 1.44
C SER A 290 -11.15 -0.09 1.38
N GLU A 291 -11.49 0.10 0.14
CA GLU A 291 -10.53 0.47 -0.94
C GLU A 291 -10.42 1.98 -1.07
N MET A 292 -11.11 2.76 -0.23
CA MET A 292 -11.01 4.23 -0.27
C MET A 292 -9.76 4.66 0.54
N THR A 293 -9.13 3.77 1.29
CA THR A 293 -7.87 4.22 2.00
C THR A 293 -6.73 4.56 1.02
N THR A 294 -5.98 5.64 1.30
CA THR A 294 -4.59 5.96 0.79
C THR A 294 -4.37 7.47 0.94
N THR B 9 -55.68 -22.30 -16.18
CA THR B 9 -55.88 -21.16 -15.25
C THR B 9 -54.50 -20.77 -14.68
N THR B 10 -53.76 -21.69 -14.06
CA THR B 10 -52.71 -21.34 -13.06
C THR B 10 -51.53 -20.79 -13.84
N PRO B 11 -51.12 -19.56 -13.54
CA PRO B 11 -50.03 -19.00 -14.33
C PRO B 11 -48.73 -19.80 -14.26
N THR B 12 -48.02 -19.79 -15.40
CA THR B 12 -46.70 -20.44 -15.50
C THR B 12 -45.68 -19.35 -15.72
N VAL B 13 -44.66 -19.36 -14.87
N VAL B 13 -44.58 -19.43 -14.99
CA VAL B 13 -43.52 -18.41 -14.93
CA VAL B 13 -43.53 -18.41 -15.11
C VAL B 13 -42.21 -19.18 -14.87
C VAL B 13 -42.22 -19.10 -14.84
N THR B 14 -41.26 -18.78 -15.68
CA THR B 14 -39.88 -19.26 -15.61
C THR B 14 -38.98 -18.13 -15.13
N VAL B 15 -38.10 -18.41 -14.19
CA VAL B 15 -37.01 -17.47 -13.80
C VAL B 15 -35.71 -18.07 -14.27
N LEU B 16 -34.95 -17.33 -15.07
CA LEU B 16 -33.59 -17.65 -15.54
C LEU B 16 -32.64 -16.69 -14.81
N GLY B 17 -31.79 -17.24 -13.99
CA GLY B 17 -30.85 -16.52 -13.18
C GLY B 17 -31.24 -16.58 -11.71
N LEU B 18 -30.41 -17.28 -10.91
CA LEU B 18 -30.71 -17.60 -9.50
C LEU B 18 -29.62 -17.04 -8.62
N GLY B 19 -29.09 -15.86 -8.90
CA GLY B 19 -28.41 -15.07 -7.87
C GLY B 19 -29.41 -14.61 -6.83
N PRO B 20 -28.99 -13.72 -5.94
CA PRO B 20 -29.85 -13.32 -4.82
C PRO B 20 -31.17 -12.75 -5.29
N MET B 21 -31.15 -11.93 -6.34
CA MET B 21 -32.43 -11.37 -6.79
C MET B 21 -33.28 -12.42 -7.50
N GLY B 22 -32.67 -13.30 -8.27
CA GLY B 22 -33.47 -14.32 -8.94
C GLY B 22 -34.07 -15.26 -7.94
N GLN B 23 -33.35 -15.56 -6.87
CA GLN B 23 -33.95 -16.38 -5.77
C GLN B 23 -35.13 -15.62 -5.17
N ALA B 24 -35.01 -14.33 -4.89
CA ALA B 24 -36.11 -13.53 -4.30
C ALA B 24 -37.32 -13.50 -5.23
N LEU B 25 -37.10 -13.29 -6.52
CA LEU B 25 -38.22 -13.31 -7.50
C LEU B 25 -38.92 -14.67 -7.42
N SER B 26 -38.13 -15.72 -7.50
CA SER B 26 -38.68 -17.10 -7.52
C SER B 26 -39.45 -17.39 -6.24
N ARG B 27 -38.94 -16.98 -5.09
CA ARG B 27 -39.68 -17.20 -3.82
C ARG B 27 -40.97 -16.42 -3.84
N ALA B 28 -40.99 -15.19 -4.32
CA ALA B 28 -42.23 -14.41 -4.30
C ALA B 28 -43.25 -15.07 -5.23
N LEU B 29 -42.86 -15.54 -6.42
CA LEU B 29 -43.78 -16.13 -7.37
C LEU B 29 -44.28 -17.46 -6.77
N LEU B 30 -43.43 -18.21 -6.10
CA LEU B 30 -43.91 -19.47 -5.47
C LEU B 30 -44.86 -19.14 -4.33
N ASP B 31 -44.56 -18.14 -3.55
CA ASP B 31 -45.42 -17.82 -2.41
C ASP B 31 -46.78 -17.38 -2.91
N ALA B 32 -46.94 -16.85 -4.12
CA ALA B 32 -48.19 -16.36 -4.75
C ALA B 32 -49.00 -17.54 -5.31
N GLY B 33 -48.40 -18.71 -5.34
CA GLY B 33 -49.09 -19.91 -5.93
C GLY B 33 -48.87 -20.16 -7.38
N HIS B 34 -47.92 -19.48 -8.02
CA HIS B 34 -47.66 -19.73 -9.42
C HIS B 34 -46.89 -21.02 -9.60
N THR B 35 -46.94 -21.51 -10.83
CA THR B 35 -46.17 -22.66 -11.26
C THR B 35 -44.84 -22.13 -11.80
N VAL B 36 -43.80 -22.30 -11.00
CA VAL B 36 -42.50 -21.66 -11.25
C VAL B 36 -41.53 -22.69 -11.72
N THR B 37 -40.89 -22.43 -12.85
CA THR B 37 -39.74 -23.21 -13.32
C THR B 37 -38.52 -22.35 -13.18
N VAL B 38 -37.41 -22.93 -12.77
CA VAL B 38 -36.15 -22.16 -12.59
C VAL B 38 -35.04 -22.77 -13.37
N TRP B 39 -34.08 -21.96 -13.78
CA TRP B 39 -32.83 -22.33 -14.48
C TRP B 39 -31.73 -21.42 -14.04
N ASN B 40 -30.52 -21.95 -13.85
CA ASN B 40 -29.31 -21.14 -13.62
C ASN B 40 -28.16 -21.81 -14.34
N ARG B 41 -27.24 -21.00 -14.77
CA ARG B 41 -25.97 -21.52 -15.36
C ARG B 41 -25.37 -22.52 -14.37
N THR B 42 -25.25 -22.16 -13.11
CA THR B 42 -24.81 -23.03 -11.98
C THR B 42 -26.01 -23.74 -11.38
N GLU B 43 -26.22 -25.02 -11.74
CA GLU B 43 -27.49 -25.73 -11.49
C GLU B 43 -27.76 -25.96 -10.00
N SER B 44 -26.75 -26.09 -9.16
CA SER B 44 -26.86 -26.34 -7.69
C SER B 44 -27.68 -25.26 -6.96
N LYS B 45 -27.72 -24.08 -7.53
CA LYS B 45 -28.48 -22.94 -6.94
C LYS B 45 -29.98 -23.16 -7.01
N ALA B 46 -30.49 -24.13 -7.79
CA ALA B 46 -31.93 -24.39 -7.89
C ALA B 46 -32.45 -25.22 -6.71
N GLN B 47 -31.61 -25.89 -5.92
CA GLN B 47 -32.13 -26.93 -4.97
C GLN B 47 -33.06 -26.29 -3.93
N ALA B 48 -32.71 -25.17 -3.33
CA ALA B 48 -33.54 -24.64 -2.24
C ALA B 48 -34.90 -24.22 -2.84
N LEU B 49 -34.96 -23.75 -4.07
CA LEU B 49 -36.25 -23.40 -4.67
C LEU B 49 -37.07 -24.64 -5.03
N ARG B 50 -36.41 -25.71 -5.44
CA ARG B 50 -37.17 -26.98 -5.69
C ARG B 50 -37.86 -27.44 -4.40
N ASP B 51 -37.19 -27.31 -3.27
CA ASP B 51 -37.82 -27.64 -1.97
C ASP B 51 -39.03 -26.78 -1.64
N ARG B 52 -39.04 -25.54 -2.14
N ARG B 52 -39.03 -25.53 -2.13
CA ARG B 52 -40.17 -24.60 -1.92
CA ARG B 52 -40.14 -24.58 -1.92
C ARG B 52 -41.28 -24.84 -2.96
C ARG B 52 -41.26 -24.78 -2.97
N GLY B 53 -41.06 -25.68 -3.94
CA GLY B 53 -42.08 -26.00 -4.95
C GLY B 53 -41.76 -25.69 -6.35
N ALA B 54 -40.57 -25.14 -6.62
CA ALA B 54 -40.18 -24.87 -8.03
C ALA B 54 -39.87 -26.15 -8.77
N LEU B 55 -40.18 -26.14 -10.05
CA LEU B 55 -39.66 -27.10 -11.02
C LEU B 55 -38.34 -26.62 -11.53
N SER B 56 -37.37 -27.48 -11.83
CA SER B 56 -36.16 -26.97 -12.50
C SER B 56 -36.05 -27.59 -13.88
N ALA B 57 -35.39 -26.88 -14.74
CA ALA B 57 -35.23 -27.31 -16.14
C ALA B 57 -33.74 -27.32 -16.40
N PRO B 58 -33.28 -28.26 -17.25
CA PRO B 58 -31.83 -28.36 -17.42
C PRO B 58 -31.16 -27.35 -18.36
N THR B 59 -31.91 -26.74 -19.26
CA THR B 59 -31.35 -25.84 -20.28
C THR B 59 -32.24 -24.60 -20.33
N PRO B 60 -31.72 -23.46 -20.84
CA PRO B 60 -32.60 -22.31 -21.10
C PRO B 60 -33.77 -22.59 -22.04
N ALA B 61 -33.59 -23.39 -23.11
CA ALA B 61 -34.72 -23.72 -24.00
C ALA B 61 -35.81 -24.47 -23.24
N ALA B 62 -35.45 -25.49 -22.47
CA ALA B 62 -36.47 -26.25 -21.72
C ALA B 62 -37.13 -25.39 -20.65
N ALA B 63 -36.36 -24.50 -20.05
CA ALA B 63 -36.92 -23.58 -19.02
C ALA B 63 -37.97 -22.67 -19.67
N ILE B 64 -37.62 -22.00 -20.75
CA ILE B 64 -38.52 -21.04 -21.42
C ILE B 64 -39.74 -21.79 -21.99
N ALA B 65 -39.50 -22.99 -22.55
CA ALA B 65 -40.65 -23.73 -23.13
C ALA B 65 -41.63 -24.19 -22.08
N ALA B 66 -41.29 -24.21 -20.80
CA ALA B 66 -42.17 -24.68 -19.72
C ALA B 66 -43.28 -23.68 -19.40
N SER B 67 -43.13 -22.39 -19.76
CA SER B 67 -43.98 -21.33 -19.25
C SER B 67 -44.45 -20.32 -20.29
N ASP B 68 -45.48 -19.61 -19.95
CA ASP B 68 -45.99 -18.53 -20.83
C ASP B 68 -45.13 -17.27 -20.69
N LEU B 69 -44.40 -17.13 -19.59
CA LEU B 69 -43.67 -15.89 -19.23
C LEU B 69 -42.34 -16.28 -18.68
N ALA B 70 -41.27 -15.70 -19.17
CA ALA B 70 -39.90 -15.95 -18.74
C ALA B 70 -39.25 -14.64 -18.24
N LEU B 71 -38.75 -14.64 -17.02
CA LEU B 71 -38.03 -13.49 -16.45
C LEU B 71 -36.54 -13.79 -16.50
N VAL B 72 -35.71 -12.91 -17.04
CA VAL B 72 -34.26 -13.13 -17.13
C VAL B 72 -33.53 -12.15 -16.20
N ASN B 73 -33.00 -12.66 -15.10
CA ASN B 73 -32.48 -11.83 -13.99
C ASN B 73 -31.02 -12.20 -13.75
N VAL B 74 -30.11 -11.63 -14.52
CA VAL B 74 -28.69 -11.95 -14.49
C VAL B 74 -27.89 -10.65 -14.50
N VAL B 75 -26.58 -10.75 -14.51
CA VAL B 75 -25.73 -9.56 -14.24
C VAL B 75 -25.92 -8.50 -15.29
N ASP B 76 -25.98 -8.82 -16.58
CA ASP B 76 -26.07 -7.81 -17.63
C ASP B 76 -26.67 -8.41 -18.90
N HIS B 77 -26.81 -7.60 -19.97
CA HIS B 77 -27.42 -8.06 -21.23
C HIS B 77 -26.43 -8.92 -22.03
N ASP B 78 -25.13 -8.88 -21.78
CA ASP B 78 -24.30 -9.92 -22.46
C ASP B 78 -24.73 -11.31 -21.95
N ALA B 79 -25.02 -11.44 -20.65
CA ALA B 79 -25.53 -12.71 -20.10
C ALA B 79 -26.91 -12.96 -20.59
N VAL B 80 -27.85 -11.98 -20.56
CA VAL B 80 -29.19 -12.21 -21.10
C VAL B 80 -29.13 -12.77 -22.52
N ASP B 81 -28.34 -12.10 -23.36
CA ASP B 81 -28.36 -12.44 -24.80
C ASP B 81 -27.69 -13.82 -25.00
N ALA B 82 -26.73 -14.17 -24.17
CA ALA B 82 -26.12 -15.53 -24.25
C ALA B 82 -27.19 -16.58 -23.85
N ILE B 83 -28.01 -16.32 -22.83
CA ILE B 83 -29.07 -17.25 -22.42
C ILE B 83 -30.11 -17.34 -23.51
N LEU B 84 -30.56 -16.25 -24.09
CA LEU B 84 -31.60 -16.28 -25.11
C LEU B 84 -31.01 -16.97 -26.37
N THR B 85 -29.74 -16.76 -26.72
CA THR B 85 -29.10 -17.46 -27.87
C THR B 85 -29.20 -18.98 -27.58
N ALA B 86 -28.80 -19.44 -26.40
CA ALA B 86 -28.88 -20.88 -26.00
C ALA B 86 -30.31 -21.37 -26.10
N ALA B 87 -31.34 -20.53 -25.84
CA ALA B 87 -32.76 -20.95 -25.85
C ALA B 87 -33.31 -21.17 -27.25
N GLY B 88 -32.62 -20.66 -28.27
CA GLY B 88 -33.00 -20.81 -29.67
C GLY B 88 -34.44 -20.38 -29.92
N ASP B 89 -35.30 -21.28 -30.43
CA ASP B 89 -36.69 -20.90 -30.81
CA ASP B 89 -36.70 -20.96 -30.83
C ASP B 89 -37.68 -21.08 -29.66
N ALA B 90 -37.20 -21.43 -28.44
CA ALA B 90 -38.09 -21.66 -27.28
C ALA B 90 -38.95 -20.43 -26.98
N PRO B 91 -38.45 -19.18 -27.13
CA PRO B 91 -39.35 -18.08 -26.89
C PRO B 91 -40.53 -17.84 -27.80
N ALA B 92 -40.62 -18.65 -28.91
CA ALA B 92 -41.65 -18.39 -29.92
C ALA B 92 -43.03 -18.43 -29.24
N GLY B 93 -43.87 -17.44 -29.47
CA GLY B 93 -45.23 -17.44 -28.92
C GLY B 93 -45.28 -17.21 -27.41
N ARG B 94 -44.15 -16.87 -26.80
CA ARG B 94 -44.12 -16.64 -25.35
C ARG B 94 -43.64 -15.21 -25.12
N THR B 95 -43.65 -14.80 -23.86
CA THR B 95 -43.19 -13.45 -23.45
C THR B 95 -41.95 -13.58 -22.63
N VAL B 96 -40.92 -12.79 -22.95
CA VAL B 96 -39.66 -12.76 -22.17
C VAL B 96 -39.60 -11.35 -21.57
N ILE B 97 -39.30 -11.26 -20.28
CA ILE B 97 -39.07 -9.95 -19.63
C ILE B 97 -37.64 -9.94 -19.16
N GLY B 98 -36.86 -8.97 -19.64
CA GLY B 98 -35.50 -8.76 -19.17
C GLY B 98 -35.58 -8.00 -17.87
N LEU B 99 -34.94 -8.50 -16.85
CA LEU B 99 -34.84 -7.82 -15.53
C LEU B 99 -33.38 -7.76 -15.17
N SER B 100 -32.50 -7.40 -16.06
CA SER B 100 -31.05 -7.39 -15.88
C SER B 100 -30.53 -6.01 -16.21
N SER B 101 -29.89 -5.31 -15.28
CA SER B 101 -29.60 -3.89 -15.49
C SER B 101 -28.57 -3.64 -16.59
N ASP B 102 -28.87 -2.84 -17.57
CA ASP B 102 -27.97 -2.48 -18.65
C ASP B 102 -28.55 -1.26 -19.37
N THR B 103 -27.87 -0.82 -20.45
CA THR B 103 -28.23 0.46 -21.09
C THR B 103 -29.49 0.34 -21.94
N PRO B 104 -30.13 1.49 -22.22
CA PRO B 104 -31.27 1.49 -23.11
C PRO B 104 -31.03 0.79 -24.45
N ASP B 105 -29.83 1.02 -25.04
CA ASP B 105 -29.64 0.37 -26.33
C ASP B 105 -29.52 -1.13 -26.15
N ARG B 106 -29.02 -1.68 -25.03
CA ARG B 106 -28.98 -3.13 -24.81
C ARG B 106 -30.41 -3.65 -24.64
N ALA B 107 -31.29 -2.93 -23.99
CA ALA B 107 -32.68 -3.39 -23.86
C ALA B 107 -33.35 -3.48 -25.22
N ARG B 108 -33.10 -2.49 -26.08
CA ARG B 108 -33.67 -2.50 -27.47
C ARG B 108 -33.08 -3.64 -28.28
N ARG B 109 -31.81 -3.93 -28.11
CA ARG B 109 -31.16 -5.03 -28.82
C ARG B 109 -31.79 -6.33 -28.41
N THR B 110 -31.94 -6.54 -27.13
CA THR B 110 -32.54 -7.79 -26.65
C THR B 110 -34.00 -7.90 -27.13
N ALA B 111 -34.77 -6.81 -27.17
CA ALA B 111 -36.14 -6.83 -27.69
C ALA B 111 -36.14 -7.40 -29.11
N LYS B 112 -35.17 -6.98 -29.91
CA LYS B 112 -35.14 -7.43 -31.30
C LYS B 112 -34.69 -8.87 -31.35
N LEU B 113 -33.77 -9.32 -30.53
CA LEU B 113 -33.40 -10.75 -30.49
C LEU B 113 -34.60 -11.62 -30.18
N VAL B 114 -35.39 -11.21 -29.20
CA VAL B 114 -36.62 -11.97 -28.87
C VAL B 114 -37.59 -11.93 -30.07
N GLY B 115 -37.87 -10.78 -30.64
CA GLY B 115 -38.83 -10.71 -31.76
C GLY B 115 -38.35 -11.55 -32.94
N ASN B 116 -37.06 -11.71 -33.14
CA ASN B 116 -36.48 -12.48 -34.28
C ASN B 116 -36.90 -13.93 -34.18
N VAL B 117 -37.17 -14.47 -32.99
CA VAL B 117 -37.53 -15.89 -32.81
C VAL B 117 -38.99 -16.02 -32.44
N GLY B 118 -39.77 -14.98 -32.66
CA GLY B 118 -41.23 -14.99 -32.56
C GLY B 118 -41.71 -14.91 -31.14
N GLY B 119 -40.86 -14.38 -30.25
CA GLY B 119 -41.31 -14.02 -28.89
C GLY B 119 -41.73 -12.57 -28.82
N ARG B 120 -42.25 -12.20 -27.65
N ARG B 120 -42.30 -12.15 -27.68
CA ARG B 120 -42.71 -10.84 -27.24
CA ARG B 120 -42.56 -10.71 -27.39
C ARG B 120 -41.72 -10.43 -26.13
C ARG B 120 -41.88 -10.36 -26.07
N TYR B 121 -41.43 -9.13 -26.00
CA TYR B 121 -40.46 -8.70 -24.97
C TYR B 121 -40.98 -7.52 -24.23
N LEU B 122 -40.80 -7.53 -22.92
CA LEU B 122 -40.85 -6.30 -22.10
C LEU B 122 -39.47 -6.14 -21.50
N ASP B 123 -38.99 -4.92 -21.30
CA ASP B 123 -37.78 -4.68 -20.49
C ASP B 123 -38.23 -4.16 -19.14
N GLY B 124 -37.58 -4.61 -18.08
CA GLY B 124 -37.92 -4.14 -16.73
C GLY B 124 -36.69 -3.84 -15.91
N ALA B 125 -36.85 -2.99 -14.93
CA ALA B 125 -35.79 -2.56 -14.03
C ALA B 125 -36.35 -2.61 -12.61
N ILE B 126 -35.73 -3.42 -11.79
CA ILE B 126 -36.07 -3.57 -10.37
C ILE B 126 -35.31 -2.53 -9.56
N MET B 127 -36.03 -1.66 -8.85
CA MET B 127 -35.46 -0.46 -8.22
C MET B 127 -35.37 -0.59 -6.71
N THR B 128 -35.48 -1.78 -6.16
CA THR B 128 -35.48 -1.99 -4.71
C THR B 128 -34.70 -3.27 -4.40
N PRO B 129 -34.28 -3.45 -3.14
CA PRO B 129 -33.41 -4.59 -2.80
C PRO B 129 -34.18 -5.87 -2.52
N ILE B 130 -33.48 -6.98 -2.35
CA ILE B 130 -34.14 -8.30 -2.35
C ILE B 130 -35.18 -8.45 -1.23
N ASP B 131 -34.96 -7.79 -0.11
N ASP B 131 -35.00 -7.81 -0.08
CA ASP B 131 -35.88 -7.97 1.06
CA ASP B 131 -35.97 -8.09 1.03
C ASP B 131 -37.29 -7.47 0.67
C ASP B 131 -37.27 -7.29 0.82
N THR B 132 -37.41 -6.50 -0.24
CA THR B 132 -38.67 -5.83 -0.60
C THR B 132 -39.52 -6.71 -1.52
N ILE B 133 -38.92 -7.62 -2.24
CA ILE B 133 -39.60 -8.32 -3.32
C ILE B 133 -40.77 -9.12 -2.76
N GLY B 134 -41.88 -9.04 -3.42
CA GLY B 134 -43.12 -9.71 -2.94
C GLY B 134 -43.87 -8.84 -1.95
N THR B 135 -43.51 -7.59 -1.77
CA THR B 135 -44.16 -6.60 -0.86
C THR B 135 -44.49 -5.33 -1.62
N ARG B 136 -45.32 -4.48 -1.01
CA ARG B 136 -45.59 -3.16 -1.57
C ARG B 136 -44.41 -2.21 -1.48
N GLY B 137 -43.33 -2.57 -0.82
CA GLY B 137 -42.10 -1.76 -0.81
C GLY B 137 -41.22 -1.97 -2.03
N ALA B 138 -41.55 -2.96 -2.85
CA ALA B 138 -40.77 -3.10 -4.10
C ALA B 138 -41.31 -2.21 -5.16
N SER B 139 -40.43 -1.88 -6.12
CA SER B 139 -40.82 -1.11 -7.31
C SER B 139 -40.10 -1.68 -8.51
N ILE B 140 -40.86 -1.97 -9.58
CA ILE B 140 -40.30 -2.50 -10.84
C ILE B 140 -40.89 -1.63 -11.94
N LEU B 141 -40.01 -1.13 -12.81
CA LEU B 141 -40.39 -0.32 -13.98
C LEU B 141 -40.40 -1.19 -15.22
N PHE B 142 -41.28 -0.91 -16.18
CA PHE B 142 -41.37 -1.74 -17.40
C PHE B 142 -41.55 -0.84 -18.57
N ALA B 143 -41.06 -1.34 -19.71
CA ALA B 143 -41.18 -0.66 -21.01
C ALA B 143 -41.39 -1.68 -22.14
N GLY B 144 -42.15 -1.26 -23.14
CA GLY B 144 -42.53 -2.10 -24.27
C GLY B 144 -44.02 -2.00 -24.51
N PRO B 145 -44.58 -2.89 -25.33
CA PRO B 145 -46.00 -2.69 -25.68
C PRO B 145 -46.92 -2.66 -24.48
N GLN B 146 -47.78 -1.65 -24.39
CA GLN B 146 -48.71 -1.48 -23.25
C GLN B 146 -49.59 -2.67 -23.08
N ALA B 147 -50.09 -3.23 -24.15
CA ALA B 147 -51.01 -4.37 -24.03
C ALA B 147 -50.31 -5.57 -23.48
N LEU B 148 -49.01 -5.73 -23.77
CA LEU B 148 -48.25 -6.90 -23.30
C LEU B 148 -48.00 -6.73 -21.80
N PHE B 149 -47.67 -5.53 -21.33
CA PHE B 149 -47.61 -5.26 -19.90
C PHE B 149 -48.97 -5.62 -19.24
N ASP B 150 -50.05 -5.15 -19.85
CA ASP B 150 -51.37 -5.40 -19.24
C ASP B 150 -51.67 -6.90 -19.19
N GLU B 151 -51.28 -7.66 -20.18
CA GLU B 151 -51.48 -9.13 -20.28
C GLU B 151 -50.85 -9.82 -19.08
N HIS B 152 -49.67 -9.36 -18.61
CA HIS B 152 -48.85 -10.06 -17.61
C HIS B 152 -48.89 -9.37 -16.24
N ARG B 153 -49.56 -8.24 -16.11
CA ARG B 153 -49.55 -7.38 -14.89
C ARG B 153 -50.08 -8.19 -13.73
N GLY B 154 -51.02 -9.11 -13.92
CA GLY B 154 -51.62 -9.87 -12.81
C GLY B 154 -50.61 -10.82 -12.17
N VAL B 155 -49.77 -11.48 -12.92
CA VAL B 155 -48.62 -12.25 -12.39
C VAL B 155 -47.63 -11.27 -11.79
N LEU B 156 -47.27 -10.24 -12.53
CA LEU B 156 -46.13 -9.38 -12.11
C LEU B 156 -46.51 -8.67 -10.80
N ASP B 157 -47.78 -8.31 -10.59
CA ASP B 157 -48.18 -7.53 -9.40
C ASP B 157 -47.83 -8.26 -8.09
N THR B 158 -47.57 -9.58 -8.14
CA THR B 158 -47.17 -10.31 -6.94
C THR B 158 -45.72 -9.91 -6.56
N LEU B 159 -44.97 -9.25 -7.44
CA LEU B 159 -43.55 -8.96 -7.09
C LEU B 159 -43.41 -7.62 -6.39
N GLY B 160 -44.35 -6.71 -6.60
CA GLY B 160 -44.16 -5.34 -6.13
C GLY B 160 -45.06 -4.34 -6.82
N GLN B 161 -44.90 -3.08 -6.54
CA GLN B 161 -45.56 -2.01 -7.26
C GLN B 161 -44.92 -1.85 -8.63
N LEU B 162 -45.76 -1.84 -9.65
CA LEU B 162 -45.30 -1.81 -11.04
C LEU B 162 -45.58 -0.48 -11.69
N THR B 163 -44.65 -0.01 -12.52
CA THR B 163 -44.87 1.21 -13.30
C THR B 163 -44.49 0.95 -14.75
N TRP B 164 -45.44 1.14 -15.68
CA TRP B 164 -45.14 1.10 -17.12
C TRP B 164 -44.76 2.49 -17.53
N VAL B 165 -43.55 2.64 -18.14
CA VAL B 165 -43.02 3.99 -18.45
C VAL B 165 -43.08 4.31 -19.93
N GLY B 166 -43.53 3.43 -20.79
CA GLY B 166 -43.71 3.76 -22.19
C GLY B 166 -43.39 2.65 -23.15
N GLU B 167 -43.67 2.91 -24.43
CA GLU B 167 -43.63 1.92 -25.44
C GLU B 167 -42.19 1.64 -25.90
N ASP B 168 -41.31 2.62 -25.79
CA ASP B 168 -39.91 2.38 -26.23
C ASP B 168 -39.25 1.35 -25.32
N HIS B 169 -38.77 0.24 -25.85
CA HIS B 169 -38.23 -0.85 -25.05
C HIS B 169 -37.02 -0.39 -24.24
N GLY B 170 -36.38 0.74 -24.57
CA GLY B 170 -35.27 1.24 -23.80
C GLY B 170 -35.63 2.10 -22.63
N ARG B 171 -36.90 2.45 -22.46
CA ARG B 171 -37.19 3.56 -21.54
C ARG B 171 -37.08 3.15 -20.08
N ALA B 172 -37.38 1.91 -19.68
CA ALA B 172 -37.16 1.54 -18.28
C ALA B 172 -35.70 1.61 -17.94
N ALA B 173 -34.85 1.19 -18.89
CA ALA B 173 -33.40 1.29 -18.68
C ALA B 173 -32.97 2.73 -18.55
N ALA B 174 -33.60 3.65 -19.27
CA ALA B 174 -33.24 5.05 -19.15
C ALA B 174 -33.55 5.55 -17.75
N PHE B 175 -34.73 5.22 -17.19
CA PHE B 175 -34.93 5.55 -15.79
C PHE B 175 -33.90 4.86 -14.92
N ASP B 176 -33.60 3.59 -15.15
CA ASP B 176 -32.63 2.84 -14.31
C ASP B 176 -31.31 3.60 -14.31
N MET B 177 -30.85 4.04 -15.48
CA MET B 177 -29.53 4.72 -15.52
C MET B 177 -29.55 5.94 -14.61
N ALA B 178 -30.62 6.69 -14.62
CA ALA B 178 -30.72 7.89 -13.75
C ALA B 178 -30.81 7.51 -12.28
N LEU B 179 -31.67 6.58 -11.94
CA LEU B 179 -31.98 6.25 -10.56
C LEU B 179 -30.81 5.50 -9.93
N LEU B 180 -30.13 4.62 -10.65
CA LEU B 180 -28.96 3.95 -10.07
C LEU B 180 -27.81 4.90 -9.92
N ASP B 181 -27.65 5.87 -10.78
CA ASP B 181 -26.67 6.94 -10.64
C ASP B 181 -26.86 7.62 -9.27
N LEU B 182 -28.07 8.05 -9.01
CA LEU B 182 -28.38 8.64 -7.67
C LEU B 182 -28.01 7.66 -6.57
N PHE B 183 -28.50 6.44 -6.69
CA PHE B 183 -28.35 5.44 -5.64
C PHE B 183 -26.88 5.17 -5.34
N TRP B 184 -26.10 4.75 -6.37
CA TRP B 184 -24.71 4.33 -6.10
C TRP B 184 -23.86 5.51 -5.69
N THR B 185 -24.11 6.71 -6.25
CA THR B 185 -23.35 7.88 -5.82
C THR B 185 -23.57 8.08 -4.33
N SER B 186 -24.83 7.96 -3.91
N SER B 186 -24.82 7.96 -3.87
CA SER B 186 -25.19 8.12 -2.48
CA SER B 186 -25.14 8.15 -2.43
C SER B 186 -24.48 7.06 -1.64
C SER B 186 -24.52 7.04 -1.59
N VAL B 187 -24.49 5.80 -2.07
CA VAL B 187 -23.80 4.69 -1.38
C VAL B 187 -22.31 5.01 -1.31
N GLY B 188 -21.70 5.50 -2.36
CA GLY B 188 -20.26 5.92 -2.34
C GLY B 188 -20.04 6.96 -1.28
N GLY B 189 -20.91 7.95 -1.19
CA GLY B 189 -20.84 8.99 -0.15
C GLY B 189 -20.95 8.39 1.22
N PHE B 190 -21.88 7.49 1.40
CA PHE B 190 -22.12 6.88 2.72
C PHE B 190 -20.94 6.07 3.20
N GLY B 191 -20.41 5.21 2.32
CA GLY B 191 -19.25 4.39 2.72
C GLY B 191 -18.04 5.28 3.01
N HIS B 192 -17.83 6.36 2.29
CA HIS B 192 -16.76 7.33 2.53
C HIS B 192 -16.98 7.99 3.89
N ALA B 193 -18.18 8.42 4.14
CA ALA B 193 -18.52 9.08 5.41
C ALA B 193 -18.20 8.17 6.57
N LEU B 194 -18.58 6.90 6.51
CA LEU B 194 -18.26 5.97 7.61
C LEU B 194 -16.76 5.93 7.83
N MET B 195 -15.94 5.91 6.77
CA MET B 195 -14.49 5.76 6.96
C MET B 195 -13.95 7.04 7.61
N VAL B 196 -14.41 8.21 7.21
CA VAL B 196 -13.87 9.48 7.78
C VAL B 196 -14.39 9.58 9.22
N ALA B 197 -15.60 9.21 9.52
CA ALA B 197 -16.14 9.23 10.89
C ALA B 197 -15.29 8.29 11.74
N ARG B 198 -14.97 7.10 11.26
CA ARG B 198 -14.24 6.12 12.10
C ARG B 198 -12.87 6.66 12.45
N ALA B 199 -12.25 7.32 11.49
CA ALA B 199 -10.91 7.90 11.74
C ALA B 199 -11.01 8.98 12.82
N ASN B 200 -12.14 9.64 12.95
CA ASN B 200 -12.41 10.72 13.92
C ASN B 200 -13.02 10.17 15.22
N GLY B 201 -12.98 8.86 15.45
CA GLY B 201 -13.49 8.23 16.69
C GLY B 201 -14.98 8.14 16.79
N ILE B 202 -15.68 8.17 15.64
CA ILE B 202 -17.13 7.97 15.61
C ILE B 202 -17.45 6.67 14.87
N GLU B 203 -17.86 5.63 15.62
CA GLU B 203 -18.17 4.31 15.03
C GLU B 203 -19.47 4.45 14.25
N PRO B 204 -19.73 3.51 13.31
CA PRO B 204 -20.91 3.59 12.48
C PRO B 204 -22.16 3.64 13.32
N SER B 205 -22.23 2.86 14.38
CA SER B 205 -23.45 2.83 15.23
C SER B 205 -23.75 4.20 15.86
N GLU B 206 -22.70 4.98 16.11
CA GLU B 206 -22.90 6.32 16.73
C GLU B 206 -23.30 7.31 15.63
N LEU B 207 -22.81 7.16 14.42
CA LEU B 207 -23.21 8.08 13.34
C LEU B 207 -24.62 7.83 12.84
N MET B 208 -25.08 6.56 12.91
CA MET B 208 -26.26 6.20 12.12
C MET B 208 -27.51 7.01 12.46
N PRO B 209 -27.89 7.33 13.73
CA PRO B 209 -29.09 8.13 13.94
C PRO B 209 -29.04 9.44 13.17
N HIS B 210 -27.84 10.00 13.15
CA HIS B 210 -27.65 11.27 12.44
C HIS B 210 -27.63 11.10 10.93
N ALA B 211 -27.07 9.99 10.43
CA ALA B 211 -27.13 9.71 8.99
C ALA B 211 -28.58 9.52 8.55
N HIS B 212 -29.40 8.83 9.33
CA HIS B 212 -30.84 8.74 9.00
C HIS B 212 -31.50 10.09 8.93
N GLY B 213 -31.07 11.08 9.79
CA GLY B 213 -31.58 12.45 9.68
C GLY B 213 -31.23 13.13 8.37
N ILE B 214 -30.01 12.87 7.89
CA ILE B 214 -29.62 13.41 6.56
C ILE B 214 -30.50 12.76 5.50
N VAL B 215 -30.68 11.43 5.52
CA VAL B 215 -31.58 10.82 4.51
C VAL B 215 -32.95 11.47 4.55
N GLY B 216 -33.38 11.82 5.77
CA GLY B 216 -34.69 12.45 5.96
C GLY B 216 -34.80 13.84 5.40
N ILE B 217 -33.75 14.56 5.11
CA ILE B 217 -33.86 15.90 4.51
C ILE B 217 -33.71 15.84 2.99
N LEU B 218 -33.29 14.70 2.44
CA LEU B 218 -32.99 14.67 0.99
C LEU B 218 -34.24 14.89 0.14
N SER B 219 -35.34 14.25 0.46
CA SER B 219 -36.49 14.35 -0.49
C SER B 219 -36.96 15.77 -0.65
N PRO B 220 -37.17 16.58 0.43
CA PRO B 220 -37.64 17.92 0.12
C PRO B 220 -36.64 18.81 -0.61
N ILE B 221 -35.34 18.55 -0.33
CA ILE B 221 -34.28 19.30 -1.03
C ILE B 221 -34.31 18.91 -2.52
N PHE B 222 -34.38 17.61 -2.82
CA PHE B 222 -34.39 17.12 -4.22
C PHE B 222 -35.64 17.69 -4.94
N THR B 223 -36.79 17.69 -4.28
CA THR B 223 -38.02 18.25 -4.89
C THR B 223 -37.79 19.69 -5.28
N GLU B 224 -37.15 20.47 -4.40
CA GLU B 224 -36.87 21.88 -4.73
C GLU B 224 -35.86 22.02 -5.88
N VAL B 225 -34.80 21.24 -5.84
CA VAL B 225 -33.76 21.34 -6.88
C VAL B 225 -34.40 20.95 -8.22
N ALA B 226 -35.21 19.90 -8.30
CA ALA B 226 -35.90 19.52 -9.55
C ALA B 226 -36.81 20.61 -10.09
N GLN B 227 -37.55 21.28 -9.19
CA GLN B 227 -38.43 22.39 -9.64
C GLN B 227 -37.59 23.54 -10.16
N ARG B 228 -36.52 23.88 -9.47
CA ARG B 228 -35.65 24.98 -9.91
C ARG B 228 -35.00 24.68 -11.24
N VAL B 229 -34.57 23.46 -11.41
CA VAL B 229 -33.99 23.06 -12.71
C VAL B 229 -35.03 23.16 -13.82
N GLU B 230 -36.26 22.73 -13.57
CA GLU B 230 -37.32 22.85 -14.60
C GLU B 230 -37.69 24.27 -14.92
N ASP B 231 -37.72 25.14 -13.91
CA ASP B 231 -38.11 26.56 -13.98
C ASP B 231 -36.93 27.38 -14.46
N ASP B 232 -35.71 26.83 -14.48
CA ASP B 232 -34.50 27.63 -14.69
C ASP B 232 -34.49 28.77 -13.68
N ARG B 233 -34.69 28.48 -12.40
CA ARG B 233 -34.89 29.49 -11.35
C ARG B 233 -33.86 29.16 -10.25
N HIS B 234 -32.72 29.84 -10.24
CA HIS B 234 -31.61 29.56 -9.31
C HIS B 234 -31.39 30.72 -8.35
N SER B 235 -32.25 31.73 -8.36
CA SER B 235 -32.12 32.88 -7.48
C SER B 235 -32.83 32.72 -6.13
N ASP B 236 -32.73 33.73 -5.25
CA ASP B 236 -33.34 33.70 -3.90
C ASP B 236 -32.92 32.40 -3.19
N ALA B 237 -31.60 32.21 -3.12
CA ALA B 237 -31.02 31.00 -2.52
C ALA B 237 -31.21 30.95 -1.02
N SER B 238 -31.53 29.81 -0.50
N SER B 238 -31.58 29.79 -0.52
CA SER B 238 -31.41 29.58 0.97
CA SER B 238 -31.50 29.42 0.92
C SER B 238 -30.08 28.88 1.27
C SER B 238 -30.05 29.03 1.22
N ALA B 239 -29.40 28.34 0.29
CA ALA B 239 -28.05 27.75 0.49
C ALA B 239 -27.28 28.00 -0.83
N SER B 240 -26.29 28.84 -0.75
CA SER B 240 -25.62 29.34 -1.97
C SER B 240 -24.48 28.42 -2.41
N VAL B 241 -24.19 28.49 -3.72
CA VAL B 241 -23.00 27.84 -4.28
C VAL B 241 -21.71 28.28 -3.63
N SER B 242 -21.54 29.58 -3.36
N SER B 242 -21.56 29.59 -3.35
CA SER B 242 -20.30 30.07 -2.70
CA SER B 242 -20.35 30.12 -2.69
C SER B 242 -20.15 29.44 -1.30
C SER B 242 -20.18 29.44 -1.32
N SER B 243 -21.28 29.21 -0.61
CA SER B 243 -21.17 28.56 0.70
C SER B 243 -20.64 27.14 0.56
N VAL B 244 -21.21 26.36 -0.38
CA VAL B 244 -20.72 24.97 -0.54
C VAL B 244 -19.32 24.96 -1.10
N ALA B 245 -18.95 25.99 -1.86
CA ALA B 245 -17.54 26.02 -2.32
C ALA B 245 -16.57 26.02 -1.15
N SER B 246 -16.92 26.72 -0.06
CA SER B 246 -16.12 26.70 1.14
C SER B 246 -16.25 25.36 1.85
N SER B 247 -17.49 24.88 1.98
CA SER B 247 -17.72 23.63 2.72
C SER B 247 -17.00 22.43 2.13
N VAL B 248 -17.10 22.27 0.81
N VAL B 248 -17.11 22.28 0.82
CA VAL B 248 -16.52 21.08 0.18
CA VAL B 248 -16.56 21.12 0.10
C VAL B 248 -15.00 21.03 0.38
C VAL B 248 -15.03 21.05 0.31
N ARG B 249 -14.35 22.20 0.45
CA ARG B 249 -12.90 22.18 0.78
C ARG B 249 -12.60 21.58 2.13
N HIS B 250 -13.47 21.90 3.13
CA HIS B 250 -13.34 21.31 4.47
C HIS B 250 -13.46 19.80 4.46
N LEU B 251 -14.49 19.32 3.70
CA LEU B 251 -14.75 17.90 3.56
C LEU B 251 -13.54 17.18 2.97
N ILE B 252 -13.00 17.76 1.88
CA ILE B 252 -11.79 17.15 1.26
C ILE B 252 -10.55 17.16 2.20
N ALA B 253 -10.38 18.19 2.89
CA ALA B 253 -9.29 18.27 3.92
C ALA B 253 -9.50 17.21 4.99
N ALA B 254 -10.73 17.06 5.49
CA ALA B 254 -10.98 16.02 6.51
C ALA B 254 -10.75 14.64 5.98
N SER B 255 -11.08 14.35 4.70
CA SER B 255 -10.87 13.03 4.11
C SER B 255 -9.36 12.76 4.12
N ARG B 256 -8.59 13.70 3.63
N ARG B 256 -8.61 13.74 3.63
CA ARG B 256 -7.12 13.44 3.46
CA ARG B 256 -7.11 13.66 3.48
C ARG B 256 -6.47 13.30 4.84
C ARG B 256 -6.53 13.29 4.83
N GLU B 257 -6.94 14.03 5.83
CA GLU B 257 -6.41 13.90 7.20
C GLU B 257 -6.72 12.52 7.75
N ALA B 258 -7.86 11.94 7.38
CA ALA B 258 -8.28 10.59 7.82
C ALA B 258 -7.62 9.47 7.02
N GLY B 259 -6.85 9.76 6.00
CA GLY B 259 -6.20 8.76 5.17
C GLY B 259 -7.20 8.14 4.20
N VAL B 260 -8.19 8.95 3.77
CA VAL B 260 -9.21 8.42 2.84
C VAL B 260 -9.23 9.23 1.53
N ASP B 261 -9.24 8.54 0.41
CA ASP B 261 -9.32 9.18 -0.90
C ASP B 261 -10.59 10.06 -0.98
N ALA B 262 -10.51 11.21 -1.58
CA ALA B 262 -11.67 12.14 -1.67
C ALA B 262 -12.11 12.30 -3.12
N GLY B 263 -11.99 11.27 -3.95
CA GLY B 263 -12.36 11.37 -5.35
C GLY B 263 -13.77 11.89 -5.64
N LEU B 264 -14.79 11.43 -4.88
CA LEU B 264 -16.13 11.88 -5.22
C LEU B 264 -16.27 13.36 -4.90
N LEU B 265 -15.83 13.79 -3.71
CA LEU B 265 -15.93 15.20 -3.35
C LEU B 265 -15.05 16.08 -4.22
N GLU B 266 -13.89 15.57 -4.67
N GLU B 266 -13.88 15.61 -4.69
CA GLU B 266 -13.01 16.34 -5.57
CA GLU B 266 -13.07 16.45 -5.62
C GLU B 266 -13.74 16.63 -6.87
C GLU B 266 -13.83 16.68 -6.91
N ALA B 267 -14.45 15.63 -7.42
CA ALA B 267 -15.20 15.79 -8.65
C ALA B 267 -16.32 16.81 -8.45
N PHE B 268 -17.00 16.73 -7.29
CA PHE B 268 -18.05 17.71 -7.00
C PHE B 268 -17.49 19.13 -6.88
N ARG B 269 -16.39 19.27 -6.20
N ARG B 269 -16.37 19.25 -6.17
CA ARG B 269 -15.74 20.58 -6.09
CA ARG B 269 -15.58 20.51 -6.00
C ARG B 269 -15.50 21.18 -7.47
C ARG B 269 -15.35 21.16 -7.36
N GLY B 270 -15.00 20.36 -8.39
CA GLY B 270 -14.77 20.97 -9.71
C GLY B 270 -15.98 21.58 -10.31
N TYR B 271 -17.18 21.00 -10.13
CA TYR B 271 -18.41 21.58 -10.63
C TYR B 271 -18.76 22.85 -9.85
N VAL B 272 -18.67 22.78 -8.53
CA VAL B 272 -18.94 23.95 -7.67
C VAL B 272 -18.04 25.13 -8.05
N ASP B 273 -16.77 24.87 -8.19
CA ASP B 273 -15.84 25.95 -8.52
C ASP B 273 -16.15 26.50 -9.92
N ALA B 274 -16.46 25.66 -10.88
CA ALA B 274 -16.83 26.16 -12.20
C ALA B 274 -18.06 27.03 -12.14
N THR B 275 -19.04 26.70 -11.25
CA THR B 275 -20.23 27.49 -11.12
C THR B 275 -19.92 28.88 -10.53
N VAL B 276 -19.05 28.94 -9.55
CA VAL B 276 -18.56 30.22 -8.98
C VAL B 276 -17.90 31.00 -10.13
N ALA B 277 -17.02 30.33 -10.85
CA ALA B 277 -16.23 31.04 -11.90
C ALA B 277 -17.16 31.57 -12.98
N ALA B 278 -18.31 30.97 -13.23
CA ALA B 278 -19.31 31.37 -14.21
C ALA B 278 -20.13 32.56 -13.70
N GLY B 279 -19.90 33.00 -12.49
CA GLY B 279 -20.54 34.16 -11.84
C GLY B 279 -21.82 33.84 -11.09
N HIS B 280 -22.00 32.58 -10.72
CA HIS B 280 -23.23 32.08 -10.11
C HIS B 280 -22.98 31.71 -8.64
N GLY B 281 -21.99 32.27 -7.95
CA GLY B 281 -21.78 31.96 -6.53
C GLY B 281 -22.97 32.29 -5.67
N ASP B 282 -23.79 33.29 -5.97
CA ASP B 282 -24.91 33.63 -5.10
C ASP B 282 -26.10 32.75 -5.37
N ASP B 283 -26.10 31.92 -6.41
CA ASP B 283 -27.28 31.14 -6.75
C ASP B 283 -27.43 29.91 -5.82
N GLU B 284 -28.65 29.38 -5.82
CA GLU B 284 -28.93 28.10 -5.14
C GLU B 284 -28.07 26.99 -5.74
N ILE B 285 -27.86 25.94 -4.94
CA ILE B 285 -27.07 24.78 -5.34
C ILE B 285 -27.69 24.02 -6.48
N SER B 286 -28.94 24.27 -6.90
CA SER B 286 -29.57 23.77 -8.11
C SER B 286 -28.82 24.13 -9.40
N ARG B 287 -28.01 25.18 -9.37
CA ARG B 287 -27.24 25.60 -10.55
C ARG B 287 -26.06 24.70 -10.79
N ILE B 288 -25.52 24.01 -9.79
CA ILE B 288 -24.18 23.37 -9.89
C ILE B 288 -24.15 22.38 -11.06
N ALA B 289 -25.15 21.54 -11.17
CA ALA B 289 -25.11 20.42 -12.12
C ALA B 289 -24.98 20.94 -13.56
N SER B 290 -25.33 22.20 -13.87
N SER B 290 -25.40 22.17 -13.87
CA SER B 290 -25.13 22.78 -15.22
CA SER B 290 -25.14 22.67 -15.23
C SER B 290 -23.66 22.71 -15.66
C SER B 290 -23.68 22.47 -15.62
N GLU B 291 -22.73 22.74 -14.74
CA GLU B 291 -21.29 22.68 -14.99
C GLU B 291 -20.80 21.25 -15.19
N MET B 292 -21.67 20.26 -15.15
CA MET B 292 -21.29 18.87 -15.43
C MET B 292 -21.28 18.65 -16.94
N THR B 293 -21.83 19.53 -17.74
CA THR B 293 -21.80 19.31 -19.22
C THR B 293 -20.36 19.20 -19.69
N THR B 294 -20.13 18.37 -20.70
CA THR B 294 -18.86 18.38 -21.50
C THR B 294 -19.12 18.89 -22.92
N LEU B 295 -20.27 19.49 -23.17
CA LEU B 295 -20.66 20.04 -24.51
C LEU B 295 -20.18 21.47 -24.63
N THR B 296 -19.89 21.86 -25.88
CA THR B 296 -19.53 23.29 -26.13
C THR B 296 -20.78 24.14 -25.88
N ARG B 297 -20.64 25.18 -25.03
CA ARG B 297 -21.69 26.19 -24.72
C ARG B 297 -21.66 27.28 -25.79
N THR C 10 14.56 -31.81 44.06
CA THR C 10 15.16 -30.44 43.75
C THR C 10 15.79 -30.51 42.36
N PRO C 11 15.39 -29.65 41.42
CA PRO C 11 15.91 -29.74 40.06
C PRO C 11 17.42 -29.48 39.97
N THR C 12 18.06 -30.29 39.12
CA THR C 12 19.53 -30.26 38.93
C THR C 12 19.91 -29.54 37.62
N VAL C 13 20.89 -28.65 37.71
CA VAL C 13 21.30 -27.86 36.50
C VAL C 13 22.79 -27.73 36.59
N THR C 14 23.47 -27.92 35.46
CA THR C 14 24.91 -27.64 35.37
C THR C 14 25.12 -26.42 34.48
N VAL C 15 25.99 -25.51 34.94
CA VAL C 15 26.42 -24.39 34.08
C VAL C 15 27.88 -24.61 33.73
N LEU C 16 28.18 -24.61 32.42
CA LEU C 16 29.57 -24.76 31.93
C LEU C 16 29.94 -23.43 31.30
N GLY C 17 30.93 -22.75 31.84
CA GLY C 17 31.31 -21.39 31.45
C GLY C 17 31.00 -20.40 32.52
N LEU C 18 32.04 -19.82 33.10
CA LEU C 18 31.88 -18.96 34.28
C LEU C 18 32.53 -17.59 34.04
N GLY C 19 32.36 -17.10 32.81
CA GLY C 19 32.52 -15.70 32.51
C GLY C 19 31.41 -14.93 33.23
N PRO C 20 31.29 -13.63 33.00
CA PRO C 20 30.29 -12.86 33.74
C PRO C 20 28.87 -13.35 33.53
N MET C 21 28.49 -13.75 32.32
CA MET C 21 27.14 -14.24 32.13
C MET C 21 26.93 -15.61 32.77
N GLY C 22 27.89 -16.51 32.69
CA GLY C 22 27.75 -17.81 33.32
C GLY C 22 27.63 -17.70 34.84
N GLN C 23 28.35 -16.78 35.41
CA GLN C 23 28.22 -16.51 36.86
C GLN C 23 26.81 -16.02 37.06
N ALA C 24 26.30 -15.08 36.30
CA ALA C 24 24.94 -14.54 36.53
C ALA C 24 23.92 -15.67 36.42
N LEU C 25 24.03 -16.54 35.41
CA LEU C 25 23.08 -17.66 35.26
C LEU C 25 23.14 -18.53 36.53
N SER C 26 24.31 -18.87 36.97
CA SER C 26 24.57 -19.74 38.15
C SER C 26 23.95 -19.10 39.40
N ARG C 27 24.19 -17.81 39.59
CA ARG C 27 23.63 -17.13 40.81
C ARG C 27 22.12 -17.22 40.72
N ALA C 28 21.51 -16.92 39.59
CA ALA C 28 20.06 -16.90 39.47
C ALA C 28 19.54 -18.29 39.82
N LEU C 29 20.11 -19.34 39.31
CA LEU C 29 19.67 -20.72 39.54
C LEU C 29 19.85 -21.05 41.03
N LEU C 30 20.96 -20.67 41.65
CA LEU C 30 21.17 -20.95 43.11
C LEU C 30 20.16 -20.16 43.88
N ASP C 31 19.91 -18.92 43.52
CA ASP C 31 18.96 -18.02 44.25
C ASP C 31 17.54 -18.58 44.24
N ALA C 32 17.20 -19.48 43.35
CA ALA C 32 15.83 -20.01 43.20
C ALA C 32 15.84 -21.47 43.68
N GLY C 33 16.88 -21.95 44.34
CA GLY C 33 16.84 -23.23 45.07
C GLY C 33 17.19 -24.46 44.24
N HIS C 34 17.81 -24.26 43.06
CA HIS C 34 18.23 -25.40 42.28
C HIS C 34 19.52 -25.96 42.81
N THR C 35 19.79 -27.24 42.58
CA THR C 35 21.07 -27.86 42.84
C THR C 35 21.95 -27.59 41.61
N VAL C 36 22.93 -26.74 41.78
CA VAL C 36 23.73 -26.21 40.63
C VAL C 36 25.11 -26.76 40.71
N THR C 37 25.57 -27.39 39.63
CA THR C 37 26.96 -27.80 39.46
C THR C 37 27.59 -26.83 38.46
N VAL C 38 28.77 -26.34 38.76
CA VAL C 38 29.46 -25.43 37.81
C VAL C 38 30.77 -26.02 37.35
N TRP C 39 31.21 -25.57 36.16
CA TRP C 39 32.49 -25.96 35.59
C TRP C 39 32.98 -24.80 34.77
N ASN C 40 34.27 -24.59 34.83
CA ASN C 40 34.93 -23.63 33.92
C ASN C 40 36.29 -24.21 33.57
N ARG C 41 36.75 -23.92 32.38
CA ARG C 41 38.14 -24.27 31.96
C ARG C 41 39.16 -23.73 32.95
N THR C 42 39.05 -22.49 33.37
CA THR C 42 39.90 -21.88 34.43
C THR C 42 39.18 -22.13 35.73
N GLU C 43 39.64 -23.07 36.56
N GLU C 43 39.70 -23.14 36.41
CA GLU C 43 38.86 -23.55 37.74
CA GLU C 43 38.99 -23.75 37.55
C GLU C 43 38.79 -22.51 38.85
C GLU C 43 38.76 -22.73 38.64
N SER C 44 39.80 -21.65 38.97
N SER C 44 39.70 -21.78 38.90
CA SER C 44 39.76 -20.65 40.05
CA SER C 44 39.65 -20.85 40.07
C SER C 44 38.49 -19.81 39.98
C SER C 44 38.55 -19.78 39.96
N LYS C 45 38.00 -19.56 38.76
CA LYS C 45 36.83 -18.68 38.61
C LYS C 45 35.55 -19.29 39.20
N ALA C 46 35.56 -20.59 39.53
CA ALA C 46 34.37 -21.20 40.19
C ALA C 46 34.39 -21.00 41.68
N GLN C 47 35.47 -20.48 42.25
CA GLN C 47 35.56 -20.54 43.75
C GLN C 47 34.48 -19.72 44.39
N ALA C 48 34.15 -18.55 43.89
CA ALA C 48 33.17 -17.70 44.55
C ALA C 48 31.81 -18.45 44.56
N LEU C 49 31.42 -19.07 43.47
CA LEU C 49 30.11 -19.80 43.41
C LEU C 49 30.15 -21.01 44.35
N ARG C 50 31.25 -21.71 44.41
CA ARG C 50 31.42 -22.89 45.31
C ARG C 50 31.25 -22.40 46.74
N ASP C 51 31.72 -21.19 47.06
CA ASP C 51 31.65 -20.68 48.46
C ASP C 51 30.20 -20.35 48.80
N ARG C 52 29.27 -20.27 47.85
CA ARG C 52 27.86 -19.97 48.14
C ARG C 52 26.91 -21.06 47.65
N GLY C 53 27.39 -22.27 47.63
CA GLY C 53 26.54 -23.47 47.53
C GLY C 53 26.62 -24.20 46.20
N ALA C 54 27.34 -23.69 45.21
CA ALA C 54 27.43 -24.49 43.98
C ALA C 54 28.31 -25.68 44.22
N LEU C 55 28.00 -26.78 43.53
CA LEU C 55 28.82 -27.99 43.48
C LEU C 55 29.86 -27.85 42.36
N SER C 56 30.93 -28.57 42.46
CA SER C 56 32.06 -28.45 41.50
C SER C 56 32.16 -29.78 40.79
N ALA C 57 32.62 -29.76 39.53
CA ALA C 57 33.00 -30.99 38.85
C ALA C 57 34.36 -30.73 38.22
N PRO C 58 35.21 -31.76 38.20
CA PRO C 58 36.57 -31.62 37.72
C PRO C 58 36.66 -31.53 36.19
N THR C 59 35.68 -32.04 35.47
CA THR C 59 35.76 -32.18 34.01
C THR C 59 34.40 -31.85 33.42
N PRO C 60 34.30 -31.49 32.12
CA PRO C 60 33.03 -31.30 31.49
C PRO C 60 32.13 -32.55 31.54
N ALA C 61 32.75 -33.72 31.40
CA ALA C 61 31.94 -34.95 31.46
C ALA C 61 31.29 -35.11 32.85
N ALA C 62 32.09 -35.00 33.91
CA ALA C 62 31.54 -35.09 35.28
C ALA C 62 30.46 -34.05 35.55
N ALA C 63 30.69 -32.81 35.04
CA ALA C 63 29.75 -31.70 35.25
C ALA C 63 28.43 -32.05 34.59
N ILE C 64 28.45 -32.43 33.33
CA ILE C 64 27.19 -32.71 32.62
C ILE C 64 26.51 -33.97 33.25
N ALA C 65 27.30 -34.96 33.60
CA ALA C 65 26.69 -36.17 34.22
C ALA C 65 26.03 -35.89 35.55
N ALA C 66 26.29 -34.76 36.21
CA ALA C 66 25.74 -34.43 37.52
C ALA C 66 24.29 -33.97 37.41
N SER C 67 23.79 -33.56 36.25
CA SER C 67 22.51 -32.85 36.19
C SER C 67 21.58 -33.35 35.08
N ASP C 68 20.32 -32.97 35.15
CA ASP C 68 19.36 -33.28 34.10
C ASP C 68 19.53 -32.28 32.93
N LEU C 69 19.99 -31.06 33.23
CA LEU C 69 19.96 -29.94 32.27
C LEU C 69 21.35 -29.28 32.35
N ALA C 70 22.02 -29.12 31.21
CA ALA C 70 23.33 -28.45 31.16
C ALA C 70 23.20 -27.20 30.29
N LEU C 71 23.67 -26.08 30.79
CA LEU C 71 23.67 -24.81 30.05
C LEU C 71 25.11 -24.50 29.71
N VAL C 72 25.39 -24.24 28.43
CA VAL C 72 26.80 -24.05 28.01
C VAL C 72 26.90 -22.57 27.59
N ASN C 73 27.56 -21.76 28.38
CA ASN C 73 27.59 -20.28 28.22
C ASN C 73 29.02 -19.84 28.12
N VAL C 74 29.56 -19.88 26.92
CA VAL C 74 30.97 -19.53 26.61
C VAL C 74 31.04 -18.64 25.40
N VAL C 75 32.23 -18.31 24.98
CA VAL C 75 32.37 -17.21 24.00
C VAL C 75 31.67 -17.55 22.69
N ASP C 76 31.84 -18.74 22.14
CA ASP C 76 31.30 -19.09 20.82
C ASP C 76 31.13 -20.59 20.73
N HIS C 77 30.66 -21.06 19.56
CA HIS C 77 30.46 -22.52 19.43
C HIS C 77 31.76 -23.26 19.17
N ASP C 78 32.86 -22.67 18.81
CA ASP C 78 34.11 -23.45 18.90
C ASP C 78 34.38 -23.88 20.34
N ALA C 79 34.10 -23.01 21.31
CA ALA C 79 34.25 -23.39 22.72
C ALA C 79 33.17 -24.36 23.13
N VAL C 80 31.93 -24.17 22.70
CA VAL C 80 30.85 -25.14 23.07
C VAL C 80 31.25 -26.50 22.55
N ASP C 81 31.67 -26.56 21.32
CA ASP C 81 31.92 -27.88 20.69
C ASP C 81 33.15 -28.51 21.32
N ALA C 82 34.13 -27.73 21.72
CA ALA C 82 35.31 -28.29 22.42
C ALA C 82 34.89 -28.88 23.76
N ILE C 83 34.04 -28.21 24.50
CA ILE C 83 33.49 -28.73 25.76
C ILE C 83 32.70 -30.00 25.48
N LEU C 84 31.85 -30.04 24.47
CA LEU C 84 31.12 -31.28 24.12
C LEU C 84 32.09 -32.38 23.76
N THR C 85 33.14 -32.11 23.01
CA THR C 85 34.12 -33.18 22.65
C THR C 85 34.65 -33.77 23.96
N ALA C 86 35.03 -32.93 24.87
CA ALA C 86 35.66 -33.36 26.16
C ALA C 86 34.62 -34.12 26.91
N ALA C 87 33.36 -33.76 26.88
CA ALA C 87 32.29 -34.41 27.68
C ALA C 87 32.01 -35.87 27.20
N GLY C 88 32.39 -36.20 25.97
CA GLY C 88 32.11 -37.53 25.39
C GLY C 88 30.67 -37.92 25.49
N ASP C 89 30.39 -39.09 26.10
CA ASP C 89 29.00 -39.61 26.13
CA ASP C 89 29.04 -39.67 26.21
C ASP C 89 28.22 -39.08 27.35
N ALA C 90 28.75 -38.12 28.09
CA ALA C 90 28.05 -37.62 29.29
C ALA C 90 26.69 -37.07 28.94
N PRO C 91 26.45 -36.37 27.78
CA PRO C 91 25.11 -35.84 27.54
C PRO C 91 24.00 -36.85 27.27
N ALA C 92 24.36 -38.13 27.16
CA ALA C 92 23.35 -39.16 26.83
C ALA C 92 22.20 -39.12 27.83
N GLY C 93 21.00 -39.05 27.30
CA GLY C 93 19.74 -38.96 28.04
C GLY C 93 19.58 -37.72 28.87
N ARG C 94 20.38 -36.68 28.57
CA ARG C 94 20.26 -35.37 29.26
C ARG C 94 19.96 -34.31 28.21
N THR C 95 19.61 -33.12 28.67
CA THR C 95 19.32 -31.98 27.82
C THR C 95 20.50 -31.01 27.93
N VAL C 96 21.02 -30.60 26.78
CA VAL C 96 22.04 -29.51 26.72
C VAL C 96 21.34 -28.29 26.10
N ILE C 97 21.60 -27.11 26.68
CA ILE C 97 21.13 -25.86 26.08
C ILE C 97 22.36 -25.02 25.79
N GLY C 98 22.56 -24.74 24.53
CA GLY C 98 23.61 -23.83 24.08
C GLY C 98 23.13 -22.40 24.34
N LEU C 99 23.93 -21.62 25.04
CA LEU C 99 23.64 -20.19 25.31
C LEU C 99 24.86 -19.38 24.94
N SER C 100 25.50 -19.68 23.85
CA SER C 100 26.77 -19.12 23.40
C SER C 100 26.56 -18.51 22.02
N SER C 101 26.74 -17.23 21.88
CA SER C 101 26.35 -16.53 20.63
C SER C 101 27.19 -16.96 19.48
N ASP C 102 26.56 -17.39 18.40
CA ASP C 102 27.21 -17.80 17.16
C ASP C 102 26.17 -17.86 16.04
N THR C 103 26.59 -18.31 14.88
CA THR C 103 25.71 -18.25 13.68
C THR C 103 24.69 -19.38 13.71
N PRO C 104 23.63 -19.24 12.89
CA PRO C 104 22.64 -20.29 12.73
C PRO C 104 23.22 -21.66 12.31
N ASP C 105 24.22 -21.66 11.43
CA ASP C 105 24.79 -22.94 11.02
C ASP C 105 25.50 -23.61 12.19
N ARG C 106 26.11 -22.83 13.08
CA ARG C 106 26.79 -23.45 14.25
C ARG C 106 25.78 -23.99 15.18
N ALA C 107 24.63 -23.33 15.39
CA ALA C 107 23.63 -23.88 16.28
C ALA C 107 23.07 -25.20 15.76
N ARG C 108 22.81 -25.26 14.46
CA ARG C 108 22.27 -26.53 13.85
C ARG C 108 23.34 -27.63 14.01
N ARG C 109 24.60 -27.29 13.75
CA ARG C 109 25.69 -28.31 13.82
C ARG C 109 25.80 -28.79 15.26
N THR C 110 25.79 -27.87 16.28
CA THR C 110 25.92 -28.29 17.67
C THR C 110 24.74 -29.19 18.07
N ALA C 111 23.52 -28.93 17.53
CA ALA C 111 22.41 -29.83 17.82
C ALA C 111 22.70 -31.26 17.34
N LYS C 112 23.36 -31.38 16.21
CA LYS C 112 23.75 -32.70 15.68
C LYS C 112 24.83 -33.31 16.57
N LEU C 113 25.80 -32.53 17.05
CA LEU C 113 26.84 -33.11 17.95
C LEU C 113 26.22 -33.65 19.20
N VAL C 114 25.26 -32.95 19.78
CA VAL C 114 24.55 -33.46 20.96
C VAL C 114 23.68 -34.68 20.67
N GLY C 115 23.01 -34.66 19.56
CA GLY C 115 22.15 -35.79 19.15
C GLY C 115 23.04 -37.01 18.90
N ASN C 116 24.24 -36.85 18.37
CA ASN C 116 25.21 -37.95 18.04
C ASN C 116 25.56 -38.76 19.30
N VAL C 117 25.51 -38.17 20.50
CA VAL C 117 25.91 -38.87 21.75
C VAL C 117 24.64 -39.21 22.53
N GLY C 118 23.46 -39.03 21.97
CA GLY C 118 22.18 -39.40 22.66
C GLY C 118 21.63 -38.36 23.56
N GLY C 119 22.11 -37.13 23.45
CA GLY C 119 21.53 -36.00 24.19
C GLY C 119 20.37 -35.36 23.44
N ARG C 120 19.67 -34.45 24.11
N ARG C 120 19.64 -34.45 24.08
CA ARG C 120 18.65 -33.54 23.55
CA ARG C 120 18.67 -33.56 23.40
C ARG C 120 19.27 -32.14 23.56
C ARG C 120 19.15 -32.11 23.58
N TYR C 121 18.94 -31.30 22.57
CA TYR C 121 19.49 -29.93 22.51
C TYR C 121 18.43 -28.87 22.24
N LEU C 122 18.52 -27.76 22.98
CA LEU C 122 17.86 -26.52 22.54
C LEU C 122 18.96 -25.50 22.30
N ASP C 123 18.78 -24.62 21.35
CA ASP C 123 19.70 -23.48 21.21
C ASP C 123 19.04 -22.25 21.75
N GLY C 124 19.77 -21.43 22.45
CA GLY C 124 19.19 -20.25 23.09
C GLY C 124 20.09 -19.06 22.90
N ALA C 125 19.47 -17.88 22.94
CA ALA C 125 20.21 -16.62 22.80
C ALA C 125 19.76 -15.69 23.92
N ILE C 126 20.64 -15.22 24.76
CA ILE C 126 20.35 -14.28 25.86
C ILE C 126 20.47 -12.91 25.25
N MET C 127 19.38 -12.12 25.38
CA MET C 127 19.32 -10.81 24.66
C MET C 127 19.40 -9.64 25.64
N THR C 128 19.85 -9.86 26.87
CA THR C 128 19.90 -8.82 27.90
C THR C 128 21.15 -9.00 28.74
N PRO C 129 21.58 -7.92 29.42
CA PRO C 129 22.86 -7.91 30.15
C PRO C 129 22.76 -8.63 31.49
N ILE C 130 23.90 -8.78 32.15
CA ILE C 130 23.93 -9.66 33.35
C ILE C 130 23.05 -9.13 34.49
N ASP C 131 22.87 -7.80 34.60
N ASP C 131 22.83 -7.83 34.63
CA ASP C 131 22.10 -7.16 35.70
CA ASP C 131 22.10 -7.34 35.82
C ASP C 131 20.65 -7.68 35.67
C ASP C 131 20.62 -7.69 35.68
N THR C 132 20.17 -8.04 34.47
CA THR C 132 18.76 -8.42 34.22
C THR C 132 18.50 -9.85 34.62
N ILE C 133 19.52 -10.71 34.63
CA ILE C 133 19.32 -12.18 34.74
C ILE C 133 18.66 -12.55 36.08
N GLY C 134 17.64 -13.36 35.99
CA GLY C 134 16.86 -13.83 37.15
C GLY C 134 15.72 -12.93 37.37
N THR C 135 15.50 -11.90 36.54
CA THR C 135 14.38 -10.94 36.70
C THR C 135 13.50 -10.98 35.46
N ARG C 136 12.37 -10.30 35.47
CA ARG C 136 11.57 -10.16 34.28
C ARG C 136 12.11 -9.20 33.25
N GLY C 137 13.20 -8.50 33.52
CA GLY C 137 13.87 -7.66 32.55
C GLY C 137 14.76 -8.44 31.60
N ALA C 138 14.93 -9.71 31.90
CA ALA C 138 15.77 -10.56 31.03
C ALA C 138 14.90 -11.15 29.94
N SER C 139 15.51 -11.49 28.80
CA SER C 139 14.85 -12.09 27.64
C SER C 139 15.77 -13.15 27.06
N ILE C 140 15.30 -14.39 26.97
CA ILE C 140 16.08 -15.47 26.31
C ILE C 140 15.21 -16.07 25.22
N LEU C 141 15.77 -16.27 24.04
CA LEU C 141 15.11 -16.88 22.91
C LEU C 141 15.57 -18.31 22.76
N PHE C 142 14.68 -19.23 22.39
CA PHE C 142 15.05 -20.65 22.26
C PHE C 142 14.54 -21.22 20.96
N ALA C 143 15.24 -22.20 20.47
CA ALA C 143 14.84 -22.91 19.28
C ALA C 143 15.15 -24.39 19.41
N GLY C 144 14.33 -25.19 18.75
CA GLY C 144 14.44 -26.65 18.84
C GLY C 144 13.09 -27.26 19.18
N PRO C 145 13.03 -28.52 19.58
CA PRO C 145 11.70 -29.17 19.74
C PRO C 145 10.85 -28.48 20.78
N GLN C 146 9.62 -28.20 20.38
CA GLN C 146 8.71 -27.42 21.26
C GLN C 146 8.46 -28.19 22.54
N ALA C 147 8.35 -29.51 22.43
CA ALA C 147 8.10 -30.31 23.63
C ALA C 147 9.25 -30.31 24.63
N LEU C 148 10.47 -30.16 24.12
CA LEU C 148 11.68 -30.09 24.96
C LEU C 148 11.75 -28.73 25.64
N PHE C 149 11.45 -27.64 24.93
CA PHE C 149 11.27 -26.32 25.58
C PHE C 149 10.19 -26.43 26.69
N ASP C 150 9.08 -27.07 26.37
CA ASP C 150 7.97 -27.13 27.39
C ASP C 150 8.40 -27.94 28.61
N GLU C 151 9.20 -28.98 28.46
CA GLU C 151 9.69 -29.82 29.54
C GLU C 151 10.53 -29.01 30.51
N HIS C 152 11.38 -28.10 29.98
CA HIS C 152 12.35 -27.38 30.79
C HIS C 152 11.93 -25.94 31.09
N ARG C 153 10.81 -25.46 30.58
CA ARG C 153 10.37 -24.02 30.69
C ARG C 153 10.35 -23.67 32.18
N GLY C 154 9.92 -24.58 33.06
CA GLY C 154 9.75 -24.24 34.49
C GLY C 154 11.06 -23.87 35.16
N VAL C 155 12.10 -24.61 34.85
CA VAL C 155 13.46 -24.23 35.32
C VAL C 155 14.00 -23.01 34.56
N LEU C 156 13.90 -23.04 33.24
CA LEU C 156 14.40 -21.87 32.47
C LEU C 156 13.78 -20.54 32.86
N ASP C 157 12.50 -20.50 33.29
CA ASP C 157 11.84 -19.27 33.69
C ASP C 157 12.57 -18.57 34.82
N THR C 158 13.37 -19.30 35.62
CA THR C 158 14.24 -18.72 36.63
C THR C 158 15.06 -17.61 36.03
N LEU C 159 15.48 -17.77 34.77
CA LEU C 159 16.52 -16.85 34.22
C LEU C 159 15.94 -15.56 33.67
N GLY C 160 14.68 -15.55 33.23
CA GLY C 160 14.08 -14.39 32.56
C GLY C 160 12.83 -14.75 31.78
N GLN C 161 12.31 -13.81 31.01
CA GLN C 161 11.17 -14.07 30.11
C GLN C 161 11.71 -14.87 28.94
N LEU C 162 10.99 -15.90 28.57
CA LEU C 162 11.42 -16.87 27.54
C LEU C 162 10.57 -16.75 26.31
N THR C 163 11.15 -16.84 25.12
CA THR C 163 10.39 -16.93 23.88
C THR C 163 10.90 -18.14 23.10
N TRP C 164 10.06 -19.05 22.76
CA TRP C 164 10.39 -20.14 21.82
C TRP C 164 10.09 -19.64 20.41
N VAL C 165 11.06 -19.63 19.51
CA VAL C 165 10.91 -19.05 18.16
C VAL C 165 10.79 -20.05 17.04
N GLY C 166 10.87 -21.34 17.33
CA GLY C 166 10.66 -22.32 16.27
C GLY C 166 11.47 -23.60 16.38
N GLU C 167 11.06 -24.60 15.59
CA GLU C 167 11.66 -25.93 15.56
C GLU C 167 13.07 -25.92 14.98
N ASP C 168 13.35 -25.03 14.06
CA ASP C 168 14.67 -25.03 13.39
C ASP C 168 15.71 -24.63 14.45
N HIS C 169 16.65 -25.51 14.78
CA HIS C 169 17.63 -25.24 15.85
C HIS C 169 18.46 -23.99 15.56
N GLY C 170 18.53 -23.51 14.35
CA GLY C 170 19.25 -22.27 14.05
C GLY C 170 18.48 -20.99 14.27
N ARG C 171 17.18 -21.07 14.60
CA ARG C 171 16.33 -19.88 14.44
C ARG C 171 16.55 -18.88 15.56
N ALA C 172 16.85 -19.27 16.77
CA ALA C 172 17.19 -18.33 17.85
C ALA C 172 18.44 -17.56 17.43
N ALA C 173 19.42 -18.27 16.90
CA ALA C 173 20.66 -17.62 16.43
C ALA C 173 20.37 -16.62 15.34
N ALA C 174 19.41 -16.94 14.47
CA ALA C 174 19.06 -15.98 13.41
C ALA C 174 18.48 -14.70 13.98
N PHE C 175 17.62 -14.79 14.98
CA PHE C 175 17.14 -13.59 15.71
C PHE C 175 18.36 -12.88 16.30
N ASP C 176 19.23 -13.64 16.97
CA ASP C 176 20.40 -13.05 17.67
C ASP C 176 21.23 -12.27 16.63
N MET C 177 21.47 -12.77 15.44
CA MET C 177 22.28 -12.06 14.46
C MET C 177 21.64 -10.69 14.16
N ALA C 178 20.33 -10.67 13.98
CA ALA C 178 19.67 -9.39 13.64
C ALA C 178 19.67 -8.44 14.84
N LEU C 179 19.36 -8.95 16.03
CA LEU C 179 19.19 -8.10 17.18
C LEU C 179 20.54 -7.57 17.71
N LEU C 180 21.60 -8.40 17.65
CA LEU C 180 22.94 -7.96 18.06
C LEU C 180 23.51 -6.97 17.05
N ASP C 181 23.18 -7.07 15.79
CA ASP C 181 23.57 -6.09 14.75
C ASP C 181 23.00 -4.72 15.17
N LEU C 182 21.72 -4.68 15.47
CA LEU C 182 21.13 -3.40 15.96
C LEU C 182 21.82 -2.94 17.23
N PHE C 183 21.98 -3.80 18.20
CA PHE C 183 22.55 -3.43 19.47
C PHE C 183 23.97 -2.88 19.33
N TRP C 184 24.88 -3.65 18.72
CA TRP C 184 26.29 -3.20 18.66
C TRP C 184 26.46 -1.98 17.78
N THR C 185 25.72 -1.89 16.68
CA THR C 185 25.76 -0.69 15.84
C THR C 185 25.38 0.55 16.70
N SER C 186 24.36 0.39 17.51
N SER C 186 24.36 0.42 17.53
CA SER C 186 23.91 1.47 18.39
CA SER C 186 23.90 1.52 18.39
C SER C 186 25.02 1.83 19.39
C SER C 186 24.98 1.84 19.45
N VAL C 187 25.64 0.82 20.01
CA VAL C 187 26.74 1.05 20.98
C VAL C 187 27.88 1.74 20.27
N GLY C 188 28.22 1.38 19.05
CA GLY C 188 29.25 2.12 18.25
C GLY C 188 28.91 3.56 18.10
N GLY C 189 27.62 3.84 17.83
CA GLY C 189 27.17 5.21 17.66
C GLY C 189 27.27 5.94 18.97
N PHE C 190 26.91 5.31 20.07
CA PHE C 190 26.90 5.91 21.42
C PHE C 190 28.32 6.28 21.85
N GLY C 191 29.26 5.35 21.70
CA GLY C 191 30.64 5.67 22.16
C GLY C 191 31.22 6.73 21.31
N HIS C 192 30.96 6.80 20.01
CA HIS C 192 31.36 7.87 19.10
C HIS C 192 30.77 9.22 19.52
N ALA C 193 29.49 9.19 19.84
CA ALA C 193 28.78 10.43 20.22
C ALA C 193 29.40 10.98 21.49
N LEU C 194 29.72 10.15 22.48
CA LEU C 194 30.39 10.67 23.70
C LEU C 194 31.69 11.38 23.36
N MET C 195 32.49 10.79 22.46
N MET C 195 32.48 10.92 22.39
CA MET C 195 33.79 11.37 22.03
CA MET C 195 33.79 11.57 22.14
C MET C 195 33.55 12.75 21.42
C MET C 195 33.64 12.84 21.30
N VAL C 196 32.61 12.89 20.48
CA VAL C 196 32.36 14.12 19.73
C VAL C 196 31.81 15.13 20.75
N ALA C 197 30.93 14.76 21.66
CA ALA C 197 30.35 15.69 22.65
C ALA C 197 31.49 16.19 23.54
N ARG C 198 32.37 15.29 24.01
CA ARG C 198 33.44 15.71 24.95
C ARG C 198 34.33 16.72 24.23
N ALA C 199 34.64 16.59 22.95
CA ALA C 199 35.50 17.51 22.20
C ALA C 199 34.84 18.90 22.08
N ASN C 200 33.52 18.96 22.19
CA ASN C 200 32.73 20.20 22.08
C ASN C 200 32.38 20.72 23.47
N GLY C 201 32.98 20.23 24.55
CA GLY C 201 32.74 20.72 25.91
C GLY C 201 31.51 20.21 26.60
N ILE C 202 30.98 19.08 26.13
CA ILE C 202 29.82 18.45 26.79
C ILE C 202 30.31 17.10 27.33
N GLU C 203 30.39 17.02 28.64
CA GLU C 203 30.85 15.79 29.32
C GLU C 203 29.74 14.74 29.27
N PRO C 204 30.05 13.45 29.38
CA PRO C 204 29.05 12.41 29.28
C PRO C 204 27.86 12.64 30.21
N SER C 205 28.05 13.06 31.44
CA SER C 205 26.94 13.27 32.41
C SER C 205 25.99 14.39 31.89
N GLU C 206 26.53 15.39 31.22
CA GLU C 206 25.68 16.50 30.68
C GLU C 206 24.91 15.96 29.45
N LEU C 207 25.49 15.11 28.64
CA LEU C 207 24.82 14.61 27.42
C LEU C 207 23.76 13.62 27.85
N MET C 208 23.94 12.82 28.91
CA MET C 208 23.11 11.61 29.12
C MET C 208 21.61 11.88 29.19
N PRO C 209 21.06 12.94 29.84
CA PRO C 209 19.61 13.04 29.85
C PRO C 209 19.09 13.13 28.41
N HIS C 210 19.82 13.80 27.57
CA HIS C 210 19.44 13.98 26.14
C HIS C 210 19.63 12.72 25.30
N ALA C 211 20.69 11.97 25.66
CA ALA C 211 20.84 10.66 25.03
C ALA C 211 19.73 9.68 25.41
N HIS C 212 19.24 9.71 26.62
CA HIS C 212 18.07 8.90 26.99
C HIS C 212 16.84 9.35 26.21
N GLY C 213 16.76 10.65 25.92
CA GLY C 213 15.69 11.15 25.03
C GLY C 213 15.73 10.56 23.65
N ILE C 214 16.91 10.42 23.07
CA ILE C 214 17.08 9.76 21.79
C ILE C 214 16.66 8.30 21.90
N VAL C 215 17.13 7.56 22.92
CA VAL C 215 16.67 6.18 23.06
C VAL C 215 15.15 6.13 23.09
N GLY C 216 14.57 7.09 23.79
CA GLY C 216 13.10 7.22 23.87
C GLY C 216 12.36 7.45 22.60
N ILE C 217 12.96 7.93 21.54
CA ILE C 217 12.29 8.08 20.24
C ILE C 217 12.47 6.88 19.34
N LEU C 218 13.39 5.96 19.69
CA LEU C 218 13.72 4.93 18.73
C LEU C 218 12.55 3.98 18.50
N SER C 219 11.86 3.55 19.53
CA SER C 219 10.85 2.47 19.32
C SER C 219 9.74 2.92 18.38
N PRO C 220 9.15 4.13 18.52
CA PRO C 220 8.13 4.50 17.58
C PRO C 220 8.64 4.65 16.15
N ILE C 221 9.86 5.19 16.04
CA ILE C 221 10.41 5.33 14.68
C ILE C 221 10.67 3.98 14.03
N PHE C 222 11.29 3.04 14.79
CA PHE C 222 11.55 1.70 14.28
C PHE C 222 10.22 1.00 13.87
N THR C 223 9.18 1.17 14.70
CA THR C 223 7.87 0.56 14.38
C THR C 223 7.39 1.04 13.00
N GLU C 224 7.51 2.36 12.78
CA GLU C 224 7.08 2.94 11.50
C GLU C 224 7.96 2.49 10.35
N VAL C 225 9.29 2.44 10.55
CA VAL C 225 10.18 2.00 9.46
C VAL C 225 9.87 0.54 9.14
N ALA C 226 9.71 -0.34 10.14
CA ALA C 226 9.38 -1.72 9.90
C ALA C 226 8.10 -1.90 9.09
N GLN C 227 7.08 -1.15 9.44
CA GLN C 227 5.79 -1.25 8.70
C GLN C 227 5.97 -0.77 7.27
N ARG C 228 6.75 0.31 7.07
CA ARG C 228 7.06 0.81 5.71
C ARG C 228 7.83 -0.20 4.88
N VAL C 229 8.79 -0.85 5.52
CA VAL C 229 9.55 -1.91 4.85
C VAL C 229 8.59 -3.03 4.42
N GLU C 230 7.80 -3.49 5.35
CA GLU C 230 6.88 -4.62 5.04
C GLU C 230 5.89 -4.21 3.95
N ASP C 231 5.38 -2.99 3.95
CA ASP C 231 4.34 -2.52 2.99
C ASP C 231 5.01 -2.09 1.68
N ASP C 232 6.35 -1.98 1.68
CA ASP C 232 7.12 -1.35 0.57
C ASP C 232 6.53 0.05 0.30
N ARG C 233 6.31 0.85 1.33
CA ARG C 233 5.67 2.16 1.24
C ARG C 233 6.65 3.22 1.78
N HIS C 234 7.26 3.99 0.91
CA HIS C 234 8.35 4.93 1.29
C HIS C 234 7.95 6.36 0.95
N SER C 235 6.67 6.57 0.55
CA SER C 235 6.20 7.90 0.17
C SER C 235 5.65 8.66 1.37
N ASP C 236 5.13 9.89 1.18
N ASP C 236 5.21 9.89 1.10
CA ASP C 236 4.56 10.76 2.25
CA ASP C 236 4.58 10.73 2.12
C ASP C 236 5.56 10.91 3.42
C ASP C 236 5.55 10.78 3.33
N ALA C 237 6.80 11.20 3.11
CA ALA C 237 7.84 11.22 4.14
C ALA C 237 7.57 12.24 5.24
N SER C 238 7.89 11.87 6.46
N SER C 238 7.89 11.83 6.46
CA SER C 238 7.99 12.86 7.57
CA SER C 238 7.99 12.74 7.63
C SER C 238 9.44 13.28 7.70
C SER C 238 9.41 13.22 7.78
N ALA C 239 10.39 12.51 7.22
CA ALA C 239 11.82 12.83 7.32
C ALA C 239 12.43 12.20 6.08
N SER C 240 12.96 12.99 5.19
CA SER C 240 13.33 12.53 3.85
C SER C 240 14.79 12.14 3.78
N VAL C 241 15.06 11.30 2.81
CA VAL C 241 16.45 10.87 2.50
C VAL C 241 17.32 12.07 2.16
N SER C 242 16.81 13.00 1.36
N SER C 242 16.80 12.99 1.37
CA SER C 242 17.58 14.22 1.02
CA SER C 242 17.53 14.23 1.01
C SER C 242 17.92 15.03 2.26
C SER C 242 17.92 15.03 2.25
N SER C 243 17.04 15.13 3.24
CA SER C 243 17.36 15.86 4.46
C SER C 243 18.52 15.17 5.22
N VAL C 244 18.45 13.85 5.34
CA VAL C 244 19.57 13.19 6.06
C VAL C 244 20.84 13.21 5.20
N ALA C 245 20.75 13.23 3.91
CA ALA C 245 21.99 13.43 3.10
C ALA C 245 22.68 14.71 3.49
N SER C 246 21.94 15.77 3.76
N SER C 246 21.93 15.78 3.78
CA SER C 246 22.54 17.04 4.25
CA SER C 246 22.51 17.07 4.23
C SER C 246 23.09 16.87 5.66
C SER C 246 23.04 16.94 5.66
N SER C 247 22.28 16.30 6.56
CA SER C 247 22.63 16.21 7.96
C SER C 247 23.90 15.36 8.17
N VAL C 248 23.96 14.21 7.51
CA VAL C 248 25.07 13.25 7.79
C VAL C 248 26.38 13.92 7.39
N ARG C 249 26.35 14.82 6.45
CA ARG C 249 27.63 15.53 6.09
C ARG C 249 28.06 16.42 7.27
N HIS C 250 27.11 17.13 7.92
CA HIS C 250 27.47 17.89 9.10
C HIS C 250 28.08 17.03 10.22
N LEU C 251 27.48 15.86 10.48
CA LEU C 251 27.92 14.96 11.55
C LEU C 251 29.37 14.48 11.21
N ILE C 252 29.61 14.17 9.96
CA ILE C 252 30.97 13.71 9.55
C ILE C 252 31.92 14.88 9.76
N ALA C 253 31.55 16.06 9.35
CA ALA C 253 32.46 17.23 9.52
C ALA C 253 32.73 17.44 11.00
N ALA C 254 31.70 17.40 11.84
CA ALA C 254 31.88 17.54 13.29
C ALA C 254 32.80 16.46 13.85
N SER C 255 32.71 15.21 13.37
CA SER C 255 33.56 14.12 13.87
C SER C 255 35.05 14.44 13.54
N ARG C 256 35.27 14.80 12.31
CA ARG C 256 36.61 15.16 11.73
CA ARG C 256 36.65 15.04 11.87
C ARG C 256 37.21 16.26 12.61
N GLU C 257 36.47 17.34 12.74
CA GLU C 257 36.93 18.49 13.54
C GLU C 257 37.27 18.08 14.99
N ALA C 258 36.59 17.13 15.62
CA ALA C 258 36.80 16.64 17.00
C ALA C 258 37.97 15.65 17.03
N GLY C 259 38.53 15.27 15.90
CA GLY C 259 39.65 14.29 15.88
C GLY C 259 39.15 12.88 16.12
N VAL C 260 37.91 12.60 15.66
CA VAL C 260 37.27 11.27 15.80
C VAL C 260 37.01 10.69 14.44
N ASP C 261 37.39 9.43 14.26
CA ASP C 261 37.10 8.74 13.00
C ASP C 261 35.55 8.64 12.80
N ALA C 262 35.13 8.71 11.56
CA ALA C 262 33.68 8.73 11.25
C ALA C 262 33.24 7.52 10.44
N GLY C 263 33.90 6.37 10.63
CA GLY C 263 33.59 5.22 9.78
C GLY C 263 32.14 4.76 9.72
N LEU C 264 31.47 4.72 10.84
CA LEU C 264 30.05 4.22 10.80
C LEU C 264 29.21 5.26 10.06
N LEU C 265 29.38 6.55 10.32
CA LEU C 265 28.57 7.55 9.60
C LEU C 265 28.93 7.59 8.15
N GLU C 266 30.23 7.39 7.81
CA GLU C 266 30.61 7.39 6.40
C GLU C 266 29.99 6.20 5.63
N ALA C 267 29.91 5.06 6.25
CA ALA C 267 29.21 3.92 5.64
C ALA C 267 27.72 4.27 5.42
N PHE C 268 27.12 4.88 6.44
CA PHE C 268 25.68 5.22 6.33
C PHE C 268 25.50 6.24 5.21
N ARG C 269 26.37 7.25 5.16
CA ARG C 269 26.36 8.24 4.07
C ARG C 269 26.37 7.56 2.70
N GLY C 270 27.19 6.52 2.51
CA GLY C 270 27.19 5.82 1.24
C GLY C 270 25.82 5.31 0.88
N TYR C 271 25.08 4.72 1.80
CA TYR C 271 23.73 4.22 1.49
C TYR C 271 22.79 5.37 1.18
N VAL C 272 22.87 6.44 1.95
CA VAL C 272 21.96 7.61 1.77
C VAL C 272 22.23 8.22 0.39
N ASP C 273 23.50 8.47 0.05
CA ASP C 273 23.83 9.06 -1.26
C ASP C 273 23.40 8.11 -2.38
N ALA C 274 23.49 6.80 -2.22
CA ALA C 274 23.05 5.88 -3.28
C ALA C 274 21.53 6.01 -3.44
N THR C 275 20.81 6.22 -2.34
CA THR C 275 19.36 6.35 -2.34
C THR C 275 18.97 7.61 -3.12
N VAL C 276 19.65 8.69 -2.86
CA VAL C 276 19.41 9.98 -3.59
C VAL C 276 19.69 9.72 -5.10
N ALA C 277 20.82 9.09 -5.38
CA ALA C 277 21.20 8.85 -6.80
C ALA C 277 20.19 7.98 -7.54
N ALA C 278 19.52 7.05 -6.90
CA ALA C 278 18.50 6.16 -7.42
C ALA C 278 17.19 6.92 -7.66
N GLY C 279 17.11 8.19 -7.27
CA GLY C 279 15.93 9.06 -7.51
C GLY C 279 14.96 9.05 -6.34
N HIS C 280 15.40 8.63 -5.15
CA HIS C 280 14.50 8.46 -4.00
C HIS C 280 14.80 9.48 -2.89
N GLY C 281 15.38 10.63 -3.18
CA GLY C 281 15.67 11.64 -2.18
C GLY C 281 14.40 12.11 -1.46
N ASP C 282 13.24 12.12 -2.11
CA ASP C 282 12.02 12.64 -1.45
C ASP C 282 11.40 11.57 -0.56
N ASP C 283 11.84 10.34 -0.58
CA ASP C 283 11.22 9.24 0.20
C ASP C 283 11.59 9.31 1.69
N GLU C 284 10.82 8.59 2.48
CA GLU C 284 11.13 8.38 3.91
C GLU C 284 12.48 7.66 3.98
N ILE C 285 13.09 7.82 5.16
CA ILE C 285 14.39 7.21 5.45
C ILE C 285 14.28 5.71 5.55
N SER C 286 13.08 5.11 5.55
CA SER C 286 12.88 3.66 5.46
C SER C 286 13.40 3.09 4.14
N ARG C 287 13.59 3.92 3.09
CA ARG C 287 14.10 3.47 1.78
C ARG C 287 15.61 3.17 1.84
N ILE C 288 16.35 3.78 2.75
CA ILE C 288 17.85 3.82 2.71
C ILE C 288 18.38 2.41 2.69
N ALA C 289 17.87 1.58 3.54
CA ALA C 289 18.44 0.22 3.75
C ALA C 289 18.40 -0.61 2.46
N SER C 290 17.50 -0.32 1.53
N SER C 290 17.49 -0.31 1.53
CA SER C 290 17.50 -1.00 0.21
CA SER C 290 17.46 -0.98 0.20
C SER C 290 18.88 -0.95 -0.43
C SER C 290 18.81 -0.88 -0.53
N GLU C 291 19.61 0.16 -0.32
CA GLU C 291 20.92 0.37 -0.98
C GLU C 291 22.00 -0.43 -0.24
N MET C 292 21.62 -1.13 0.81
CA MET C 292 22.61 -1.99 1.55
C MET C 292 22.77 -3.33 0.86
N THR C 293 21.94 -3.62 -0.15
N THR C 293 21.90 -3.74 -0.07
CA THR C 293 22.12 -4.90 -0.88
CA THR C 293 22.05 -5.09 -0.68
C THR C 293 23.46 -4.88 -1.60
C THR C 293 23.18 -5.07 -1.72
N THR C 294 24.14 -6.03 -1.62
CA THR C 294 25.35 -6.12 -2.47
C THR C 294 24.91 -6.41 -3.91
N THR D 9 -1.93 41.58 22.44
CA THR D 9 -2.09 40.50 23.44
C THR D 9 -1.69 39.21 22.70
N THR D 10 -2.38 38.85 21.59
CA THR D 10 -2.21 37.49 21.04
C THR D 10 -0.81 37.41 20.43
N PRO D 11 0.00 36.41 20.83
CA PRO D 11 1.33 36.29 20.20
C PRO D 11 1.36 36.10 18.69
N THR D 12 2.32 36.70 18.03
CA THR D 12 2.54 36.58 16.59
C THR D 12 3.82 35.76 16.40
N VAL D 13 3.75 34.77 15.51
N VAL D 13 3.72 34.77 15.49
CA VAL D 13 4.93 33.93 15.21
CA VAL D 13 4.88 33.91 15.15
C VAL D 13 4.90 33.57 13.73
C VAL D 13 4.85 33.69 13.67
N THR D 14 6.04 33.78 13.05
CA THR D 14 6.22 33.39 11.66
C THR D 14 7.00 32.07 11.60
N VAL D 15 6.56 31.17 10.74
CA VAL D 15 7.37 29.95 10.44
C VAL D 15 7.78 30.03 8.98
N LEU D 16 9.10 29.98 8.76
CA LEU D 16 9.67 29.96 7.38
C LEU D 16 10.22 28.55 7.15
N GLY D 17 9.65 27.83 6.20
CA GLY D 17 10.01 26.45 5.92
C GLY D 17 8.86 25.54 6.23
N LEU D 18 8.23 24.97 5.24
CA LEU D 18 7.00 24.17 5.38
C LEU D 18 7.17 22.79 4.80
N GLY D 19 8.36 22.21 5.06
CA GLY D 19 8.56 20.78 5.04
C GLY D 19 7.79 20.09 6.18
N PRO D 20 7.93 18.82 6.38
CA PRO D 20 7.13 18.14 7.39
C PRO D 20 7.28 18.80 8.75
N MET D 21 8.52 19.13 9.18
CA MET D 21 8.70 19.66 10.53
C MET D 21 8.14 21.06 10.59
N GLY D 22 8.27 21.90 9.56
CA GLY D 22 7.70 23.23 9.61
C GLY D 22 6.22 23.22 9.67
N GLN D 23 5.58 22.28 8.98
CA GLN D 23 4.15 22.08 9.07
C GLN D 23 3.82 21.70 10.53
N ALA D 24 4.56 20.81 11.15
CA ALA D 24 4.24 20.36 12.49
C ALA D 24 4.36 21.56 13.45
N LEU D 25 5.43 22.33 13.36
CA LEU D 25 5.61 23.51 14.22
C LEU D 25 4.40 24.41 14.05
N SER D 26 4.04 24.74 12.80
CA SER D 26 2.95 25.68 12.48
C SER D 26 1.67 25.10 13.06
N ARG D 27 1.39 23.80 12.94
CA ARG D 27 0.12 23.26 13.47
C ARG D 27 0.12 23.46 14.98
N ALA D 28 1.19 23.21 15.69
CA ALA D 28 1.19 23.31 17.17
C ALA D 28 0.94 24.75 17.60
N LEU D 29 1.53 25.69 16.91
CA LEU D 29 1.38 27.11 17.25
C LEU D 29 -0.08 27.51 16.95
N LEU D 30 -0.64 27.08 15.83
CA LEU D 30 -2.06 27.39 15.54
C LEU D 30 -2.93 26.73 16.56
N ASP D 31 -2.66 25.52 17.01
CA ASP D 31 -3.55 24.85 17.94
C ASP D 31 -3.59 25.60 19.28
N ALA D 32 -2.53 26.34 19.60
CA ALA D 32 -2.41 27.15 20.86
C ALA D 32 -3.20 28.46 20.74
N GLY D 33 -3.68 28.86 19.57
CA GLY D 33 -4.33 30.14 19.35
C GLY D 33 -3.41 31.26 18.99
N HIS D 34 -2.16 30.99 18.64
CA HIS D 34 -1.28 32.07 18.21
C HIS D 34 -1.64 32.58 16.84
N THR D 35 -1.23 33.79 16.45
CA THR D 35 -1.40 34.33 15.10
C THR D 35 -0.17 33.91 14.30
N VAL D 36 -0.32 32.96 13.43
CA VAL D 36 0.84 32.34 12.73
C VAL D 36 0.83 32.76 11.29
N THR D 37 1.97 33.26 10.84
CA THR D 37 2.24 33.58 9.44
C THR D 37 3.24 32.56 8.88
N VAL D 38 2.94 31.99 7.74
CA VAL D 38 3.85 30.94 7.16
C VAL D 38 4.41 31.43 5.84
N TRP D 39 5.57 30.93 5.51
CA TRP D 39 6.22 31.17 4.21
C TRP D 39 6.97 29.91 3.84
N ASN D 40 7.02 29.60 2.54
CA ASN D 40 7.88 28.54 2.00
C ASN D 40 8.36 28.95 0.61
N ARG D 41 9.53 28.51 0.29
CA ARG D 41 10.03 28.73 -1.09
C ARG D 41 9.02 28.22 -2.08
N THR D 42 8.52 27.02 -1.97
CA THR D 42 7.49 26.41 -2.79
C THR D 42 6.14 26.85 -2.20
N GLU D 43 5.52 27.87 -2.78
CA GLU D 43 4.37 28.54 -2.12
C GLU D 43 3.20 27.59 -1.94
N SER D 44 2.99 26.58 -2.77
CA SER D 44 1.87 25.64 -2.70
C SER D 44 1.77 24.94 -1.35
N LYS D 45 2.89 24.75 -0.65
CA LYS D 45 2.86 24.02 0.61
C LYS D 45 2.18 24.87 1.68
N ALA D 46 1.94 26.17 1.49
CA ALA D 46 1.31 27.03 2.55
C ALA D 46 -0.17 26.75 2.62
N GLN D 47 -0.81 26.13 1.60
CA GLN D 47 -2.30 26.06 1.56
C GLN D 47 -2.79 25.21 2.72
N ALA D 48 -2.13 24.11 3.08
CA ALA D 48 -2.61 23.23 4.13
C ALA D 48 -2.61 24.01 5.48
N LEU D 49 -1.70 24.91 5.65
CA LEU D 49 -1.65 25.68 6.92
C LEU D 49 -2.64 26.85 6.82
N ARG D 50 -2.79 27.53 5.70
CA ARG D 50 -3.86 28.56 5.61
C ARG D 50 -5.14 27.88 6.00
N ASP D 51 -5.43 26.67 5.56
CA ASP D 51 -6.68 25.97 5.86
C ASP D 51 -6.89 25.85 7.37
N ARG D 52 -5.81 25.74 8.16
CA ARG D 52 -5.86 25.52 9.61
C ARG D 52 -5.87 26.87 10.35
N GLY D 53 -5.83 27.93 9.64
CA GLY D 53 -5.89 29.28 10.25
C GLY D 53 -4.66 30.10 10.17
N ALA D 54 -3.60 29.69 9.45
CA ALA D 54 -2.42 30.52 9.27
C ALA D 54 -2.68 31.63 8.25
N LEU D 55 -1.98 32.70 8.40
CA LEU D 55 -1.80 33.73 7.38
C LEU D 55 -0.59 33.30 6.54
N SER D 56 -0.54 33.62 5.28
CA SER D 56 0.68 33.35 4.48
C SER D 56 1.20 34.63 3.94
N ALA D 57 2.50 34.66 3.74
CA ALA D 57 3.13 35.81 3.14
C ALA D 57 3.94 35.31 1.97
N PRO D 58 4.01 36.12 0.90
CA PRO D 58 4.62 35.62 -0.33
C PRO D 58 6.17 35.63 -0.39
N THR D 59 6.77 36.49 0.40
CA THR D 59 8.23 36.71 0.46
C THR D 59 8.74 36.62 1.91
N PRO D 60 10.00 36.26 2.10
CA PRO D 60 10.55 36.20 3.45
C PRO D 60 10.48 37.50 4.22
N ALA D 61 10.63 38.64 3.53
CA ALA D 61 10.57 39.92 4.24
C ALA D 61 9.19 40.15 4.78
N ALA D 62 8.17 39.90 3.98
CA ALA D 62 6.79 40.16 4.38
C ALA D 62 6.49 39.19 5.54
N ALA D 63 6.93 37.97 5.39
CA ALA D 63 6.63 36.94 6.43
C ALA D 63 7.24 37.41 7.75
N ILE D 64 8.53 37.73 7.79
CA ILE D 64 9.20 38.14 9.04
C ILE D 64 8.60 39.42 9.61
N ALA D 65 8.25 40.35 8.74
CA ALA D 65 7.69 41.63 9.23
C ALA D 65 6.37 41.47 9.93
N ALA D 66 5.64 40.38 9.69
CA ALA D 66 4.32 40.13 10.24
C ALA D 66 4.38 39.81 11.74
N SER D 67 5.49 39.40 12.31
CA SER D 67 5.53 38.80 13.63
C SER D 67 6.65 39.30 14.51
N ASP D 68 6.53 39.09 15.79
CA ASP D 68 7.58 39.45 16.75
C ASP D 68 8.66 38.38 16.78
N LEU D 69 8.34 37.14 16.37
CA LEU D 69 9.20 35.93 16.49
C LEU D 69 9.12 35.16 15.19
N ALA D 70 10.28 34.84 14.59
CA ALA D 70 10.33 34.03 13.38
C ALA D 70 11.13 32.76 13.64
N LEU D 71 10.60 31.65 13.26
CA LEU D 71 11.27 30.35 13.38
C LEU D 71 11.64 29.92 11.95
N VAL D 72 12.92 29.51 11.73
CA VAL D 72 13.42 29.12 10.40
C VAL D 72 13.74 27.65 10.43
N ASN D 73 12.91 26.85 9.77
CA ASN D 73 12.97 25.39 9.80
C ASN D 73 13.09 24.80 8.41
N VAL D 74 14.36 24.69 7.95
CA VAL D 74 14.68 24.29 6.58
C VAL D 74 15.90 23.35 6.65
N VAL D 75 16.34 22.86 5.49
CA VAL D 75 17.27 21.72 5.49
C VAL D 75 18.57 22.07 6.22
N ASP D 76 19.16 23.24 5.97
CA ASP D 76 20.45 23.57 6.58
C ASP D 76 20.60 25.06 6.64
N HIS D 77 21.73 25.54 7.17
CA HIS D 77 22.00 26.99 7.33
C HIS D 77 22.37 27.68 6.03
N ASP D 78 22.80 26.99 4.97
CA ASP D 78 22.83 27.71 3.65
C ASP D 78 21.42 28.22 3.29
N ALA D 79 20.36 27.39 3.53
CA ALA D 79 18.99 27.79 3.24
C ALA D 79 18.56 28.84 4.26
N VAL D 80 18.83 28.65 5.54
CA VAL D 80 18.52 29.69 6.57
C VAL D 80 19.04 31.08 6.15
N ASP D 81 20.32 31.05 5.77
CA ASP D 81 20.96 32.35 5.50
C ASP D 81 20.48 32.93 4.17
N ALA D 82 20.17 32.16 3.14
CA ALA D 82 19.55 32.64 1.92
C ALA D 82 18.21 33.29 2.22
N ILE D 83 17.40 32.67 3.09
CA ILE D 83 16.08 33.25 3.41
C ILE D 83 16.26 34.53 4.20
N LEU D 84 17.15 34.55 5.17
CA LEU D 84 17.37 35.76 6.01
C LEU D 84 17.97 36.90 5.15
N THR D 85 18.87 36.56 4.25
CA THR D 85 19.37 37.63 3.33
C THR D 85 18.22 38.19 2.46
N ALA D 86 17.36 37.36 1.93
CA ALA D 86 16.21 37.76 1.13
C ALA D 86 15.29 38.69 1.92
N ALA D 87 15.24 38.48 3.24
CA ALA D 87 14.33 39.25 4.13
C ALA D 87 14.85 40.68 4.36
N GLY D 88 16.10 40.93 3.99
CA GLY D 88 16.64 42.30 4.11
C GLY D 88 16.58 42.78 5.56
N ASP D 89 15.99 43.93 5.78
CA ASP D 89 16.02 44.51 7.16
C ASP D 89 14.75 44.09 7.93
N ALA D 90 13.94 43.21 7.37
CA ALA D 90 12.72 42.75 8.09
C ALA D 90 13.07 42.23 9.50
N PRO D 91 14.17 41.53 9.75
CA PRO D 91 14.44 41.01 11.08
C PRO D 91 14.70 42.10 12.12
N ALA D 92 14.93 43.36 11.69
CA ALA D 92 15.33 44.38 12.66
C ALA D 92 14.27 44.55 13.74
N GLY D 93 14.73 44.56 14.98
CA GLY D 93 13.84 44.74 16.12
C GLY D 93 13.04 43.47 16.47
N ARG D 94 13.29 42.36 15.82
CA ARG D 94 12.50 41.11 16.03
C ARG D 94 13.47 40.01 16.48
N THR D 95 12.94 38.84 16.83
CA THR D 95 13.70 37.68 17.27
C THR D 95 13.58 36.63 16.17
N VAL D 96 14.72 36.10 15.80
CA VAL D 96 14.78 34.96 14.87
C VAL D 96 15.32 33.76 15.63
N ILE D 97 14.66 32.62 15.46
CA ILE D 97 15.17 31.35 16.03
C ILE D 97 15.46 30.39 14.89
N GLY D 98 16.69 30.01 14.74
CA GLY D 98 17.03 29.00 13.75
C GLY D 98 16.72 27.62 14.31
N LEU D 99 15.96 26.86 13.59
CA LEU D 99 15.65 25.46 13.96
C LEU D 99 16.00 24.59 12.77
N SER D 100 17.18 24.70 12.22
CA SER D 100 17.58 23.95 11.03
C SER D 100 18.91 23.28 11.37
N SER D 101 19.02 21.99 11.24
CA SER D 101 20.20 21.26 11.75
C SER D 101 21.44 21.52 10.93
N ASP D 102 22.47 22.01 11.62
CA ASP D 102 23.78 22.33 10.97
C ASP D 102 24.80 22.42 12.11
N THR D 103 26.06 22.80 11.74
CA THR D 103 27.11 22.76 12.73
C THR D 103 27.12 23.96 13.66
N PRO D 104 27.80 23.83 14.80
CA PRO D 104 28.03 24.96 15.70
C PRO D 104 28.54 26.19 14.97
N ASP D 105 29.54 26.10 14.07
CA ASP D 105 30.06 27.29 13.33
C ASP D 105 28.96 27.99 12.52
N ARG D 106 28.03 27.21 11.94
CA ARG D 106 26.99 27.80 11.10
C ARG D 106 25.94 28.44 12.03
N ALA D 107 25.71 27.92 13.20
CA ALA D 107 24.79 28.56 14.18
C ALA D 107 25.33 29.94 14.59
N ARG D 108 26.63 29.95 14.83
CA ARG D 108 27.30 31.24 15.16
C ARG D 108 27.31 32.20 14.00
N ARG D 109 27.54 31.80 12.77
CA ARG D 109 27.47 32.66 11.60
C ARG D 109 26.10 33.31 11.50
N THR D 110 25.09 32.42 11.62
CA THR D 110 23.74 32.94 11.48
C THR D 110 23.41 33.97 12.56
N ALA D 111 23.88 33.75 13.74
CA ALA D 111 23.69 34.70 14.87
C ALA D 111 24.29 36.05 14.49
N LYS D 112 25.49 36.02 13.88
CA LYS D 112 26.15 37.27 13.41
C LYS D 112 25.29 37.96 12.36
N LEU D 113 24.81 37.20 11.38
CA LEU D 113 23.98 37.77 10.31
C LEU D 113 22.75 38.46 10.90
N VAL D 114 22.03 37.78 11.75
CA VAL D 114 20.83 38.38 12.36
C VAL D 114 21.19 39.62 13.17
N GLY D 115 22.24 39.58 13.96
CA GLY D 115 22.62 40.77 14.72
C GLY D 115 22.99 41.91 13.80
N ASN D 116 23.63 41.61 12.69
CA ASN D 116 24.09 42.68 11.77
C ASN D 116 22.91 43.36 11.08
N VAL D 117 21.73 42.76 11.00
CA VAL D 117 20.56 43.44 10.44
C VAL D 117 19.64 43.91 11.56
N GLY D 118 20.11 43.90 12.81
CA GLY D 118 19.41 44.51 13.93
C GLY D 118 18.41 43.61 14.63
N GLY D 119 18.45 42.34 14.31
CA GLY D 119 17.62 41.37 15.05
C GLY D 119 18.31 40.74 16.26
N ARG D 120 17.62 39.74 16.86
N ARG D 120 17.61 39.78 16.92
N ARG D 120 17.62 39.84 17.00
CA ARG D 120 18.05 39.00 18.06
CA ARG D 120 18.11 39.02 18.09
CA ARG D 120 18.24 39.03 18.09
C ARG D 120 18.00 37.51 17.62
C ARG D 120 17.98 37.52 17.68
C ARG D 120 18.00 37.55 17.70
N TYR D 121 18.94 36.72 18.08
CA TYR D 121 18.92 35.36 17.58
C TYR D 121 18.99 34.36 18.71
N LEU D 122 18.24 33.25 18.62
CA LEU D 122 18.53 32.04 19.40
C LEU D 122 18.72 30.93 18.40
N ASP D 123 19.58 29.98 18.73
CA ASP D 123 19.69 28.79 17.85
C ASP D 123 19.05 27.67 18.56
N GLY D 124 18.35 26.81 17.83
CA GLY D 124 17.70 25.66 18.47
C GLY D 124 17.79 24.41 17.64
N ALA D 125 17.63 23.31 18.35
CA ALA D 125 17.71 21.98 17.76
C ALA D 125 16.54 21.17 18.27
N ILE D 126 15.74 20.69 17.30
CA ILE D 126 14.56 19.83 17.56
C ILE D 126 15.02 18.38 17.60
N MET D 127 14.82 17.73 18.72
CA MET D 127 15.42 16.38 18.93
C MET D 127 14.42 15.28 18.87
N THR D 128 13.23 15.50 18.34
CA THR D 128 12.12 14.54 18.31
C THR D 128 11.35 14.65 17.02
N PRO D 129 10.64 13.60 16.55
CA PRO D 129 10.01 13.55 15.24
C PRO D 129 8.70 14.33 15.22
N ILE D 130 8.14 14.48 14.04
CA ILE D 130 6.99 15.43 13.86
C ILE D 130 5.77 15.03 14.71
N ASP D 131 5.51 13.77 15.00
N ASP D 131 5.48 13.77 14.99
CA ASP D 131 4.28 13.38 15.78
CA ASP D 131 4.25 13.42 15.75
C ASP D 131 4.36 13.84 17.22
C ASP D 131 4.33 13.99 17.17
N THR D 132 5.54 14.18 17.71
CA THR D 132 5.78 14.61 19.12
C THR D 132 5.43 16.11 19.26
N ILE D 133 5.51 16.89 18.20
CA ILE D 133 5.50 18.35 18.30
C ILE D 133 4.13 18.80 18.85
N GLY D 134 4.21 19.70 19.84
CA GLY D 134 3.00 20.17 20.49
C GLY D 134 2.65 19.27 21.65
N THR D 135 3.47 18.31 22.00
CA THR D 135 3.22 17.38 23.12
C THR D 135 4.41 17.41 24.09
N ARG D 136 4.24 16.84 25.32
CA ARG D 136 5.33 16.69 26.26
C ARG D 136 6.35 15.65 25.80
N GLY D 137 6.11 14.98 24.71
CA GLY D 137 7.12 14.06 24.17
C GLY D 137 8.11 14.79 23.30
N ALA D 138 7.89 16.02 22.93
CA ALA D 138 8.90 16.72 22.11
C ALA D 138 10.01 17.32 22.96
N SER D 139 11.21 17.50 22.44
CA SER D 139 12.33 18.14 23.11
C SER D 139 12.98 19.07 22.11
N ILE D 140 13.21 20.34 22.47
CA ILE D 140 13.93 21.32 21.65
C ILE D 140 14.99 21.92 22.57
N LEU D 141 16.20 22.01 22.07
CA LEU D 141 17.31 22.63 22.80
C LEU D 141 17.53 24.00 22.24
N PHE D 142 17.93 24.97 23.10
CA PHE D 142 18.18 26.35 22.64
C PHE D 142 19.52 26.89 23.15
N ALA D 143 20.10 27.77 22.38
CA ALA D 143 21.36 28.43 22.81
C ALA D 143 21.30 29.87 22.39
N GLY D 144 21.95 30.70 23.22
CA GLY D 144 21.96 32.15 23.03
C GLY D 144 21.64 32.83 24.34
N PRO D 145 21.34 34.16 24.27
CA PRO D 145 21.19 34.90 25.51
C PRO D 145 20.06 34.30 26.33
N GLN D 146 20.33 33.97 27.57
CA GLN D 146 19.36 33.39 28.48
C GLN D 146 18.12 34.28 28.58
N ALA D 147 18.28 35.59 28.67
CA ALA D 147 17.11 36.47 28.87
C ALA D 147 16.22 36.43 27.62
N LEU D 148 16.81 36.22 26.46
CA LEU D 148 16.07 36.17 25.20
C LEU D 148 15.26 34.87 25.18
N PHE D 149 15.83 33.76 25.63
CA PHE D 149 15.06 32.50 25.77
C PHE D 149 13.89 32.72 26.74
N ASP D 150 14.19 33.38 27.86
CA ASP D 150 13.16 33.54 28.88
C ASP D 150 12.06 34.44 28.37
N GLU D 151 12.36 35.41 27.49
CA GLU D 151 11.33 36.32 26.95
C GLU D 151 10.35 35.57 26.05
N HIS D 152 10.80 34.56 25.29
CA HIS D 152 9.99 33.87 24.29
C HIS D 152 9.54 32.48 24.73
N ARG D 153 9.95 32.01 25.88
N ARG D 153 10.00 32.06 25.89
CA ARG D 153 9.68 30.60 26.22
CA ARG D 153 9.68 30.74 26.52
C ARG D 153 8.18 30.40 26.52
C ARG D 153 8.19 30.45 26.44
N GLY D 154 7.37 31.41 26.84
CA GLY D 154 5.92 31.22 26.98
C GLY D 154 5.27 30.78 25.69
N VAL D 155 5.67 31.38 24.59
CA VAL D 155 5.15 31.03 23.28
C VAL D 155 5.79 29.70 22.85
N LEU D 156 7.08 29.55 23.02
CA LEU D 156 7.81 28.31 22.56
C LEU D 156 7.26 27.07 23.34
N ASP D 157 6.77 27.26 24.57
CA ASP D 157 6.48 26.07 25.39
C ASP D 157 5.32 25.24 24.78
N THR D 158 4.53 25.86 23.91
N THR D 158 4.44 25.77 23.92
CA THR D 158 3.46 25.22 23.14
CA THR D 158 3.40 24.89 23.33
C THR D 158 4.02 24.14 22.21
C THR D 158 4.07 23.87 22.41
N LEU D 159 5.33 24.11 22.00
CA LEU D 159 5.92 23.16 21.03
C LEU D 159 6.38 21.87 21.70
N GLY D 160 6.70 21.90 23.00
CA GLY D 160 7.31 20.72 23.63
C GLY D 160 8.09 21.14 24.89
N GLN D 161 8.87 20.20 25.39
CA GLN D 161 9.76 20.49 26.49
C GLN D 161 10.96 21.25 25.96
N LEU D 162 11.37 22.32 26.60
CA LEU D 162 12.44 23.19 26.11
C LEU D 162 13.61 23.13 27.11
N THR D 163 14.80 23.07 26.58
CA THR D 163 16.04 23.11 27.39
C THR D 163 16.97 24.14 26.85
N TRP D 164 17.31 25.14 27.67
CA TRP D 164 18.37 26.11 27.30
C TRP D 164 19.75 25.55 27.71
N VAL D 165 20.68 25.47 26.80
CA VAL D 165 21.95 24.74 27.11
C VAL D 165 23.11 25.71 27.16
N GLY D 166 22.98 26.99 26.91
CA GLY D 166 24.04 27.92 27.24
C GLY D 166 24.05 29.15 26.38
N GLU D 167 24.94 30.10 26.73
CA GLU D 167 25.03 31.38 26.02
C GLU D 167 25.64 31.28 24.64
N ASP D 168 26.61 30.38 24.43
CA ASP D 168 27.27 30.28 23.12
C ASP D 168 26.22 29.85 22.11
N HIS D 169 25.99 30.65 21.07
CA HIS D 169 24.96 30.38 20.03
C HIS D 169 25.21 29.05 19.29
N GLY D 170 26.42 28.48 19.37
CA GLY D 170 26.73 27.19 18.72
C GLY D 170 26.44 26.00 19.62
N ARG D 171 26.00 26.17 20.86
CA ARG D 171 26.01 25.06 21.81
C ARG D 171 24.85 24.06 21.59
N ALA D 172 23.68 24.53 21.16
CA ALA D 172 22.60 23.60 20.87
C ALA D 172 23.00 22.73 19.69
N ALA D 173 23.64 23.29 18.69
CA ALA D 173 24.12 22.57 17.51
C ALA D 173 25.16 21.53 17.94
N ALA D 174 25.97 21.83 18.97
CA ALA D 174 26.96 20.83 19.47
C ALA D 174 26.25 19.65 20.11
N PHE D 175 25.21 19.84 20.90
CA PHE D 175 24.43 18.71 21.39
C PHE D 175 23.82 17.96 20.19
N ASP D 176 23.27 18.70 19.22
CA ASP D 176 22.62 18.09 18.04
C ASP D 176 23.61 17.18 17.31
N MET D 177 24.86 17.66 17.11
CA MET D 177 25.86 16.84 16.35
C MET D 177 26.04 15.53 17.14
N ALA D 178 26.14 15.50 18.44
CA ALA D 178 26.38 14.27 19.21
C ALA D 178 25.14 13.39 19.20
N LEU D 179 23.97 13.98 19.41
CA LEU D 179 22.76 13.21 19.59
C LEU D 179 22.28 12.66 18.22
N LEU D 180 22.42 13.40 17.12
CA LEU D 180 22.08 12.90 15.77
C LEU D 180 23.02 11.77 15.33
N ASP D 181 24.24 11.85 15.78
CA ASP D 181 25.26 10.77 15.50
C ASP D 181 24.74 9.49 16.11
N LEU D 182 24.37 9.51 17.38
CA LEU D 182 23.79 8.36 18.05
C LEU D 182 22.55 7.88 17.26
N PHE D 183 21.62 8.81 16.97
CA PHE D 183 20.37 8.48 16.33
C PHE D 183 20.58 7.80 14.97
N TRP D 184 21.25 8.47 14.06
CA TRP D 184 21.34 7.97 12.68
C TRP D 184 22.20 6.70 12.64
N THR D 185 23.20 6.59 13.51
CA THR D 185 23.96 5.32 13.55
C THR D 185 23.05 4.17 13.92
N SER D 186 22.18 4.39 14.91
N SER D 186 22.20 4.40 14.92
CA SER D 186 21.23 3.39 15.39
CA SER D 186 21.21 3.42 15.38
C SER D 186 20.20 3.06 14.28
C SER D 186 20.22 3.07 14.26
N VAL D 187 19.71 4.05 13.55
CA VAL D 187 18.80 3.85 12.39
C VAL D 187 19.48 3.00 11.28
N GLY D 188 20.74 3.27 11.07
CA GLY D 188 21.53 2.49 10.10
C GLY D 188 21.61 1.05 10.55
N GLY D 189 21.88 0.79 11.82
CA GLY D 189 21.85 -0.54 12.43
C GLY D 189 20.52 -1.23 12.23
N PHE D 190 19.43 -0.48 12.50
CA PHE D 190 18.10 -1.07 12.46
C PHE D 190 17.72 -1.51 11.04
N GLY D 191 17.98 -0.62 10.05
CA GLY D 191 17.61 -0.93 8.67
C GLY D 191 18.39 -2.11 8.16
N HIS D 192 19.66 -2.18 8.58
CA HIS D 192 20.49 -3.35 8.25
C HIS D 192 19.94 -4.62 8.90
N ALA D 193 19.59 -4.58 10.18
CA ALA D 193 19.07 -5.74 10.94
C ALA D 193 17.79 -6.26 10.26
N LEU D 194 16.92 -5.36 9.78
CA LEU D 194 15.69 -5.84 9.17
C LEU D 194 16.04 -6.64 7.90
N MET D 195 17.04 -6.24 7.16
N MET D 195 17.05 -6.15 7.16
CA MET D 195 17.26 -7.04 5.94
CA MET D 195 17.48 -6.80 5.90
C MET D 195 17.94 -8.36 6.27
C MET D 195 18.05 -8.20 6.16
N VAL D 196 18.89 -8.32 7.17
CA VAL D 196 19.46 -9.63 7.54
C VAL D 196 18.35 -10.55 8.08
N ALA D 197 17.48 -10.09 8.98
CA ALA D 197 16.37 -10.87 9.48
C ALA D 197 15.49 -11.38 8.32
N ARG D 198 15.14 -10.51 7.39
CA ARG D 198 14.24 -10.96 6.28
C ARG D 198 14.91 -12.09 5.51
N ALA D 199 16.21 -11.99 5.26
CA ALA D 199 16.93 -13.04 4.51
C ALA D 199 16.93 -14.36 5.30
N ASN D 200 16.75 -14.37 6.60
CA ASN D 200 16.67 -15.54 7.47
C ASN D 200 15.22 -15.93 7.79
N GLY D 201 14.27 -15.38 7.04
CA GLY D 201 12.86 -15.78 7.17
C GLY D 201 12.14 -15.13 8.37
N ILE D 202 12.68 -14.01 8.84
CA ILE D 202 12.08 -13.25 9.97
C ILE D 202 11.61 -11.92 9.40
N GLU D 203 10.26 -11.78 9.23
CA GLU D 203 9.77 -10.53 8.71
C GLU D 203 9.83 -9.43 9.76
N PRO D 204 9.79 -8.16 9.33
CA PRO D 204 9.94 -7.08 10.32
C PRO D 204 8.93 -7.18 11.47
N SER D 205 7.67 -7.49 11.17
CA SER D 205 6.67 -7.62 12.25
C SER D 205 7.03 -8.68 13.28
N GLU D 206 7.73 -9.75 12.91
CA GLU D 206 8.08 -10.80 13.90
C GLU D 206 9.31 -10.31 14.67
N LEU D 207 10.19 -9.59 14.03
CA LEU D 207 11.41 -9.11 14.73
C LEU D 207 11.04 -8.02 15.76
N MET D 208 10.02 -7.20 15.48
CA MET D 208 9.86 -5.94 16.19
C MET D 208 9.67 -6.10 17.68
N PRO D 209 8.89 -7.04 18.25
CA PRO D 209 8.81 -7.12 19.71
C PRO D 209 10.17 -7.29 20.38
N HIS D 210 11.05 -8.01 19.68
CA HIS D 210 12.43 -8.25 20.18
C HIS D 210 13.32 -7.03 19.95
N ALA D 211 13.14 -6.32 18.84
CA ALA D 211 13.82 -5.05 18.58
C ALA D 211 13.50 -4.01 19.65
N HIS D 212 12.23 -3.98 20.06
CA HIS D 212 11.86 -3.09 21.17
C HIS D 212 12.55 -3.51 22.46
N GLY D 213 12.76 -4.80 22.70
CA GLY D 213 13.53 -5.27 23.86
C GLY D 213 14.97 -4.74 23.82
N ILE D 214 15.62 -4.75 22.66
CA ILE D 214 16.98 -4.17 22.50
C ILE D 214 16.95 -2.69 22.84
N VAL D 215 15.95 -1.92 22.28
CA VAL D 215 15.88 -0.49 22.64
C VAL D 215 15.74 -0.37 24.15
N GLY D 216 14.96 -1.26 24.73
CA GLY D 216 14.76 -1.24 26.19
C GLY D 216 15.97 -1.52 27.05
N ILE D 217 17.04 -2.08 26.51
CA ILE D 217 18.27 -2.31 27.33
C ILE D 217 19.25 -1.19 27.10
N LEU D 218 19.08 -0.33 26.09
CA LEU D 218 20.12 0.68 25.73
C LEU D 218 20.33 1.64 26.88
N SER D 219 19.25 2.19 27.46
CA SER D 219 19.51 3.28 28.44
C SER D 219 20.38 2.84 29.62
N PRO D 220 20.08 1.72 30.30
CA PRO D 220 20.94 1.34 31.42
C PRO D 220 22.39 1.08 30.99
N ILE D 221 22.55 0.48 29.80
CA ILE D 221 23.92 0.20 29.31
C ILE D 221 24.64 1.47 28.98
N PHE D 222 23.98 2.46 28.29
CA PHE D 222 24.57 3.75 28.01
C PHE D 222 24.92 4.49 29.31
N THR D 223 24.05 4.46 30.34
CA THR D 223 24.37 5.08 31.62
C THR D 223 25.69 4.49 32.13
N GLU D 224 25.82 3.17 32.13
CA GLU D 224 27.04 2.57 32.74
C GLU D 224 28.26 2.92 31.88
N VAL D 225 28.16 2.83 30.56
CA VAL D 225 29.25 3.20 29.63
C VAL D 225 29.67 4.63 29.88
N ALA D 226 28.72 5.58 29.97
CA ALA D 226 29.09 6.98 30.24
C ALA D 226 29.81 7.13 31.60
N GLN D 227 29.38 6.45 32.62
CA GLN D 227 30.04 6.57 33.93
C GLN D 227 31.45 5.97 33.87
N ARG D 228 31.59 4.86 33.16
CA ARG D 228 32.89 4.19 33.11
C ARG D 228 33.80 5.11 32.29
N VAL D 229 33.32 5.72 31.24
CA VAL D 229 34.11 6.70 30.45
C VAL D 229 34.54 7.88 31.33
N GLU D 230 33.63 8.43 32.10
CA GLU D 230 34.04 9.51 33.04
C GLU D 230 35.07 9.06 34.05
N ASP D 231 34.88 7.90 34.65
CA ASP D 231 35.76 7.39 35.71
C ASP D 231 37.05 6.84 35.09
N ASP D 232 37.14 6.63 33.76
CA ASP D 232 38.23 5.82 33.13
C ASP D 232 38.35 4.49 33.85
N ARG D 233 37.26 3.79 34.01
CA ARG D 233 37.17 2.50 34.74
C ARG D 233 36.60 1.49 33.77
N HIS D 234 37.47 0.58 33.30
CA HIS D 234 37.05 -0.44 32.28
C HIS D 234 37.24 -1.86 32.77
N SER D 235 37.57 -2.05 34.04
CA SER D 235 37.77 -3.33 34.72
C SER D 235 36.50 -3.93 35.26
N ASP D 236 36.55 -5.10 35.82
CA ASP D 236 35.39 -5.81 36.41
C ASP D 236 34.35 -5.88 35.28
N ALA D 237 34.77 -6.27 34.04
CA ALA D 237 33.87 -6.25 32.88
C ALA D 237 32.70 -7.17 33.12
N SER D 238 31.53 -6.71 32.70
N SER D 238 31.53 -6.71 32.69
CA SER D 238 30.38 -7.62 32.56
CA SER D 238 30.31 -7.53 32.54
C SER D 238 30.28 -8.15 31.13
C SER D 238 30.16 -8.04 31.11
N ALA D 239 30.91 -7.50 30.16
CA ALA D 239 30.90 -7.92 28.73
C ALA D 239 32.21 -7.41 28.13
N SER D 240 33.07 -8.29 27.71
CA SER D 240 34.46 -7.95 27.38
C SER D 240 34.61 -7.60 25.90
N VAL D 241 35.62 -6.80 25.60
CA VAL D 241 36.02 -6.49 24.23
C VAL D 241 36.31 -7.74 23.44
N SER D 242 37.02 -8.71 24.03
CA SER D 242 37.33 -9.95 23.29
C SER D 242 36.06 -10.71 22.92
N SER D 243 35.04 -10.67 23.79
CA SER D 243 33.80 -11.39 23.48
C SER D 243 33.11 -10.72 22.29
N VAL D 244 33.08 -9.40 22.24
N VAL D 244 33.16 -9.38 22.29
CA VAL D 244 32.40 -8.81 21.05
CA VAL D 244 32.59 -8.53 21.22
C VAL D 244 33.33 -8.94 19.83
C VAL D 244 33.35 -8.80 19.92
N ALA D 245 34.65 -9.04 20.01
CA ALA D 245 35.46 -9.27 18.81
C ALA D 245 35.05 -10.59 18.19
N SER D 246 34.66 -11.62 18.97
CA SER D 246 34.16 -12.86 18.44
C SER D 246 32.82 -12.64 17.74
N SER D 247 31.88 -12.00 18.52
CA SER D 247 30.49 -11.84 18.07
C SER D 247 30.43 -11.05 16.76
N VAL D 248 31.16 -9.95 16.68
CA VAL D 248 31.02 -9.08 15.50
C VAL D 248 31.40 -9.85 14.22
N ARG D 249 32.36 -10.77 14.34
N ARG D 249 32.38 -10.77 14.33
CA ARG D 249 32.68 -11.60 13.15
CA ARG D 249 32.70 -11.62 13.15
C ARG D 249 31.49 -12.45 12.70
C ARG D 249 31.47 -12.39 12.69
N HIS D 250 30.71 -12.96 13.63
CA HIS D 250 29.51 -13.69 13.28
C HIS D 250 28.51 -12.80 12.57
N LEU D 251 28.33 -11.60 13.12
CA LEU D 251 27.35 -10.66 12.54
C LEU D 251 27.74 -10.32 11.10
N ILE D 252 29.04 -10.10 10.88
CA ILE D 252 29.54 -9.76 9.51
C ILE D 252 29.33 -10.96 8.60
N ALA D 253 29.59 -12.15 9.09
CA ALA D 253 29.38 -13.35 8.28
C ALA D 253 27.90 -13.49 7.91
N ALA D 254 27.00 -13.24 8.86
CA ALA D 254 25.57 -13.34 8.59
C ALA D 254 25.15 -12.32 7.56
N SER D 255 25.71 -11.13 7.65
N SER D 255 25.71 -11.11 7.59
CA SER D 255 25.43 -10.03 6.71
CA SER D 255 25.37 -10.05 6.63
C SER D 255 25.81 -10.53 5.31
C SER D 255 25.82 -10.49 5.24
N ARG D 256 27.04 -11.01 5.16
CA ARG D 256 27.54 -11.45 3.82
C ARG D 256 26.64 -12.57 3.29
N GLU D 257 26.29 -13.55 4.10
N GLU D 257 26.29 -13.53 4.14
CA GLU D 257 25.43 -14.65 3.64
CA GLU D 257 25.45 -14.67 3.74
C GLU D 257 24.12 -14.07 3.10
C GLU D 257 24.08 -14.20 3.23
N ALA D 258 23.57 -13.10 3.82
CA ALA D 258 22.27 -12.52 3.45
C ALA D 258 22.38 -11.64 2.21
N GLY D 259 23.58 -11.36 1.71
CA GLY D 259 23.81 -10.48 0.56
C GLY D 259 23.58 -9.02 0.94
N VAL D 260 23.97 -8.66 2.17
CA VAL D 260 23.85 -7.27 2.66
C VAL D 260 25.24 -6.70 2.96
N ASP D 261 25.52 -5.52 2.54
CA ASP D 261 26.81 -4.86 2.86
C ASP D 261 26.95 -4.71 4.39
N ALA D 262 28.11 -4.90 4.97
CA ALA D 262 28.31 -4.80 6.44
C ALA D 262 29.21 -3.64 6.77
N GLY D 263 29.10 -2.49 6.08
CA GLY D 263 29.96 -1.35 6.33
C GLY D 263 29.96 -0.85 7.75
N LEU D 264 28.81 -0.69 8.41
CA LEU D 264 28.86 -0.16 9.76
C LEU D 264 29.54 -1.18 10.68
N LEU D 265 29.19 -2.46 10.64
CA LEU D 265 29.78 -3.48 11.54
C LEU D 265 31.28 -3.62 11.22
N GLU D 266 31.67 -3.46 9.97
CA GLU D 266 33.12 -3.54 9.66
CA GLU D 266 33.11 -3.50 9.58
C GLU D 266 33.87 -2.38 10.26
N ALA D 267 33.30 -1.18 10.25
CA ALA D 267 33.94 -0.07 10.92
C ALA D 267 34.03 -0.36 12.42
N PHE D 268 32.94 -0.86 13.04
CA PHE D 268 32.98 -1.15 14.48
C PHE D 268 34.06 -2.21 14.77
N ARG D 269 34.09 -3.27 13.97
CA ARG D 269 35.11 -4.35 14.12
C ARG D 269 36.52 -3.75 14.11
N GLY D 270 36.74 -2.75 13.28
CA GLY D 270 38.07 -2.08 13.30
C GLY D 270 38.43 -1.56 14.67
N TYR D 271 37.50 -0.89 15.33
CA TYR D 271 37.80 -0.31 16.64
C TYR D 271 37.97 -1.44 17.64
N VAL D 272 37.11 -2.43 17.61
CA VAL D 272 37.18 -3.57 18.53
C VAL D 272 38.51 -4.31 18.40
N ASP D 273 38.93 -4.56 17.19
CA ASP D 273 40.20 -5.30 17.00
C ASP D 273 41.36 -4.43 17.45
N ALA D 274 41.32 -3.12 17.20
CA ALA D 274 42.36 -2.20 17.67
C ALA D 274 42.45 -2.27 19.18
N THR D 275 41.31 -2.36 19.87
CA THR D 275 41.27 -2.39 21.34
C THR D 275 41.89 -3.70 21.83
N VAL D 276 41.60 -4.83 21.17
CA VAL D 276 42.27 -6.11 21.55
C VAL D 276 43.78 -5.99 21.34
N ALA D 277 44.16 -5.41 20.23
CA ALA D 277 45.61 -5.33 19.87
C ALA D 277 46.31 -4.41 20.84
N ALA D 278 45.65 -3.48 21.49
CA ALA D 278 46.23 -2.56 22.50
C ALA D 278 46.31 -3.24 23.87
N GLY D 279 45.89 -4.49 23.99
CA GLY D 279 45.96 -5.29 25.21
C GLY D 279 44.79 -5.17 26.15
N HIS D 280 43.66 -4.68 25.61
CA HIS D 280 42.49 -4.42 26.47
C HIS D 280 41.34 -5.37 26.13
N GLY D 281 41.60 -6.54 25.56
CA GLY D 281 40.55 -7.53 25.30
C GLY D 281 39.72 -7.94 26.49
N ASP D 282 40.24 -7.89 27.73
CA ASP D 282 39.44 -8.31 28.90
C ASP D 282 38.69 -7.11 29.46
N ASP D 283 38.91 -5.94 28.98
CA ASP D 283 38.15 -4.73 29.44
C ASP D 283 36.70 -4.75 28.99
N GLU D 284 35.91 -4.00 29.75
CA GLU D 284 34.50 -3.71 29.37
C GLU D 284 34.52 -3.03 28.02
N ILE D 285 33.37 -3.18 27.33
CA ILE D 285 33.18 -2.58 26.02
C ILE D 285 33.17 -1.08 26.02
N SER D 286 33.17 -0.37 27.21
CA SER D 286 33.35 1.07 27.32
C SER D 286 34.69 1.53 26.81
N ARG D 287 35.68 0.63 26.68
CA ARG D 287 37.01 0.99 26.23
C ARG D 287 37.08 1.16 24.72
N ILE D 288 36.19 0.51 23.98
CA ILE D 288 36.30 0.44 22.49
C ILE D 288 36.43 1.83 21.92
N ALA D 289 35.61 2.79 22.38
CA ALA D 289 35.53 4.09 21.70
C ALA D 289 36.88 4.81 21.74
N SER D 290 37.73 4.51 22.72
N SER D 290 37.77 4.45 22.69
CA SER D 290 39.07 5.17 22.76
CA SER D 290 39.09 5.13 22.78
C SER D 290 39.78 5.03 21.40
C SER D 290 39.94 4.90 21.50
N GLU D 291 39.64 3.88 20.72
CA GLU D 291 40.31 3.56 19.45
C GLU D 291 39.68 4.29 18.27
N MET D 292 38.65 5.11 18.50
CA MET D 292 38.05 5.93 17.44
C MET D 292 38.86 7.19 17.18
N THR D 293 39.87 7.50 17.98
CA THR D 293 40.59 8.79 17.80
C THR D 293 41.42 8.73 16.50
N THR D 294 41.58 9.86 15.78
CA THR D 294 42.24 9.85 14.41
C THR D 294 43.77 9.86 14.56
N THR E 9 -19.32 -21.94 -40.91
CA THR E 9 -17.99 -21.65 -41.57
C THR E 9 -16.93 -22.34 -40.68
N THR E 10 -16.93 -23.68 -40.71
CA THR E 10 -15.85 -24.55 -40.18
C THR E 10 -14.57 -24.05 -40.83
N PRO E 11 -13.50 -23.83 -40.06
CA PRO E 11 -12.29 -23.33 -40.66
C PRO E 11 -11.71 -24.21 -41.75
N THR E 12 -11.15 -23.58 -42.76
CA THR E 12 -10.46 -24.24 -43.86
C THR E 12 -8.96 -23.96 -43.77
N VAL E 13 -8.15 -24.99 -43.89
N VAL E 13 -8.16 -25.02 -43.80
CA VAL E 13 -6.69 -24.85 -43.70
CA VAL E 13 -6.70 -24.94 -43.70
C VAL E 13 -6.02 -25.82 -44.65
C VAL E 13 -6.10 -25.80 -44.80
N THR E 14 -5.05 -25.34 -45.43
CA THR E 14 -4.21 -26.13 -46.33
C THR E 14 -2.85 -26.33 -45.72
N VAL E 15 -2.33 -27.55 -45.84
CA VAL E 15 -0.95 -27.85 -45.48
C VAL E 15 -0.23 -28.27 -46.72
N LEU E 16 0.83 -27.55 -47.04
CA LEU E 16 1.73 -27.82 -48.16
C LEU E 16 3.03 -28.32 -47.60
N GLY E 17 3.38 -29.58 -47.87
CA GLY E 17 4.56 -30.22 -47.32
C GLY E 17 4.16 -31.27 -46.34
N LEU E 18 4.36 -32.53 -46.74
CA LEU E 18 3.84 -33.71 -45.96
C LEU E 18 5.00 -34.63 -45.66
N GLY E 19 6.16 -34.08 -45.29
CA GLY E 19 7.15 -34.78 -44.51
C GLY E 19 6.60 -35.09 -43.12
N PRO E 20 7.44 -35.59 -42.20
CA PRO E 20 6.93 -35.98 -40.89
C PRO E 20 6.23 -34.86 -40.13
N MET E 21 6.83 -33.65 -40.18
CA MET E 21 6.18 -32.56 -39.47
C MET E 21 4.89 -32.11 -40.17
N GLY E 22 4.83 -32.04 -41.48
CA GLY E 22 3.60 -31.66 -42.19
C GLY E 22 2.47 -32.66 -41.93
N GLN E 23 2.82 -33.92 -41.85
CA GLN E 23 1.87 -34.99 -41.45
C GLN E 23 1.37 -34.72 -40.05
N ALA E 24 2.26 -34.41 -39.10
CA ALA E 24 1.84 -34.14 -37.71
C ALA E 24 0.91 -32.93 -37.65
N LEU E 25 1.23 -31.85 -38.36
CA LEU E 25 0.36 -30.65 -38.34
C LEU E 25 -1.01 -31.02 -38.90
N SER E 26 -1.00 -31.75 -40.02
CA SER E 26 -2.26 -32.15 -40.70
C SER E 26 -3.09 -33.01 -39.73
N ARG E 27 -2.50 -33.95 -39.08
CA ARG E 27 -3.28 -34.81 -38.16
C ARG E 27 -3.90 -33.98 -37.07
N ALA E 28 -3.19 -33.02 -36.51
CA ALA E 28 -3.74 -32.21 -35.41
C ALA E 28 -4.93 -31.39 -35.88
N LEU E 29 -4.81 -30.80 -37.08
CA LEU E 29 -5.89 -29.99 -37.64
C LEU E 29 -7.09 -30.88 -37.95
N LEU E 30 -6.85 -32.07 -38.48
CA LEU E 30 -7.98 -33.01 -38.76
C LEU E 30 -8.64 -33.42 -37.46
N ASP E 31 -7.87 -33.70 -36.45
CA ASP E 31 -8.40 -34.11 -35.14
C ASP E 31 -9.34 -33.02 -34.61
N ALA E 32 -9.06 -31.76 -34.89
CA ALA E 32 -9.90 -30.66 -34.37
C ALA E 32 -11.18 -30.46 -35.19
N GLY E 33 -11.37 -31.20 -36.30
CA GLY E 33 -12.58 -31.07 -37.12
C GLY E 33 -12.47 -30.03 -38.19
N HIS E 34 -11.25 -29.52 -38.47
CA HIS E 34 -11.12 -28.53 -39.52
C HIS E 34 -11.26 -29.15 -40.90
N THR E 35 -11.57 -28.36 -41.92
CA THR E 35 -11.57 -28.83 -43.30
C THR E 35 -10.16 -28.67 -43.82
N VAL E 36 -9.41 -29.73 -43.92
CA VAL E 36 -7.97 -29.73 -44.23
C VAL E 36 -7.74 -30.20 -45.65
N THR E 37 -7.04 -29.44 -46.46
CA THR E 37 -6.58 -29.77 -47.79
C THR E 37 -5.08 -29.96 -47.71
N VAL E 38 -4.55 -30.99 -48.33
CA VAL E 38 -3.07 -31.24 -48.29
C VAL E 38 -2.51 -31.27 -49.67
N TRP E 39 -1.23 -30.99 -49.79
CA TRP E 39 -0.49 -31.10 -51.03
C TRP E 39 0.96 -31.41 -50.68
N ASN E 40 1.58 -32.24 -51.47
CA ASN E 40 3.00 -32.49 -51.40
C ASN E 40 3.59 -32.65 -52.79
N ARG E 41 4.83 -32.28 -52.96
CA ARG E 41 5.54 -32.51 -54.23
C ARG E 41 5.46 -34.00 -54.62
N THR E 42 5.70 -34.92 -53.70
CA THR E 42 5.55 -36.37 -53.88
C THR E 42 4.14 -36.70 -53.43
N GLU E 43 3.23 -36.90 -54.38
CA GLU E 43 1.79 -36.95 -54.12
C GLU E 43 1.40 -38.17 -53.31
N SER E 44 2.14 -39.24 -53.39
CA SER E 44 1.87 -40.50 -52.66
C SER E 44 1.79 -40.23 -51.17
N LYS E 45 2.52 -39.24 -50.64
CA LYS E 45 2.54 -39.06 -49.20
C LYS E 45 1.22 -38.54 -48.70
N ALA E 46 0.33 -38.08 -49.52
CA ALA E 46 -1.00 -37.57 -49.08
C ALA E 46 -1.92 -38.72 -48.61
N GLN E 47 -1.75 -39.94 -49.09
CA GLN E 47 -2.80 -40.96 -48.82
C GLN E 47 -3.00 -41.20 -47.34
N ALA E 48 -2.00 -41.20 -46.50
CA ALA E 48 -2.17 -41.44 -45.06
C ALA E 48 -3.11 -40.37 -44.49
N LEU E 49 -3.02 -39.15 -45.01
CA LEU E 49 -3.86 -38.05 -44.49
C LEU E 49 -5.27 -38.10 -45.09
N ARG E 50 -5.40 -38.47 -46.36
CA ARG E 50 -6.73 -38.76 -46.95
C ARG E 50 -7.45 -39.76 -46.05
N ASP E 51 -6.77 -40.79 -45.60
CA ASP E 51 -7.40 -41.81 -44.74
C ASP E 51 -7.94 -41.25 -43.44
N ARG E 52 -7.37 -40.13 -42.97
N ARG E 52 -7.36 -40.14 -42.97
CA ARG E 52 -7.75 -39.44 -41.71
CA ARG E 52 -7.73 -39.45 -41.70
C ARG E 52 -8.69 -38.23 -41.93
C ARG E 52 -8.70 -38.27 -41.92
N GLY E 53 -9.14 -38.07 -43.16
CA GLY E 53 -10.17 -37.10 -43.48
C GLY E 53 -9.74 -35.91 -44.26
N ALA E 54 -8.49 -35.88 -44.68
CA ALA E 54 -8.00 -34.80 -45.53
C ALA E 54 -8.54 -34.89 -46.94
N LEU E 55 -8.68 -33.77 -47.56
CA LEU E 55 -8.81 -33.62 -49.03
C LEU E 55 -7.45 -33.40 -49.66
N SER E 56 -7.10 -34.00 -50.78
CA SER E 56 -5.86 -33.63 -51.48
C SER E 56 -6.19 -32.74 -52.67
N ALA E 57 -5.22 -31.92 -53.04
CA ALA E 57 -5.28 -31.04 -54.21
C ALA E 57 -4.12 -31.38 -55.09
N PRO E 58 -4.30 -31.25 -56.41
CA PRO E 58 -3.26 -31.68 -57.33
C PRO E 58 -2.07 -30.76 -57.51
N THR E 59 -2.25 -29.49 -57.15
CA THR E 59 -1.23 -28.47 -57.40
C THR E 59 -1.16 -27.54 -56.20
N PRO E 60 -0.08 -26.78 -56.03
CA PRO E 60 -0.05 -25.75 -54.99
C PRO E 60 -1.12 -24.69 -55.15
N ALA E 61 -1.41 -24.30 -56.40
CA ALA E 61 -2.46 -23.30 -56.61
C ALA E 61 -3.82 -23.81 -56.16
N ALA E 62 -4.17 -25.02 -56.56
CA ALA E 62 -5.47 -25.57 -56.18
C ALA E 62 -5.53 -25.76 -54.66
N ALA E 63 -4.42 -26.19 -54.08
CA ALA E 63 -4.41 -26.43 -52.62
C ALA E 63 -4.64 -25.11 -51.87
N ILE E 64 -3.91 -24.06 -52.22
CA ILE E 64 -4.06 -22.76 -51.54
C ILE E 64 -5.45 -22.20 -51.78
N ALA E 65 -5.98 -22.32 -52.99
CA ALA E 65 -7.29 -21.78 -53.33
C ALA E 65 -8.39 -22.48 -52.56
N ALA E 66 -8.18 -23.65 -51.97
CA ALA E 66 -9.21 -24.38 -51.22
C ALA E 66 -9.48 -23.75 -49.89
N SER E 67 -8.54 -22.97 -49.32
CA SER E 67 -8.62 -22.60 -47.89
C SER E 67 -8.40 -21.11 -47.62
N ASP E 68 -8.80 -20.69 -46.43
CA ASP E 68 -8.53 -19.30 -45.99
C ASP E 68 -7.09 -19.20 -45.50
N LEU E 69 -6.46 -20.28 -45.01
CA LEU E 69 -5.18 -20.30 -44.31
C LEU E 69 -4.33 -21.42 -44.90
N ALA E 70 -3.13 -21.12 -45.31
CA ALA E 70 -2.20 -22.12 -45.88
C ALA E 70 -0.97 -22.16 -44.98
N LEU E 71 -0.53 -23.34 -44.57
CA LEU E 71 0.68 -23.55 -43.80
C LEU E 71 1.69 -24.21 -44.71
N VAL E 72 2.91 -23.72 -44.80
CA VAL E 72 3.96 -24.27 -45.68
C VAL E 72 5.13 -24.82 -44.86
N ASN E 73 5.20 -26.16 -44.81
CA ASN E 73 6.10 -26.86 -43.89
C ASN E 73 6.96 -27.79 -44.71
N VAL E 74 8.04 -27.23 -45.19
CA VAL E 74 9.03 -27.88 -46.06
C VAL E 74 10.45 -27.58 -45.60
N VAL E 75 11.43 -28.15 -46.25
CA VAL E 75 12.81 -28.15 -45.73
C VAL E 75 13.35 -26.73 -45.51
N ASP E 76 13.09 -25.82 -46.43
CA ASP E 76 13.70 -24.47 -46.32
C ASP E 76 12.89 -23.52 -47.17
N HIS E 77 13.33 -22.24 -47.19
CA HIS E 77 12.57 -21.26 -47.98
C HIS E 77 12.88 -21.27 -49.49
N ASP E 78 13.92 -21.93 -49.96
CA ASP E 78 13.99 -22.25 -51.39
C ASP E 78 12.79 -23.12 -51.78
N ALA E 79 12.47 -24.12 -50.95
CA ALA E 79 11.26 -24.93 -51.24
C ALA E 79 10.00 -24.12 -51.06
N VAL E 80 9.86 -23.34 -50.00
CA VAL E 80 8.65 -22.51 -49.80
C VAL E 80 8.46 -21.60 -51.01
N ASP E 81 9.53 -20.96 -51.44
CA ASP E 81 9.33 -19.96 -52.50
C ASP E 81 9.05 -20.67 -53.88
N ALA E 82 9.59 -21.87 -54.09
CA ALA E 82 9.25 -22.64 -55.30
C ALA E 82 7.78 -23.04 -55.28
N ILE E 83 7.26 -23.41 -54.12
CA ILE E 83 5.86 -23.73 -54.00
C ILE E 83 5.02 -22.48 -54.28
N LEU E 84 5.39 -21.35 -53.66
CA LEU E 84 4.58 -20.12 -53.90
C LEU E 84 4.66 -19.68 -55.35
N THR E 85 5.78 -19.84 -56.02
CA THR E 85 5.85 -19.51 -57.48
C THR E 85 4.82 -20.35 -58.23
N ALA E 86 4.80 -21.65 -57.96
CA ALA E 86 3.86 -22.56 -58.62
C ALA E 86 2.44 -22.13 -58.29
N ALA E 87 2.15 -21.59 -57.08
CA ALA E 87 0.78 -21.22 -56.69
C ALA E 87 0.27 -19.96 -57.41
N GLY E 88 1.19 -19.15 -57.94
CA GLY E 88 0.79 -17.95 -58.69
C GLY E 88 -0.06 -17.03 -57.88
N ASP E 89 -1.24 -16.63 -58.37
N ASP E 89 -1.25 -16.71 -58.39
CA ASP E 89 -2.09 -15.68 -57.59
CA ASP E 89 -2.15 -15.73 -57.73
C ASP E 89 -3.09 -16.41 -56.68
C ASP E 89 -3.02 -16.38 -56.65
N ALA E 90 -2.88 -17.70 -56.42
CA ALA E 90 -3.79 -18.38 -55.47
C ALA E 90 -3.79 -17.78 -54.08
N PRO E 91 -2.69 -17.24 -53.54
CA PRO E 91 -2.72 -16.63 -52.20
C PRO E 91 -3.54 -15.34 -52.08
N ALA E 92 -3.98 -14.74 -53.17
CA ALA E 92 -4.69 -13.46 -53.05
C ALA E 92 -5.88 -13.57 -52.12
N GLY E 93 -5.95 -12.68 -51.17
CA GLY E 93 -6.99 -12.63 -50.18
C GLY E 93 -6.91 -13.67 -49.07
N ARG E 94 -5.82 -14.40 -49.06
CA ARG E 94 -5.66 -15.50 -48.07
C ARG E 94 -4.47 -15.19 -47.19
N THR E 95 -4.34 -15.96 -46.13
CA THR E 95 -3.21 -15.94 -45.22
C THR E 95 -2.30 -17.13 -45.46
N VAL E 96 -1.01 -16.88 -45.60
CA VAL E 96 0.03 -17.93 -45.72
C VAL E 96 0.86 -17.77 -44.46
N ILE E 97 1.18 -18.91 -43.83
CA ILE E 97 2.11 -19.01 -42.72
C ILE E 97 3.27 -19.90 -43.12
N GLY E 98 4.48 -19.39 -43.21
CA GLY E 98 5.67 -20.20 -43.43
C GLY E 98 6.05 -20.88 -42.15
N LEU E 99 6.21 -22.20 -42.15
CA LEU E 99 6.70 -22.97 -40.98
C LEU E 99 7.86 -23.80 -41.45
N SER E 100 8.81 -23.22 -42.15
CA SER E 100 9.96 -23.91 -42.74
C SER E 100 11.24 -23.23 -42.29
N SER E 101 12.14 -23.93 -41.61
CA SER E 101 13.25 -23.26 -40.90
C SER E 101 14.23 -22.66 -41.88
N ASP E 102 14.45 -21.36 -41.73
CA ASP E 102 15.44 -20.66 -42.55
C ASP E 102 15.76 -19.34 -41.84
N THR E 103 16.55 -18.50 -42.51
CA THR E 103 17.07 -17.29 -41.87
C THR E 103 16.05 -16.16 -41.85
N PRO E 104 16.28 -15.14 -41.02
CA PRO E 104 15.42 -13.98 -41.01
C PRO E 104 15.22 -13.30 -42.34
N ASP E 105 16.29 -13.17 -43.10
CA ASP E 105 16.09 -12.47 -44.40
C ASP E 105 15.21 -13.28 -45.37
N ARG E 106 15.22 -14.63 -45.26
CA ARG E 106 14.37 -15.42 -46.12
C ARG E 106 12.95 -15.33 -45.63
N ALA E 107 12.68 -15.19 -44.35
CA ALA E 107 11.32 -15.00 -43.86
C ALA E 107 10.76 -13.68 -44.40
N ARG E 108 11.59 -12.64 -44.33
N ARG E 108 11.56 -12.61 -44.38
CA ARG E 108 11.12 -11.32 -44.84
CA ARG E 108 11.05 -11.31 -44.88
C ARG E 108 10.89 -11.32 -46.35
C ARG E 108 10.82 -11.36 -46.39
N ARG E 109 11.76 -11.96 -47.13
CA ARG E 109 11.58 -12.11 -48.56
C ARG E 109 10.27 -12.81 -48.90
N THR E 110 10.06 -13.95 -48.22
CA THR E 110 8.85 -14.74 -48.48
C THR E 110 7.61 -13.88 -48.16
N ALA E 111 7.64 -13.13 -47.03
CA ALA E 111 6.52 -12.24 -46.72
C ALA E 111 6.17 -11.33 -47.89
N LYS E 112 7.22 -10.84 -48.50
N LYS E 112 7.20 -10.79 -48.52
CA LYS E 112 7.02 -9.94 -49.65
CA LYS E 112 6.98 -9.93 -49.72
C LYS E 112 6.50 -10.72 -50.86
C LYS E 112 6.46 -10.74 -50.91
N LEU E 113 6.97 -11.93 -51.16
CA LEU E 113 6.44 -12.73 -52.25
C LEU E 113 4.94 -12.97 -52.07
N VAL E 114 4.51 -13.22 -50.84
CA VAL E 114 3.07 -13.43 -50.55
C VAL E 114 2.34 -12.08 -50.65
N GLY E 115 2.83 -11.01 -50.09
CA GLY E 115 2.12 -9.72 -50.18
C GLY E 115 2.00 -9.27 -51.64
N ASN E 116 2.98 -9.57 -52.46
CA ASN E 116 2.99 -9.07 -53.86
C ASN E 116 1.92 -9.73 -54.68
N VAL E 117 1.34 -10.88 -54.31
CA VAL E 117 0.20 -11.50 -55.00
C VAL E 117 -1.09 -11.25 -54.24
N GLY E 118 -1.09 -10.42 -53.21
CA GLY E 118 -2.32 -10.04 -52.53
C GLY E 118 -2.62 -10.90 -51.31
N GLY E 119 -1.68 -11.75 -50.93
CA GLY E 119 -1.80 -12.51 -49.69
C GLY E 119 -1.31 -11.73 -48.51
N ARG E 120 -1.45 -12.32 -47.33
CA ARG E 120 -0.96 -11.78 -46.07
C ARG E 120 -0.16 -12.88 -45.37
N TYR E 121 0.89 -12.52 -44.70
CA TYR E 121 1.86 -13.56 -44.26
C TYR E 121 2.11 -13.44 -42.76
N LEU E 122 2.28 -14.59 -42.10
CA LEU E 122 2.98 -14.70 -40.83
C LEU E 122 4.13 -15.69 -41.00
N ASP E 123 5.26 -15.48 -40.33
CA ASP E 123 6.32 -16.47 -40.29
C ASP E 123 6.22 -17.19 -38.96
N GLY E 124 6.51 -18.46 -38.92
CA GLY E 124 6.53 -19.24 -37.68
C GLY E 124 7.66 -20.21 -37.67
N ALA E 125 8.02 -20.63 -36.46
CA ALA E 125 9.08 -21.60 -36.20
C ALA E 125 8.57 -22.58 -35.12
N ILE E 126 8.55 -23.85 -35.52
CA ILE E 126 8.10 -24.95 -34.63
C ILE E 126 9.32 -25.43 -33.86
N MET E 127 9.24 -25.38 -32.51
CA MET E 127 10.42 -25.60 -31.66
C MET E 127 10.38 -26.92 -30.90
N THR E 128 9.52 -27.81 -31.33
CA THR E 128 9.33 -29.11 -30.64
C THR E 128 9.14 -30.21 -31.67
N PRO E 129 9.38 -31.48 -31.31
CA PRO E 129 9.35 -32.60 -32.26
C PRO E 129 7.93 -33.02 -32.56
N ILE E 130 7.82 -33.96 -33.50
CA ILE E 130 6.48 -34.27 -34.08
C ILE E 130 5.55 -34.86 -33.04
N ASP E 131 6.02 -35.61 -32.04
N ASP E 131 6.06 -35.60 -32.04
CA ASP E 131 5.09 -36.27 -31.12
CA ASP E 131 5.17 -36.28 -31.10
C ASP E 131 4.44 -35.27 -30.15
C ASP E 131 4.40 -35.27 -30.27
N THR E 132 4.94 -34.03 -30.12
CA THR E 132 4.35 -32.98 -29.29
C THR E 132 3.20 -32.27 -29.99
N ILE E 133 3.10 -32.32 -31.31
CA ILE E 133 2.15 -31.48 -32.04
C ILE E 133 0.73 -31.85 -31.65
N GLY E 134 -0.11 -30.88 -31.47
CA GLY E 134 -1.50 -31.12 -31.07
C GLY E 134 -1.61 -31.28 -29.59
N THR E 135 -0.57 -31.02 -28.82
CA THR E 135 -0.56 -31.13 -27.36
C THR E 135 0.00 -29.84 -26.77
N ARG E 136 -0.14 -29.67 -25.46
CA ARG E 136 0.42 -28.53 -24.75
C ARG E 136 1.95 -28.59 -24.66
N GLY E 137 2.60 -29.67 -25.06
CA GLY E 137 4.04 -29.79 -25.06
C GLY E 137 4.68 -29.14 -26.28
N ALA E 138 3.86 -28.83 -27.27
CA ALA E 138 4.43 -28.17 -28.46
C ALA E 138 4.56 -26.68 -28.24
N SER E 139 5.51 -26.10 -28.93
CA SER E 139 5.74 -24.64 -28.93
C SER E 139 6.01 -24.19 -30.35
N ILE E 140 5.26 -23.15 -30.76
CA ILE E 140 5.43 -22.55 -32.13
C ILE E 140 5.53 -21.04 -31.91
N LEU E 141 6.54 -20.43 -32.53
CA LEU E 141 6.76 -18.96 -32.46
C LEU E 141 6.32 -18.34 -33.75
N PHE E 142 5.74 -17.13 -33.63
CA PHE E 142 5.18 -16.44 -34.81
C PHE E 142 5.64 -15.00 -34.86
N ALA E 143 5.76 -14.49 -36.07
CA ALA E 143 6.11 -13.07 -36.27
C ALA E 143 5.36 -12.52 -37.48
N GLY E 144 5.04 -11.22 -37.40
CA GLY E 144 4.23 -10.53 -38.39
C GLY E 144 3.15 -9.76 -37.67
N PRO E 145 2.14 -9.27 -38.46
CA PRO E 145 1.18 -8.40 -37.77
C PRO E 145 0.44 -9.09 -36.61
N GLN E 146 0.43 -8.43 -35.48
CA GLN E 146 -0.16 -9.02 -34.28
C GLN E 146 -1.64 -9.37 -34.50
N ALA E 147 -2.38 -8.48 -35.15
CA ALA E 147 -3.80 -8.72 -35.37
C ALA E 147 -4.01 -9.94 -36.28
N LEU E 148 -3.11 -10.15 -37.24
CA LEU E 148 -3.23 -11.29 -38.13
C LEU E 148 -2.96 -12.58 -37.36
N PHE E 149 -2.00 -12.59 -36.46
CA PHE E 149 -1.80 -13.73 -35.51
C PHE E 149 -3.09 -13.90 -34.66
N ASP E 150 -3.65 -12.83 -34.15
CA ASP E 150 -4.89 -12.96 -33.34
C ASP E 150 -6.01 -13.55 -34.17
N GLU E 151 -6.13 -13.19 -35.45
CA GLU E 151 -7.20 -13.69 -36.32
C GLU E 151 -7.15 -15.20 -36.45
N HIS E 152 -5.95 -15.79 -36.51
CA HIS E 152 -5.80 -17.23 -36.75
C HIS E 152 -5.52 -18.01 -35.46
N ARG E 153 -5.46 -17.36 -34.30
CA ARG E 153 -5.03 -18.08 -33.09
CA ARG E 153 -5.18 -17.98 -32.97
C ARG E 153 -6.03 -19.20 -32.82
N GLY E 154 -7.31 -19.08 -33.07
CA GLY E 154 -8.28 -20.14 -32.74
C GLY E 154 -7.96 -21.44 -33.47
N VAL E 155 -7.62 -21.35 -34.72
CA VAL E 155 -7.19 -22.51 -35.51
C VAL E 155 -5.78 -22.95 -35.06
N LEU E 156 -4.83 -22.06 -34.93
CA LEU E 156 -3.43 -22.41 -34.65
C LEU E 156 -3.35 -23.02 -33.24
N ASP E 157 -4.20 -22.64 -32.28
CA ASP E 157 -4.10 -23.14 -30.87
C ASP E 157 -4.23 -24.66 -30.86
N THR E 158 -4.82 -25.29 -31.88
N THR E 158 -4.83 -25.30 -31.85
CA THR E 158 -4.96 -26.74 -32.02
CA THR E 158 -4.93 -26.76 -31.84
C THR E 158 -3.56 -27.36 -31.95
C THR E 158 -3.61 -27.43 -32.24
N LEU E 159 -2.58 -26.66 -32.52
CA LEU E 159 -1.27 -27.27 -32.79
C LEU E 159 -0.41 -27.33 -31.56
N GLY E 160 -0.54 -26.41 -30.64
CA GLY E 160 0.38 -26.29 -29.53
C GLY E 160 0.27 -24.95 -28.82
N GLN E 161 1.16 -24.70 -27.93
CA GLN E 161 1.30 -23.38 -27.28
C GLN E 161 1.94 -22.43 -28.26
N LEU E 162 1.37 -21.26 -28.41
CA LEU E 162 1.84 -20.30 -29.41
C LEU E 162 2.43 -19.11 -28.69
N THR E 163 3.46 -18.56 -29.29
CA THR E 163 4.06 -17.30 -28.80
C THR E 163 4.28 -16.35 -29.98
N TRP E 164 3.70 -15.18 -29.96
CA TRP E 164 3.96 -14.13 -30.95
C TRP E 164 5.15 -13.35 -30.45
N VAL E 165 6.17 -13.20 -31.28
CA VAL E 165 7.44 -12.59 -30.83
C VAL E 165 7.70 -11.25 -31.49
N GLY E 166 6.85 -10.71 -32.33
CA GLY E 166 7.02 -9.35 -32.83
C GLY E 166 6.53 -9.12 -34.22
N GLU E 167 6.48 -7.84 -34.63
CA GLU E 167 5.96 -7.42 -35.93
C GLU E 167 6.91 -7.73 -37.06
N ASP E 168 8.23 -7.70 -36.78
CA ASP E 168 9.20 -7.93 -37.88
C ASP E 168 9.06 -9.36 -38.38
N HIS E 169 8.78 -9.55 -39.67
CA HIS E 169 8.49 -10.91 -40.19
C HIS E 169 9.70 -11.83 -39.97
N GLY E 170 10.90 -11.34 -39.72
CA GLY E 170 12.10 -12.19 -39.54
C GLY E 170 12.32 -12.59 -38.13
N ARG E 171 11.51 -12.14 -37.17
CA ARG E 171 11.91 -12.29 -35.74
C ARG E 171 11.72 -13.70 -35.20
N ALA E 172 10.75 -14.45 -35.70
CA ALA E 172 10.61 -15.84 -35.23
C ALA E 172 11.80 -16.64 -35.71
N ALA E 173 12.24 -16.35 -36.94
CA ALA E 173 13.42 -16.98 -37.51
C ALA E 173 14.66 -16.66 -36.68
N ALA E 174 14.76 -15.42 -36.19
CA ALA E 174 15.89 -15.04 -35.33
C ALA E 174 15.91 -15.86 -34.05
N PHE E 175 14.77 -16.05 -33.37
CA PHE E 175 14.69 -16.95 -32.22
C PHE E 175 15.14 -18.35 -32.68
N ASP E 176 14.61 -18.80 -33.81
CA ASP E 176 14.91 -20.18 -34.32
C ASP E 176 16.41 -20.37 -34.50
N MET E 177 17.11 -19.38 -35.07
CA MET E 177 18.56 -19.50 -35.27
C MET E 177 19.25 -19.75 -33.90
N ALA E 178 18.88 -19.00 -32.89
CA ALA E 178 19.54 -19.16 -31.56
C ALA E 178 19.17 -20.49 -30.95
N LEU E 179 17.89 -20.85 -30.94
CA LEU E 179 17.40 -22.02 -30.23
C LEU E 179 17.89 -23.30 -30.91
N LEU E 180 17.92 -23.30 -32.25
CA LEU E 180 18.39 -24.49 -32.99
C LEU E 180 19.91 -24.67 -32.81
N ASP E 181 20.66 -23.60 -32.68
CA ASP E 181 22.09 -23.67 -32.38
C ASP E 181 22.27 -24.42 -31.07
N LEU E 182 21.56 -23.98 -30.05
CA LEU E 182 21.64 -24.71 -28.75
C LEU E 182 21.28 -26.17 -28.90
N PHE E 183 20.15 -26.46 -29.57
CA PHE E 183 19.64 -27.83 -29.75
C PHE E 183 20.64 -28.72 -30.50
N TRP E 184 21.04 -28.33 -31.69
CA TRP E 184 21.86 -29.21 -32.50
C TRP E 184 23.26 -29.36 -31.91
N THR E 185 23.78 -28.32 -31.27
CA THR E 185 25.09 -28.45 -30.61
C THR E 185 24.99 -29.52 -29.54
N SER E 186 23.91 -29.48 -28.74
N SER E 186 23.90 -29.46 -28.76
CA SER E 186 23.68 -30.47 -27.64
CA SER E 186 23.64 -30.44 -27.66
C SER E 186 23.51 -31.88 -28.22
C SER E 186 23.51 -31.86 -28.23
N VAL E 187 22.79 -32.03 -29.33
CA VAL E 187 22.65 -33.33 -30.01
C VAL E 187 24.03 -33.82 -30.49
N GLY E 188 24.84 -32.96 -31.06
CA GLY E 188 26.22 -33.30 -31.44
C GLY E 188 26.97 -33.85 -30.23
N GLY E 189 26.89 -33.17 -29.10
CA GLY E 189 27.56 -33.64 -27.87
C GLY E 189 27.03 -34.98 -27.41
N PHE E 190 25.72 -35.20 -27.48
CA PHE E 190 25.10 -36.44 -27.04
C PHE E 190 25.58 -37.63 -27.88
N GLY E 191 25.50 -37.46 -29.20
CA GLY E 191 25.87 -38.61 -30.04
C GLY E 191 27.34 -38.93 -29.86
N HIS E 192 28.19 -37.95 -29.69
CA HIS E 192 29.65 -38.15 -29.41
C HIS E 192 29.80 -38.89 -28.05
N ALA E 193 29.08 -38.45 -27.03
CA ALA E 193 29.14 -39.04 -25.69
C ALA E 193 28.76 -40.49 -25.72
N LEU E 194 27.77 -40.89 -26.46
CA LEU E 194 27.37 -42.30 -26.57
C LEU E 194 28.53 -43.11 -27.17
N MET E 195 29.18 -42.53 -28.15
N MET E 195 29.23 -42.57 -28.12
CA MET E 195 30.28 -43.23 -28.88
CA MET E 195 30.29 -43.39 -28.76
C MET E 195 31.45 -43.46 -27.92
C MET E 195 31.48 -43.53 -27.82
N VAL E 196 31.83 -42.47 -27.11
CA VAL E 196 32.94 -42.57 -26.15
C VAL E 196 32.55 -43.53 -25.04
N ALA E 197 31.34 -43.48 -24.53
CA ALA E 197 30.87 -44.38 -23.48
C ALA E 197 30.90 -45.84 -23.99
N ARG E 198 30.44 -46.07 -25.19
CA ARG E 198 30.44 -47.48 -25.73
C ARG E 198 31.85 -48.00 -25.80
N ALA E 199 32.80 -47.23 -26.24
CA ALA E 199 34.23 -47.61 -26.34
C ALA E 199 34.79 -47.98 -25.00
N ASN E 200 34.21 -47.45 -23.92
CA ASN E 200 34.62 -47.71 -22.55
C ASN E 200 33.70 -48.70 -21.85
N GLY E 201 32.90 -49.44 -22.58
CA GLY E 201 32.15 -50.51 -21.98
C GLY E 201 30.87 -50.09 -21.30
N ILE E 202 30.38 -48.91 -21.67
CA ILE E 202 29.12 -48.37 -21.13
C ILE E 202 28.13 -48.24 -22.29
N GLU E 203 27.17 -49.14 -22.30
CA GLU E 203 26.18 -49.16 -23.39
C GLU E 203 25.24 -47.98 -23.20
N PRO E 204 24.54 -47.53 -24.24
CA PRO E 204 23.67 -46.39 -24.07
C PRO E 204 22.62 -46.55 -22.98
N SER E 205 22.03 -47.73 -22.79
CA SER E 205 21.04 -47.96 -21.78
C SER E 205 21.61 -47.74 -20.37
N GLU E 206 22.89 -48.02 -20.15
CA GLU E 206 23.50 -47.84 -18.83
C GLU E 206 23.84 -46.37 -18.68
N LEU E 207 24.27 -45.68 -19.73
CA LEU E 207 24.57 -44.22 -19.62
C LEU E 207 23.28 -43.43 -19.35
N MET E 208 22.14 -43.81 -19.92
CA MET E 208 21.01 -42.87 -20.08
C MET E 208 20.48 -42.30 -18.76
N PRO E 209 20.35 -43.04 -17.64
CA PRO E 209 19.85 -42.45 -16.43
C PRO E 209 20.75 -41.27 -16.03
N HIS E 210 22.07 -41.43 -16.19
CA HIS E 210 23.03 -40.39 -15.86
C HIS E 210 22.96 -39.25 -16.87
N ALA E 211 22.75 -39.55 -18.16
CA ALA E 211 22.61 -38.48 -19.17
C ALA E 211 21.37 -37.62 -18.89
N HIS E 212 20.27 -38.26 -18.44
CA HIS E 212 19.07 -37.48 -18.06
C HIS E 212 19.40 -36.60 -16.86
N GLY E 213 20.29 -37.05 -15.99
CA GLY E 213 20.77 -36.19 -14.89
C GLY E 213 21.47 -34.98 -15.37
N ILE E 214 22.31 -35.12 -16.40
CA ILE E 214 23.02 -33.94 -16.98
C ILE E 214 21.99 -32.99 -17.62
N VAL E 215 21.01 -33.55 -18.36
CA VAL E 215 19.98 -32.65 -18.90
C VAL E 215 19.30 -31.89 -17.76
N GLY E 216 19.07 -32.54 -16.64
CA GLY E 216 18.43 -31.96 -15.44
C GLY E 216 19.26 -30.89 -14.76
N ILE E 217 20.53 -30.70 -15.00
CA ILE E 217 21.30 -29.60 -14.39
C ILE E 217 21.39 -28.45 -15.36
N LEU E 218 21.01 -28.60 -16.63
CA LEU E 218 21.31 -27.53 -17.62
C LEU E 218 20.45 -26.29 -17.34
N SER E 219 19.16 -26.42 -17.06
CA SER E 219 18.31 -25.21 -16.93
C SER E 219 18.83 -24.28 -15.83
N PRO E 220 19.13 -24.74 -14.60
CA PRO E 220 19.63 -23.81 -13.58
C PRO E 220 20.96 -23.22 -13.94
N ILE E 221 21.85 -23.98 -14.59
CA ILE E 221 23.15 -23.46 -14.99
C ILE E 221 23.01 -22.40 -16.06
N PHE E 222 22.14 -22.66 -17.08
CA PHE E 222 21.88 -21.71 -18.15
C PHE E 222 21.24 -20.42 -17.60
N THR E 223 20.34 -20.57 -16.66
CA THR E 223 19.74 -19.37 -16.07
C THR E 223 20.83 -18.49 -15.45
N GLU E 224 21.76 -19.13 -14.73
CA GLU E 224 22.83 -18.30 -14.09
C GLU E 224 23.76 -17.73 -15.14
N VAL E 225 24.19 -18.50 -16.14
CA VAL E 225 25.06 -17.97 -17.19
C VAL E 225 24.38 -16.78 -17.86
N ALA E 226 23.09 -16.89 -18.21
CA ALA E 226 22.38 -15.80 -18.90
C ALA E 226 22.40 -14.55 -18.02
N GLN E 227 22.15 -14.72 -16.74
CA GLN E 227 22.12 -13.55 -15.81
C GLN E 227 23.50 -12.92 -15.73
N ARG E 228 24.56 -13.75 -15.64
CA ARG E 228 25.93 -13.23 -15.61
C ARG E 228 26.28 -12.51 -16.90
N VAL E 229 25.89 -13.03 -18.06
CA VAL E 229 26.16 -12.37 -19.34
C VAL E 229 25.43 -11.01 -19.34
N GLU E 230 24.17 -10.97 -18.91
CA GLU E 230 23.42 -9.69 -18.86
C GLU E 230 24.06 -8.70 -17.90
N ASP E 231 24.47 -9.18 -16.74
CA ASP E 231 25.06 -8.33 -15.67
C ASP E 231 26.52 -7.96 -16.02
N ASP E 232 27.16 -8.60 -16.99
CA ASP E 232 28.62 -8.58 -17.24
C ASP E 232 29.36 -8.89 -15.93
N ARG E 233 28.96 -9.96 -15.24
CA ARG E 233 29.42 -10.33 -13.90
C ARG E 233 29.98 -11.76 -14.00
N HIS E 234 31.29 -11.89 -14.09
CA HIS E 234 31.95 -13.21 -14.30
C HIS E 234 32.82 -13.56 -13.12
N SER E 235 32.79 -12.79 -12.03
CA SER E 235 33.59 -13.03 -10.83
C SER E 235 32.85 -13.98 -9.84
N ASP E 236 33.49 -14.27 -8.72
CA ASP E 236 32.90 -15.08 -7.64
C ASP E 236 32.48 -16.43 -8.25
N ALA E 237 33.36 -17.06 -8.97
CA ALA E 237 33.05 -18.30 -9.72
C ALA E 237 32.75 -19.48 -8.83
N SER E 238 31.77 -20.28 -9.23
N SER E 238 31.73 -20.26 -9.22
CA SER E 238 31.57 -21.62 -8.61
CA SER E 238 31.44 -21.63 -8.69
C SER E 238 32.18 -22.69 -9.52
C SER E 238 32.30 -22.63 -9.49
N ALA E 239 32.50 -22.38 -10.77
CA ALA E 239 33.21 -23.32 -11.67
C ALA E 239 34.04 -22.45 -12.59
N SER E 240 35.33 -22.55 -12.49
CA SER E 240 36.22 -21.60 -13.16
C SER E 240 36.61 -22.06 -14.56
N VAL E 241 36.95 -21.10 -15.39
CA VAL E 241 37.53 -21.31 -16.72
C VAL E 241 38.79 -22.18 -16.67
N SER E 242 39.63 -21.93 -15.65
N SER E 242 39.70 -21.92 -15.71
CA SER E 242 40.90 -22.67 -15.51
CA SER E 242 40.93 -22.74 -15.60
C SER E 242 40.57 -24.15 -15.28
C SER E 242 40.56 -24.18 -15.31
N SER E 243 39.54 -24.42 -14.49
CA SER E 243 39.18 -25.82 -14.17
C SER E 243 38.71 -26.54 -15.45
N VAL E 244 37.91 -25.88 -16.25
CA VAL E 244 37.43 -26.53 -17.50
C VAL E 244 38.57 -26.58 -18.50
N ALA E 245 39.54 -25.67 -18.48
CA ALA E 245 40.72 -25.83 -19.36
C ALA E 245 41.43 -27.15 -19.09
N SER E 246 41.48 -27.60 -17.84
N SER E 246 41.47 -27.59 -17.84
CA SER E 246 42.04 -28.92 -17.47
CA SER E 246 42.09 -28.87 -17.43
C SER E 246 41.12 -30.02 -18.00
C SER E 246 41.18 -30.03 -17.84
N SER E 247 39.86 -29.91 -17.64
CA SER E 247 38.90 -30.99 -17.89
C SER E 247 38.79 -31.26 -19.40
N VAL E 248 38.67 -30.23 -20.21
CA VAL E 248 38.39 -30.44 -21.66
C VAL E 248 39.56 -31.23 -22.27
N ARG E 249 40.76 -31.06 -21.77
CA ARG E 249 41.91 -31.88 -22.28
C ARG E 249 41.71 -33.35 -22.02
N HIS E 250 41.19 -33.70 -20.84
CA HIS E 250 40.86 -35.11 -20.55
C HIS E 250 39.83 -35.61 -21.53
N LEU E 251 38.76 -34.82 -21.77
CA LEU E 251 37.69 -35.26 -22.65
C LEU E 251 38.23 -35.53 -24.06
N ILE E 252 39.07 -34.63 -24.55
CA ILE E 252 39.66 -34.78 -25.91
C ILE E 252 40.51 -36.05 -25.87
N ALA E 253 41.32 -36.26 -24.86
CA ALA E 253 42.17 -37.46 -24.83
C ALA E 253 41.29 -38.71 -24.83
N ALA E 254 40.20 -38.70 -24.06
CA ALA E 254 39.32 -39.88 -24.02
C ALA E 254 38.71 -40.15 -25.39
N SER E 255 38.33 -39.08 -26.13
N SER E 255 38.35 -39.08 -26.11
CA SER E 255 37.72 -39.14 -27.47
CA SER E 255 37.83 -39.11 -27.49
C SER E 255 38.66 -39.88 -28.41
C SER E 255 38.91 -39.70 -28.41
N ARG E 256 39.89 -39.37 -28.49
N ARG E 256 40.15 -39.31 -28.22
N ARG E 256 40.01 -39.29 -28.29
CA ARG E 256 41.03 -39.93 -29.28
CA ARG E 256 41.16 -39.79 -29.20
CA ARG E 256 41.09 -39.90 -29.15
C ARG E 256 41.29 -41.40 -28.91
C ARG E 256 41.51 -41.27 -28.86
C ARG E 256 41.18 -41.41 -28.90
N GLU E 257 41.35 -41.74 -27.62
CA GLU E 257 41.59 -43.14 -27.20
C GLU E 257 40.48 -44.05 -27.71
N ALA E 258 39.23 -43.59 -27.72
CA ALA E 258 38.02 -44.30 -28.19
C ALA E 258 37.94 -44.36 -29.71
N GLY E 259 38.81 -43.64 -30.40
CA GLY E 259 38.80 -43.54 -31.87
C GLY E 259 37.64 -42.69 -32.40
N VAL E 260 37.31 -41.62 -31.67
CA VAL E 260 36.19 -40.74 -32.08
C VAL E 260 36.78 -39.35 -32.30
N ASP E 261 36.39 -38.72 -33.37
CA ASP E 261 36.77 -37.33 -33.64
C ASP E 261 36.31 -36.41 -32.49
N ALA E 262 37.08 -35.40 -32.16
CA ALA E 262 36.74 -34.49 -31.03
C ALA E 262 36.56 -33.07 -31.54
N GLY E 263 36.02 -32.87 -32.75
CA GLY E 263 35.88 -31.53 -33.31
C GLY E 263 35.10 -30.54 -32.46
N LEU E 264 33.97 -30.97 -31.90
CA LEU E 264 33.21 -29.98 -31.08
C LEU E 264 34.02 -29.60 -29.83
N LEU E 265 34.58 -30.57 -29.09
CA LEU E 265 35.36 -30.23 -27.88
C LEU E 265 36.61 -29.45 -28.23
N GLU E 266 37.23 -29.74 -29.37
N GLU E 266 37.23 -29.73 -29.38
CA GLU E 266 38.46 -28.98 -29.77
CA GLU E 266 38.44 -28.97 -29.78
C GLU E 266 38.09 -27.52 -30.05
C GLU E 266 38.07 -27.51 -30.04
N ALA E 267 36.94 -27.24 -30.69
CA ALA E 267 36.51 -25.84 -30.88
C ALA E 267 36.26 -25.18 -29.53
N PHE E 268 35.57 -25.90 -28.65
CA PHE E 268 35.32 -25.36 -27.29
C PHE E 268 36.65 -25.08 -26.56
N ARG E 269 37.57 -26.02 -26.61
CA ARG E 269 38.90 -25.82 -25.97
CA ARG E 269 38.92 -25.85 -25.99
C ARG E 269 39.56 -24.54 -26.51
N GLY E 270 39.42 -24.26 -27.79
CA GLY E 270 39.94 -23.01 -28.39
C GLY E 270 39.47 -21.80 -27.65
N TYR E 271 38.15 -21.73 -27.36
CA TYR E 271 37.57 -20.57 -26.67
C TYR E 271 38.04 -20.54 -25.20
N VAL E 272 38.06 -21.70 -24.53
CA VAL E 272 38.51 -21.83 -23.14
C VAL E 272 39.97 -21.34 -23.01
N ASP E 273 40.81 -21.82 -23.88
CA ASP E 273 42.28 -21.49 -23.79
C ASP E 273 42.43 -19.99 -24.06
N ALA E 274 41.62 -19.41 -24.96
CA ALA E 274 41.72 -17.97 -25.27
C ALA E 274 41.26 -17.14 -24.08
N THR E 275 40.30 -17.67 -23.31
CA THR E 275 39.79 -16.95 -22.14
C THR E 275 40.87 -16.97 -21.04
N VAL E 276 41.58 -18.08 -20.89
CA VAL E 276 42.70 -18.16 -19.91
C VAL E 276 43.80 -17.19 -20.37
N ALA E 277 44.11 -17.21 -21.65
CA ALA E 277 45.22 -16.37 -22.17
C ALA E 277 44.84 -14.90 -22.00
N ALA E 278 43.58 -14.53 -22.04
CA ALA E 278 43.11 -13.14 -21.84
C ALA E 278 43.15 -12.71 -20.38
N GLY E 279 43.50 -13.61 -19.46
CA GLY E 279 43.63 -13.30 -18.04
C GLY E 279 42.39 -13.63 -17.22
N HIS E 280 41.44 -14.40 -17.77
CA HIS E 280 40.15 -14.67 -17.09
C HIS E 280 40.04 -16.12 -16.62
N GLY E 281 41.13 -16.83 -16.39
CA GLY E 281 41.08 -18.22 -15.88
C GLY E 281 40.31 -18.31 -14.59
N ASP E 282 40.31 -17.31 -13.70
CA ASP E 282 39.61 -17.45 -12.42
C ASP E 282 38.09 -17.15 -12.55
N ASP E 283 37.66 -16.63 -13.68
CA ASP E 283 36.26 -16.25 -13.90
C ASP E 283 35.36 -17.49 -14.07
N GLU E 284 34.09 -17.27 -13.80
CA GLU E 284 33.03 -18.24 -14.14
C GLU E 284 33.07 -18.57 -15.61
N ILE E 285 32.56 -19.79 -15.91
CA ILE E 285 32.52 -20.29 -17.32
C ILE E 285 31.57 -19.47 -18.19
N SER E 286 30.81 -18.54 -17.62
CA SER E 286 30.01 -17.55 -18.37
C SER E 286 30.87 -16.64 -19.23
N ARG E 287 32.16 -16.46 -18.90
CA ARG E 287 33.08 -15.63 -19.65
C ARG E 287 33.50 -16.27 -20.96
N ILE E 288 33.41 -17.60 -21.11
CA ILE E 288 34.04 -18.30 -22.26
C ILE E 288 33.53 -17.75 -23.58
N ALA E 289 32.22 -17.56 -23.71
CA ALA E 289 31.58 -17.23 -24.99
C ALA E 289 32.11 -15.91 -25.53
N SER E 290 32.61 -15.01 -24.68
N SER E 290 32.65 -15.05 -24.65
CA SER E 290 33.20 -13.75 -25.21
CA SER E 290 33.32 -13.76 -24.99
C SER E 290 34.27 -14.05 -26.28
C SER E 290 34.37 -13.96 -26.09
N GLU E 291 35.03 -15.11 -26.14
CA GLU E 291 36.16 -15.40 -27.03
C GLU E 291 35.62 -16.07 -28.31
N MET E 292 34.31 -16.20 -28.48
CA MET E 292 33.70 -16.69 -29.71
C MET E 292 33.54 -15.56 -30.72
N THR E 293 33.76 -14.32 -30.32
N THR E 293 33.82 -14.33 -30.31
CA THR E 293 33.63 -13.15 -31.25
CA THR E 293 33.78 -13.19 -31.28
C THR E 293 34.76 -13.18 -32.30
C THR E 293 34.79 -13.48 -32.40
N THR E 294 34.40 -13.10 -33.61
CA THR E 294 35.27 -13.16 -34.83
C THR E 294 36.12 -11.87 -34.81
#